data_7T1W
#
_entry.id   7T1W
#
_cell.length_a   85.620
_cell.length_b   149.010
_cell.length_c   114.530
_cell.angle_alpha   90.000
_cell.angle_beta   99.506
_cell.angle_gamma   90.000
#
_symmetry.space_group_name_H-M   'P 1 21 1'
#
loop_
_entity.id
_entity.type
_entity.pdbx_description
1 polymer 'Fab A194-01 heavy chain'
2 polymer 'Fab A194-01 light chain'
3 branched beta-D-arabinofuranose-(1-2)-alpha-D-arabinofuranose-(1-5)-alpha-D-arabinofuranose-(1-5)-alpha-D-arabinofuranose
4 non-polymer 1,2-ETHANEDIOL
5 non-polymer 'CITRIC ACID'
6 water water
#
loop_
_entity_poly.entity_id
_entity_poly.type
_entity_poly.pdbx_seq_one_letter_code
_entity_poly.pdbx_strand_id
1 'polypeptide(L)'
;QVQLLESGGGVVRPGGSLRLSCAASGFNFEDFGMSWVRQAPGKGLEWVSSISWNGANIGYVDSVKGRFTISRDNAKNSLY
LQMNSLRAEDTALYYCAIDWYRDDYYKMDVWGKGTTVTVSSASTKGPSVFPLAPSSKSTSGGTAALGCLVKDYFPEPVTV
SWNSGALTSGVHTFPAVLQSSGLYSLSSVVTVPSSSLGTQTYICNVNHKPSNTKVDKRVEPKSCDKTH
;
H,H2,H3,H4,H5
2 'polypeptide(L)'
;EIVMTQSPATLSVSPGERATLSCRASRSIRSALAWYQHKPGQAPRLLIFGASTRATGIPARFSGSGSGTDFTLTVSSIRS
EDSAVYYCQQYDFWYTFGQGTKLEIKRTVAAPSVFIFPPSDEQLKSGTASVVCLLNNFYPREAKVQWKVDNALQSGNSQE
SVTEQDSKDSTYSLSSTLTLSKADYEKHKVYACEVTHQGLSSPVTKSFNRGEC
;
L,L2,L3,L4,L5
#
# COMPACT_ATOMS: atom_id res chain seq x y z
N GLN A 1 -23.92 -20.84 -21.92
CA GLN A 1 -23.22 -22.05 -22.33
C GLN A 1 -24.03 -23.29 -21.97
N VAL A 2 -23.42 -24.46 -22.22
CA VAL A 2 -24.00 -25.73 -21.80
C VAL A 2 -24.16 -25.69 -20.29
N GLN A 3 -25.28 -26.20 -19.80
CA GLN A 3 -25.57 -25.98 -18.39
C GLN A 3 -26.38 -27.13 -17.79
N LEU A 4 -26.05 -27.45 -16.54
CA LEU A 4 -26.86 -28.31 -15.70
C LEU A 4 -27.14 -27.57 -14.40
N LEU A 5 -28.39 -27.61 -13.96
CA LEU A 5 -28.82 -26.82 -12.81
C LEU A 5 -29.56 -27.72 -11.84
N GLU A 6 -28.95 -28.02 -10.70
CA GLU A 6 -29.57 -28.90 -9.72
C GLU A 6 -30.45 -28.08 -8.79
N SER A 7 -31.53 -28.70 -8.33
CA SER A 7 -32.36 -28.10 -7.30
C SER A 7 -33.03 -29.21 -6.50
N GLY A 8 -33.68 -28.81 -5.40
CA GLY A 8 -34.40 -29.72 -4.54
C GLY A 8 -33.74 -30.05 -3.22
N GLY A 9 -32.49 -29.63 -3.00
CA GLY A 9 -31.84 -29.90 -1.74
C GLY A 9 -32.47 -29.12 -0.60
N GLY A 10 -32.11 -29.53 0.61
CA GLY A 10 -32.65 -28.92 1.80
C GLY A 10 -32.43 -29.84 2.99
N VAL A 11 -33.09 -29.49 4.09
CA VAL A 11 -32.96 -30.25 5.32
C VAL A 11 -34.09 -31.27 5.39
N VAL A 12 -33.75 -32.51 5.73
CA VAL A 12 -34.74 -33.58 5.87
C VAL A 12 -34.32 -34.41 7.06
N ARG A 13 -35.31 -34.90 7.81
CA ARG A 13 -35.02 -35.72 8.96
C ARG A 13 -34.42 -37.05 8.54
N PRO A 14 -33.59 -37.65 9.39
CA PRO A 14 -33.13 -39.02 9.14
C PRO A 14 -34.33 -39.93 8.96
N GLY A 15 -34.23 -40.85 8.00
CA GLY A 15 -35.34 -41.70 7.64
C GLY A 15 -36.33 -41.09 6.68
N GLY A 16 -36.22 -39.79 6.38
CA GLY A 16 -37.11 -39.12 5.46
C GLY A 16 -36.70 -39.30 4.01
N SER A 17 -37.35 -38.52 3.14
CA SER A 17 -37.15 -38.64 1.70
C SER A 17 -37.07 -37.26 1.07
N LEU A 18 -36.45 -37.22 -0.10
CA LEU A 18 -36.32 -35.99 -0.88
C LEU A 18 -36.17 -36.34 -2.36
N ARG A 19 -36.66 -35.46 -3.23
N ARG A 19 -36.63 -35.43 -3.23
CA ARG A 19 -36.48 -35.60 -4.67
CA ARG A 19 -36.51 -35.58 -4.68
C ARG A 19 -35.62 -34.45 -5.17
C ARG A 19 -35.65 -34.45 -5.22
N LEU A 20 -34.47 -34.79 -5.76
CA LEU A 20 -33.63 -33.82 -6.42
C LEU A 20 -33.97 -33.77 -7.90
N SER A 21 -33.77 -32.61 -8.50
CA SER A 21 -33.96 -32.44 -9.93
CA SER A 21 -33.96 -32.41 -9.92
C SER A 21 -32.70 -31.82 -10.53
N CYS A 22 -32.54 -32.02 -11.83
CA CYS A 22 -31.40 -31.48 -12.57
C CYS A 22 -31.91 -31.09 -13.96
N ALA A 23 -31.96 -29.79 -14.23
CA ALA A 23 -32.44 -29.28 -15.51
C ALA A 23 -31.26 -29.04 -16.45
N ALA A 24 -31.34 -29.60 -17.65
CA ALA A 24 -30.31 -29.45 -18.66
C ALA A 24 -30.72 -28.42 -19.71
N SER A 25 -29.74 -27.64 -20.19
CA SER A 25 -29.95 -26.74 -21.29
C SER A 25 -28.65 -26.58 -22.05
N GLY A 26 -28.78 -26.21 -23.33
CA GLY A 26 -27.63 -25.98 -24.18
C GLY A 26 -27.14 -27.19 -24.94
N PHE A 27 -27.81 -28.34 -24.81
CA PHE A 27 -27.42 -29.52 -25.57
C PHE A 27 -28.61 -30.46 -25.70
N ASN A 28 -28.43 -31.52 -26.48
CA ASN A 28 -29.45 -32.54 -26.68
C ASN A 28 -29.43 -33.49 -25.50
N PHE A 29 -30.24 -33.18 -24.48
CA PHE A 29 -30.31 -34.00 -23.28
C PHE A 29 -30.52 -35.47 -23.62
N GLU A 30 -31.39 -35.75 -24.59
CA GLU A 30 -31.73 -37.13 -24.96
C GLU A 30 -30.55 -37.89 -25.55
N ASP A 31 -29.45 -37.22 -25.90
CA ASP A 31 -28.28 -37.90 -26.43
C ASP A 31 -27.34 -38.42 -25.35
N PHE A 32 -27.50 -38.02 -24.09
CA PHE A 32 -26.46 -38.24 -23.09
C PHE A 32 -26.95 -39.04 -21.89
N GLY A 33 -26.13 -40.00 -21.46
CA GLY A 33 -26.34 -40.58 -20.15
C GLY A 33 -26.00 -39.59 -19.06
N MET A 34 -26.62 -39.76 -17.91
CA MET A 34 -26.49 -38.81 -16.81
C MET A 34 -26.15 -39.54 -15.51
N SER A 35 -25.32 -38.89 -14.70
CA SER A 35 -24.93 -39.43 -13.41
C SER A 35 -25.20 -38.42 -12.30
N TRP A 36 -25.43 -38.93 -11.09
CA TRP A 36 -25.39 -38.14 -9.88
C TRP A 36 -24.10 -38.46 -9.15
N VAL A 37 -23.38 -37.42 -8.72
CA VAL A 37 -22.13 -37.57 -7.99
C VAL A 37 -22.22 -36.67 -6.77
N ARG A 38 -21.85 -37.19 -5.60
CA ARG A 38 -21.97 -36.41 -4.37
C ARG A 38 -20.63 -36.25 -3.69
N GLN A 39 -20.55 -35.24 -2.83
CA GLN A 39 -19.38 -34.99 -1.99
C GLN A 39 -19.86 -34.67 -0.58
N ALA A 40 -19.70 -35.63 0.33
CA ALA A 40 -20.04 -35.40 1.72
C ALA A 40 -19.00 -34.48 2.36
N PRO A 41 -19.39 -33.74 3.39
CA PRO A 41 -18.45 -32.83 4.06
C PRO A 41 -17.20 -33.56 4.50
N GLY A 42 -16.04 -33.03 4.08
CA GLY A 42 -14.76 -33.60 4.42
C GLY A 42 -14.42 -34.90 3.73
N LYS A 43 -15.13 -35.27 2.67
CA LYS A 43 -14.88 -36.50 1.97
C LYS A 43 -14.67 -36.21 0.50
N GLY A 44 -14.34 -37.25 -0.26
CA GLY A 44 -14.09 -37.10 -1.68
C GLY A 44 -15.34 -37.28 -2.51
N LEU A 45 -15.17 -37.14 -3.82
CA LEU A 45 -16.26 -37.37 -4.76
C LEU A 45 -16.69 -38.82 -4.72
N GLU A 46 -18.00 -39.06 -4.77
CA GLU A 46 -18.52 -40.42 -4.78
C GLU A 46 -19.61 -40.55 -5.82
N TRP A 47 -19.40 -41.44 -6.79
CA TRP A 47 -20.45 -41.70 -7.77
C TRP A 47 -21.63 -42.37 -7.09
N VAL A 48 -22.83 -41.91 -7.41
CA VAL A 48 -24.06 -42.39 -6.79
C VAL A 48 -24.89 -43.25 -7.73
N SER A 49 -25.22 -42.71 -8.92
CA SER A 49 -26.15 -43.39 -9.81
C SER A 49 -25.98 -42.86 -11.22
N SER A 50 -26.43 -43.66 -12.19
CA SER A 50 -26.37 -43.30 -13.60
C SER A 50 -27.55 -43.90 -14.36
N ILE A 51 -28.07 -43.16 -15.35
CA ILE A 51 -29.10 -43.67 -16.26
C ILE A 51 -28.68 -43.33 -17.69
N SER A 52 -28.59 -44.36 -18.54
CA SER A 52 -28.10 -44.12 -19.90
C SER A 52 -29.07 -43.24 -20.69
N TRP A 53 -28.60 -42.78 -21.85
CA TRP A 53 -29.35 -41.83 -22.66
C TRP A 53 -30.77 -42.32 -22.93
N ASN A 54 -30.94 -43.61 -23.22
CA ASN A 54 -32.24 -44.16 -23.54
C ASN A 54 -32.84 -44.95 -22.38
N GLY A 55 -32.28 -44.82 -21.18
CA GLY A 55 -32.82 -45.50 -20.02
C GLY A 55 -32.60 -47.00 -20.00
N ALA A 56 -31.83 -47.55 -20.94
CA ALA A 56 -31.65 -48.99 -21.02
C ALA A 56 -30.70 -49.54 -19.98
N ASN A 57 -29.80 -48.72 -19.44
CA ASN A 57 -28.83 -49.18 -18.46
C ASN A 57 -28.85 -48.21 -17.29
N ILE A 58 -29.12 -48.74 -16.10
CA ILE A 58 -29.25 -47.96 -14.88
C ILE A 58 -28.39 -48.61 -13.80
N GLY A 59 -27.61 -47.79 -13.09
CA GLY A 59 -26.74 -48.30 -12.06
C GLY A 59 -26.79 -47.45 -10.79
N TYR A 60 -26.46 -48.10 -9.67
CA TYR A 60 -26.42 -47.49 -8.35
C TYR A 60 -25.20 -47.96 -7.58
N VAL A 61 -24.60 -47.06 -6.79
CA VAL A 61 -23.62 -47.48 -5.79
C VAL A 61 -24.32 -48.31 -4.73
N ASP A 62 -23.63 -49.34 -4.22
CA ASP A 62 -24.27 -50.34 -3.36
C ASP A 62 -25.01 -49.71 -2.18
N SER A 63 -24.41 -48.70 -1.54
CA SER A 63 -24.99 -48.15 -0.31
C SER A 63 -26.33 -47.42 -0.53
N VAL A 64 -26.74 -47.16 -1.78
CA VAL A 64 -28.03 -46.54 -2.05
C VAL A 64 -29.00 -47.46 -2.76
N LYS A 65 -28.59 -48.70 -3.07
CA LYS A 65 -29.52 -49.63 -3.71
C LYS A 65 -30.74 -49.84 -2.83
N GLY A 66 -31.91 -49.80 -3.45
CA GLY A 66 -33.15 -49.95 -2.72
C GLY A 66 -33.61 -48.70 -2.00
N ARG A 67 -32.78 -47.67 -1.92
CA ARG A 67 -33.16 -46.43 -1.27
C ARG A 67 -33.32 -45.28 -2.26
N PHE A 68 -32.45 -45.20 -3.25
CA PHE A 68 -32.48 -44.15 -4.26
C PHE A 68 -33.01 -44.72 -5.57
N THR A 69 -33.69 -43.86 -6.35
CA THR A 69 -34.15 -44.23 -7.68
C THR A 69 -33.85 -43.08 -8.63
N ILE A 70 -33.10 -43.36 -9.68
CA ILE A 70 -32.77 -42.35 -10.67
C ILE A 70 -33.76 -42.48 -11.81
N SER A 71 -34.08 -41.34 -12.42
CA SER A 71 -34.98 -41.32 -13.57
C SER A 71 -34.74 -40.03 -14.35
N ARG A 72 -35.29 -40.00 -15.57
CA ARG A 72 -35.12 -38.86 -16.45
C ARG A 72 -36.42 -38.63 -17.20
N ASP A 73 -36.61 -37.39 -17.64
CA ASP A 73 -37.75 -37.01 -18.47
C ASP A 73 -37.20 -36.19 -19.64
N ASN A 74 -37.00 -36.85 -20.79
CA ASN A 74 -36.39 -36.16 -21.92
C ASN A 74 -37.25 -35.02 -22.43
N ALA A 75 -38.58 -35.12 -22.28
CA ALA A 75 -39.43 -34.04 -22.75
C ALA A 75 -39.22 -32.77 -21.93
N LYS A 76 -38.82 -32.91 -20.66
CA LYS A 76 -38.57 -31.77 -19.79
C LYS A 76 -37.09 -31.48 -19.62
N ASN A 77 -36.23 -32.19 -20.36
CA ASN A 77 -34.79 -32.08 -20.25
C ASN A 77 -34.32 -32.14 -18.79
N SER A 78 -34.88 -33.10 -18.05
CA SER A 78 -34.66 -33.15 -16.61
C SER A 78 -34.25 -34.52 -16.14
N LEU A 79 -33.33 -34.53 -15.17
CA LEU A 79 -32.90 -35.72 -14.48
C LEU A 79 -33.37 -35.62 -13.02
N TYR A 80 -33.75 -36.76 -12.43
CA TYR A 80 -34.30 -36.77 -11.08
C TYR A 80 -33.59 -37.81 -10.24
N LEU A 81 -33.61 -37.61 -8.91
CA LEU A 81 -33.13 -38.59 -7.95
C LEU A 81 -34.07 -38.62 -6.75
N GLN A 82 -34.84 -39.69 -6.61
CA GLN A 82 -35.70 -39.89 -5.45
C GLN A 82 -34.89 -40.59 -4.35
N MET A 83 -34.65 -39.90 -3.25
CA MET A 83 -33.79 -40.37 -2.17
C MET A 83 -34.64 -40.73 -0.96
N ASN A 84 -34.75 -42.01 -0.65
CA ASN A 84 -35.55 -42.46 0.48
C ASN A 84 -34.68 -42.98 1.62
N SER A 85 -35.30 -43.02 2.81
CA SER A 85 -34.65 -43.56 4.01
C SER A 85 -33.29 -42.90 4.24
N LEU A 86 -33.31 -41.57 4.28
CA LEU A 86 -32.07 -40.80 4.30
C LEU A 86 -31.28 -41.06 5.57
N ARG A 87 -29.97 -41.20 5.41
CA ARG A 87 -29.03 -41.40 6.50
C ARG A 87 -28.09 -40.20 6.57
N ALA A 88 -27.37 -40.12 7.68
CA ALA A 88 -26.36 -39.09 7.83
C ALA A 88 -25.31 -39.14 6.72
N GLU A 89 -24.98 -40.34 6.23
CA GLU A 89 -23.98 -40.41 5.16
C GLU A 89 -24.49 -39.84 3.85
N ASP A 90 -25.79 -39.55 3.74
CA ASP A 90 -26.31 -38.92 2.53
C ASP A 90 -26.15 -37.40 2.54
N THR A 91 -25.79 -36.81 3.68
CA THR A 91 -25.52 -35.38 3.74
C THR A 91 -24.38 -35.03 2.82
N ALA A 92 -24.64 -34.21 1.82
CA ALA A 92 -23.62 -33.94 0.80
C ALA A 92 -24.11 -32.87 -0.16
N LEU A 93 -23.17 -32.36 -0.93
CA LEU A 93 -23.48 -31.63 -2.14
C LEU A 93 -23.68 -32.65 -3.26
N TYR A 94 -24.79 -32.52 -3.99
CA TYR A 94 -25.14 -33.47 -5.03
C TYR A 94 -25.02 -32.78 -6.39
N TYR A 95 -24.08 -33.26 -7.21
CA TYR A 95 -23.88 -32.84 -8.59
C TYR A 95 -24.58 -33.77 -9.56
N CYS A 96 -25.09 -33.21 -10.65
CA CYS A 96 -25.41 -34.01 -11.83
C CYS A 96 -24.38 -33.74 -12.91
N ALA A 97 -24.19 -34.73 -13.77
CA ALA A 97 -23.20 -34.64 -14.82
C ALA A 97 -23.63 -35.57 -15.93
N ILE A 98 -23.34 -35.18 -17.17
CA ILE A 98 -23.43 -36.14 -18.26
C ILE A 98 -22.35 -37.18 -18.04
N ASP A 99 -22.59 -38.40 -18.52
CA ASP A 99 -21.47 -39.32 -18.56
C ASP A 99 -21.17 -39.68 -20.01
N TRP A 100 -21.96 -40.56 -20.62
CA TRP A 100 -21.69 -41.03 -21.96
C TRP A 100 -22.49 -40.27 -23.00
N TYR A 101 -21.90 -40.13 -24.18
CA TYR A 101 -22.65 -39.81 -25.38
C TYR A 101 -23.21 -41.12 -25.93
N ARG A 102 -24.52 -41.31 -25.80
CA ARG A 102 -25.23 -42.54 -26.22
C ARG A 102 -24.50 -43.74 -25.61
N ASP A 103 -24.24 -44.80 -26.37
CA ASP A 103 -23.37 -45.89 -25.94
C ASP A 103 -22.04 -45.87 -26.67
N ASP A 104 -21.60 -44.69 -27.13
CA ASP A 104 -20.41 -44.57 -27.96
C ASP A 104 -19.17 -44.26 -27.16
N TYR A 105 -19.22 -43.24 -26.30
CA TYR A 105 -17.98 -42.89 -25.62
C TYR A 105 -18.27 -42.14 -24.32
N TYR A 106 -17.40 -42.37 -23.35
CA TYR A 106 -17.38 -41.61 -22.11
C TYR A 106 -17.05 -40.16 -22.42
N LYS A 107 -17.83 -39.24 -21.85
CA LYS A 107 -17.55 -37.82 -22.07
C LYS A 107 -17.40 -37.11 -20.73
N MET A 108 -18.52 -36.93 -20.01
CA MET A 108 -18.49 -36.53 -18.59
C MET A 108 -17.70 -35.24 -18.34
N ASP A 109 -17.79 -34.29 -19.27
CA ASP A 109 -17.11 -33.01 -19.11
C ASP A 109 -18.09 -31.87 -18.89
N VAL A 110 -19.35 -32.16 -18.57
CA VAL A 110 -20.30 -31.12 -18.21
C VAL A 110 -20.87 -31.46 -16.84
N TRP A 111 -20.67 -30.56 -15.87
CA TRP A 111 -21.12 -30.73 -14.51
C TRP A 111 -21.95 -29.53 -14.08
N GLY A 112 -22.88 -29.78 -13.17
CA GLY A 112 -23.65 -28.72 -12.52
C GLY A 112 -22.88 -28.10 -11.38
N LYS A 113 -23.58 -27.23 -10.63
CA LYS A 113 -22.95 -26.59 -9.48
C LYS A 113 -23.25 -27.29 -8.17
N GLY A 114 -24.19 -28.23 -8.17
CA GLY A 114 -24.53 -28.98 -6.97
C GLY A 114 -25.66 -28.35 -6.18
N THR A 115 -26.45 -29.22 -5.56
CA THR A 115 -27.45 -28.79 -4.60
C THR A 115 -27.20 -29.54 -3.30
N THR A 116 -27.45 -28.88 -2.17
CA THR A 116 -27.03 -29.38 -0.87
C THR A 116 -28.16 -30.13 -0.17
N VAL A 117 -27.87 -31.36 0.26
CA VAL A 117 -28.83 -32.16 1.02
C VAL A 117 -28.27 -32.30 2.44
N THR A 118 -29.09 -31.94 3.42
CA THR A 118 -28.70 -31.99 4.82
C THR A 118 -29.68 -32.89 5.54
N VAL A 119 -29.17 -33.97 6.14
CA VAL A 119 -29.99 -34.91 6.87
C VAL A 119 -29.84 -34.56 8.34
N SER A 120 -30.88 -33.96 8.91
CA SER A 120 -30.83 -33.42 10.26
C SER A 120 -32.25 -33.27 10.82
N SER A 121 -32.36 -33.40 12.13
CA SER A 121 -33.61 -33.07 12.82
C SER A 121 -33.74 -31.58 13.11
N ALA A 122 -32.63 -30.84 13.06
CA ALA A 122 -32.60 -29.45 13.49
C ALA A 122 -33.39 -28.57 12.53
N SER A 123 -33.76 -27.40 13.05
CA SER A 123 -34.55 -26.42 12.31
C SER A 123 -33.66 -25.51 11.47
N THR A 124 -34.27 -24.96 10.41
CA THR A 124 -33.62 -24.00 9.55
C THR A 124 -33.63 -22.62 10.20
N LYS A 125 -32.49 -21.95 10.21
CA LYS A 125 -32.38 -20.61 10.78
C LYS A 125 -31.55 -19.71 9.89
N GLY A 126 -32.08 -18.54 9.56
CA GLY A 126 -31.37 -17.56 8.77
C GLY A 126 -30.33 -16.81 9.58
N PRO A 127 -29.30 -16.31 8.89
CA PRO A 127 -28.19 -15.66 9.59
C PRO A 127 -28.46 -14.20 9.93
N SER A 128 -27.67 -13.71 10.88
CA SER A 128 -27.51 -12.29 11.12
C SER A 128 -26.22 -11.82 10.45
N VAL A 129 -26.23 -10.63 9.87
CA VAL A 129 -25.09 -10.08 9.16
C VAL A 129 -24.62 -8.82 9.89
N PHE A 130 -23.38 -8.84 10.39
CA PHE A 130 -22.81 -7.70 11.08
C PHE A 130 -21.60 -7.16 10.34
N PRO A 131 -21.36 -5.84 10.39
CA PRO A 131 -20.22 -5.28 9.69
C PRO A 131 -18.92 -5.49 10.45
N LEU A 132 -17.86 -5.76 9.70
CA LEU A 132 -16.50 -5.74 10.21
C LEU A 132 -15.88 -4.46 9.67
N ALA A 133 -15.95 -3.40 10.47
CA ALA A 133 -15.65 -2.05 10.02
C ALA A 133 -14.14 -1.81 9.95
N PRO A 134 -13.67 -1.09 8.94
CA PRO A 134 -12.26 -0.71 8.85
C PRO A 134 -11.84 0.21 9.99
N SER A 135 -10.53 0.25 10.23
CA SER A 135 -9.97 1.09 11.27
C SER A 135 -9.24 2.30 10.69
N GLY A 142 -1.56 1.93 4.36
CA GLY A 142 -1.80 1.89 2.93
C GLY A 142 -2.96 0.99 2.53
N THR A 143 -3.09 -0.13 3.22
CA THR A 143 -4.11 -1.12 2.90
C THR A 143 -5.06 -1.28 4.08
N ALA A 144 -6.36 -1.30 3.80
CA ALA A 144 -7.38 -1.45 4.83
C ALA A 144 -8.11 -2.77 4.65
N ALA A 145 -8.68 -3.27 5.74
CA ALA A 145 -9.42 -4.51 5.71
C ALA A 145 -10.82 -4.27 6.26
N LEU A 146 -11.80 -4.91 5.64
CA LEU A 146 -13.17 -4.82 6.09
C LEU A 146 -13.86 -6.12 5.70
N GLY A 147 -15.04 -6.34 6.25
CA GLY A 147 -15.74 -7.56 5.95
C GLY A 147 -17.11 -7.61 6.58
N CYS A 148 -17.72 -8.79 6.52
CA CYS A 148 -19.03 -9.06 7.07
C CYS A 148 -18.99 -10.34 7.89
N LEU A 149 -19.67 -10.31 9.03
CA LEU A 149 -19.79 -11.48 9.89
C LEU A 149 -21.18 -12.06 9.69
N VAL A 150 -21.24 -13.28 9.16
CA VAL A 150 -22.49 -13.99 8.88
C VAL A 150 -22.65 -15.03 9.99
N LYS A 151 -23.54 -14.76 10.94
CA LYS A 151 -23.57 -15.49 12.20
C LYS A 151 -24.92 -16.18 12.44
N ASP A 152 -24.85 -17.38 13.00
CA ASP A 152 -25.99 -18.12 13.55
C ASP A 152 -27.00 -18.52 12.48
N TYR A 153 -26.55 -19.35 11.54
CA TYR A 153 -27.44 -19.89 10.52
C TYR A 153 -27.33 -21.40 10.47
N PHE A 154 -28.37 -22.03 9.92
CA PHE A 154 -28.44 -23.46 9.72
C PHE A 154 -29.46 -23.75 8.63
N PRO A 155 -29.17 -24.65 7.68
CA PRO A 155 -27.89 -25.35 7.55
C PRO A 155 -26.94 -24.62 6.62
N GLU A 156 -25.83 -25.27 6.27
CA GLU A 156 -24.98 -24.76 5.23
C GLU A 156 -25.68 -24.91 3.88
N PRO A 157 -25.31 -24.09 2.88
CA PRO A 157 -24.30 -23.02 2.91
C PRO A 157 -24.91 -21.64 2.83
N VAL A 158 -24.04 -20.63 2.94
CA VAL A 158 -24.37 -19.27 2.56
C VAL A 158 -23.39 -18.85 1.48
N THR A 159 -23.83 -17.95 0.61
CA THR A 159 -22.96 -17.33 -0.37
C THR A 159 -22.79 -15.85 -0.03
N VAL A 160 -21.58 -15.34 -0.24
CA VAL A 160 -21.26 -13.95 0.01
C VAL A 160 -20.61 -13.37 -1.24
N SER A 161 -21.14 -12.24 -1.70
CA SER A 161 -20.48 -11.46 -2.73
C SER A 161 -20.27 -10.05 -2.21
N TRP A 162 -19.48 -9.28 -2.95
CA TRP A 162 -19.20 -7.89 -2.60
C TRP A 162 -19.56 -6.99 -3.77
N ASN A 163 -20.31 -5.93 -3.48
CA ASN A 163 -20.77 -4.99 -4.51
C ASN A 163 -21.44 -5.72 -5.65
N SER A 164 -22.31 -6.68 -5.29
CA SER A 164 -23.08 -7.47 -6.25
C SER A 164 -22.19 -8.17 -7.26
N GLY A 165 -21.02 -8.64 -6.80
CA GLY A 165 -20.09 -9.35 -7.64
C GLY A 165 -19.11 -8.48 -8.40
N ALA A 166 -19.23 -7.16 -8.31
CA ALA A 166 -18.27 -6.27 -8.97
C ALA A 166 -16.91 -6.30 -8.29
N LEU A 167 -16.89 -6.46 -6.96
CA LEU A 167 -15.66 -6.50 -6.19
C LEU A 167 -15.30 -7.96 -5.91
N THR A 168 -14.21 -8.42 -6.51
CA THR A 168 -13.77 -9.82 -6.37
C THR A 168 -12.33 -9.92 -5.92
N SER A 169 -11.47 -9.01 -6.36
CA SER A 169 -10.06 -9.08 -5.97
C SER A 169 -9.90 -8.78 -4.50
N GLY A 170 -9.07 -9.58 -3.83
CA GLY A 170 -8.82 -9.40 -2.42
C GLY A 170 -9.87 -9.95 -1.49
N VAL A 171 -10.87 -10.66 -2.00
CA VAL A 171 -11.95 -11.19 -1.16
C VAL A 171 -11.55 -12.55 -0.62
N HIS A 172 -11.77 -12.76 0.67
CA HIS A 172 -11.60 -14.07 1.29
C HIS A 172 -12.87 -14.34 2.09
N THR A 173 -13.65 -15.31 1.64
CA THR A 173 -14.79 -15.80 2.38
C THR A 173 -14.38 -17.11 3.06
N PHE A 174 -14.39 -17.11 4.39
CA PHE A 174 -13.89 -18.23 5.17
C PHE A 174 -14.88 -19.39 5.19
N PRO A 175 -14.39 -20.62 5.30
CA PRO A 175 -15.28 -21.75 5.57
C PRO A 175 -16.02 -21.55 6.89
N ALA A 176 -17.25 -22.03 6.94
CA ALA A 176 -18.05 -21.89 8.14
C ALA A 176 -17.49 -22.75 9.26
N VAL A 177 -17.71 -22.31 10.50
CA VAL A 177 -17.35 -23.09 11.66
C VAL A 177 -18.66 -23.44 12.37
N LEU A 178 -18.73 -24.65 12.90
CA LEU A 178 -19.90 -25.04 13.67
C LEU A 178 -19.70 -24.56 15.10
N GLN A 179 -20.59 -23.69 15.56
CA GLN A 179 -20.48 -23.20 16.93
C GLN A 179 -21.09 -24.21 17.89
N SER A 180 -20.77 -24.04 19.18
CA SER A 180 -21.30 -24.95 20.18
C SER A 180 -22.81 -24.92 20.24
N SER A 181 -23.43 -23.84 19.76
CA SER A 181 -24.89 -23.73 19.74
C SER A 181 -25.53 -24.64 18.71
N GLY A 182 -24.75 -25.25 17.82
CA GLY A 182 -25.27 -26.00 16.70
C GLY A 182 -25.50 -25.17 15.45
N LEU A 183 -25.24 -23.88 15.50
CA LEU A 183 -25.40 -22.99 14.37
C LEU A 183 -24.06 -22.69 13.72
N TYR A 184 -24.09 -22.37 12.44
CA TYR A 184 -22.88 -22.07 11.70
C TYR A 184 -22.61 -20.57 11.70
N SER A 185 -21.34 -20.22 11.48
CA SER A 185 -20.93 -18.84 11.40
C SER A 185 -19.70 -18.73 10.51
N LEU A 186 -19.65 -17.67 9.71
CA LEU A 186 -18.49 -17.40 8.88
C LEU A 186 -18.34 -15.89 8.71
N SER A 187 -17.16 -15.51 8.26
CA SER A 187 -16.85 -14.14 7.88
C SER A 187 -16.33 -14.11 6.46
N SER A 188 -16.65 -13.02 5.77
CA SER A 188 -16.08 -12.69 4.48
C SER A 188 -15.40 -11.34 4.60
N VAL A 189 -14.13 -11.29 4.21
CA VAL A 189 -13.33 -10.08 4.34
C VAL A 189 -12.77 -9.70 2.98
N VAL A 190 -12.33 -8.44 2.88
CA VAL A 190 -11.68 -7.95 1.66
C VAL A 190 -10.69 -6.87 2.06
N THR A 191 -9.55 -6.83 1.38
CA THR A 191 -8.58 -5.76 1.56
C THR A 191 -8.76 -4.77 0.42
N VAL A 192 -8.77 -3.48 0.76
CA VAL A 192 -9.01 -2.40 -0.21
C VAL A 192 -8.02 -1.28 0.06
N PRO A 193 -7.77 -0.42 -0.93
CA PRO A 193 -6.91 0.75 -0.71
C PRO A 193 -7.45 1.63 0.39
N SER A 194 -6.56 2.02 1.32
CA SER A 194 -6.99 2.83 2.46
C SER A 194 -7.51 4.20 2.03
N SER A 195 -7.06 4.71 0.88
CA SER A 195 -7.49 6.04 0.46
C SER A 195 -8.93 6.03 -0.06
N SER A 196 -9.41 4.90 -0.56
CA SER A 196 -10.75 4.79 -1.12
C SER A 196 -11.84 4.62 -0.07
N LEU A 197 -11.49 4.61 1.22
CA LEU A 197 -12.49 4.32 2.25
C LEU A 197 -13.61 5.35 2.28
N GLY A 198 -13.29 6.63 2.08
CA GLY A 198 -14.33 7.65 2.09
C GLY A 198 -15.07 7.83 0.78
N THR A 199 -14.53 7.26 -0.31
CA THR A 199 -15.07 7.41 -1.66
C THR A 199 -15.88 6.20 -2.11
N GLN A 200 -15.28 5.02 -2.07
CA GLN A 200 -15.91 3.82 -2.58
C GLN A 200 -16.85 3.20 -1.55
N THR A 201 -18.00 2.72 -2.02
CA THR A 201 -18.97 2.04 -1.16
C THR A 201 -18.73 0.54 -1.18
N TYR A 202 -18.82 -0.07 0.00
CA TYR A 202 -18.54 -1.49 0.16
C TYR A 202 -19.76 -2.17 0.76
N ILE A 203 -20.33 -3.12 0.03
CA ILE A 203 -21.54 -3.82 0.45
C ILE A 203 -21.33 -5.31 0.26
N CYS A 204 -21.54 -6.07 1.34
CA CYS A 204 -21.56 -7.52 1.20
C CYS A 204 -22.99 -7.97 0.94
N ASN A 205 -23.15 -8.95 0.06
CA ASN A 205 -24.44 -9.48 -0.34
C ASN A 205 -24.49 -10.93 0.16
N VAL A 206 -25.21 -11.14 1.26
CA VAL A 206 -25.31 -12.46 1.89
C VAL A 206 -26.63 -13.10 1.48
N ASN A 207 -26.55 -14.34 0.99
CA ASN A 207 -27.72 -15.10 0.58
C ASN A 207 -27.69 -16.46 1.25
N HIS A 208 -28.74 -16.77 2.00
CA HIS A 208 -28.93 -18.07 2.63
C HIS A 208 -30.23 -18.64 2.08
N LYS A 209 -30.13 -19.37 0.98
CA LYS A 209 -31.33 -19.88 0.32
C LYS A 209 -32.22 -20.74 1.21
N PRO A 210 -31.72 -21.69 2.02
CA PRO A 210 -32.64 -22.56 2.76
C PRO A 210 -33.67 -21.82 3.62
N SER A 211 -33.36 -20.62 4.11
CA SER A 211 -34.28 -19.82 4.91
C SER A 211 -34.74 -18.57 4.17
N ASN A 212 -34.45 -18.47 2.88
CA ASN A 212 -34.91 -17.37 2.05
CA ASN A 212 -34.91 -17.37 2.05
C ASN A 212 -34.50 -16.03 2.63
N THR A 213 -33.23 -15.93 3.01
CA THR A 213 -32.67 -14.72 3.61
C THR A 213 -31.68 -14.09 2.64
N LYS A 214 -31.95 -12.86 2.25
CA LYS A 214 -31.03 -12.08 1.41
C LYS A 214 -30.79 -10.75 2.11
N VAL A 215 -29.53 -10.46 2.40
CA VAL A 215 -29.13 -9.26 3.13
C VAL A 215 -28.01 -8.56 2.38
N ASP A 216 -28.12 -7.24 2.24
CA ASP A 216 -27.08 -6.36 1.70
C ASP A 216 -26.65 -5.42 2.82
N LYS A 217 -25.42 -5.60 3.30
CA LYS A 217 -24.90 -4.82 4.44
C LYS A 217 -23.82 -3.84 3.99
N ARG A 218 -23.95 -2.60 4.41
CA ARG A 218 -22.96 -1.55 4.14
C ARG A 218 -21.91 -1.58 5.22
N VAL A 219 -20.64 -1.64 4.82
CA VAL A 219 -19.53 -1.65 5.76
C VAL A 219 -18.80 -0.31 5.63
N GLU A 220 -18.84 0.49 6.68
CA GLU A 220 -18.30 1.84 6.70
C GLU A 220 -17.36 2.02 7.87
N PRO A 221 -16.41 2.96 7.79
CA PRO A 221 -15.56 3.26 8.93
C PRO A 221 -16.39 3.80 10.10
N LYS A 222 -15.96 3.45 11.31
CA LYS A 222 -16.68 3.87 12.52
C LYS A 222 -16.47 5.35 12.84
N GLU B 1 -17.29 -54.67 -5.60
CA GLU B 1 -17.06 -53.28 -5.98
C GLU B 1 -15.57 -53.03 -6.16
N ILE B 2 -15.22 -52.25 -7.16
CA ILE B 2 -13.83 -51.91 -7.45
C ILE B 2 -13.36 -50.86 -6.45
N VAL B 3 -12.16 -51.06 -5.93
CA VAL B 3 -11.55 -50.14 -4.99
C VAL B 3 -10.44 -49.37 -5.69
N MET B 4 -10.52 -48.04 -5.68
CA MET B 4 -9.51 -47.19 -6.26
C MET B 4 -8.67 -46.59 -5.15
N THR B 5 -7.36 -46.82 -5.18
CA THR B 5 -6.45 -46.34 -4.17
C THR B 5 -5.50 -45.34 -4.79
N GLN B 6 -5.51 -44.12 -4.26
CA GLN B 6 -4.67 -43.03 -4.74
C GLN B 6 -3.58 -42.75 -3.72
N SER B 7 -2.42 -42.35 -4.21
CA SER B 7 -1.28 -41.97 -3.37
C SER B 7 -0.46 -40.95 -4.14
N PRO B 8 0.20 -40.02 -3.43
CA PRO B 8 0.11 -39.87 -1.98
C PRO B 8 -1.16 -39.14 -1.61
N ALA B 9 -1.53 -39.14 -0.33
CA ALA B 9 -2.74 -38.44 0.08
C ALA B 9 -2.63 -36.94 -0.13
N THR B 10 -1.47 -36.35 0.19
CA THR B 10 -1.24 -34.92 0.07
C THR B 10 0.12 -34.68 -0.56
N LEU B 11 0.29 -33.51 -1.14
CA LEU B 11 1.51 -33.21 -1.87
C LEU B 11 1.74 -31.70 -1.82
N SER B 12 2.99 -31.29 -1.59
CA SER B 12 3.34 -29.87 -1.52
C SER B 12 4.52 -29.60 -2.43
N VAL B 13 4.29 -28.91 -3.56
CA VAL B 13 5.27 -28.82 -4.63
C VAL B 13 5.36 -27.38 -5.14
N SER B 14 6.59 -26.91 -5.33
CA SER B 14 6.83 -25.52 -5.69
C SER B 14 6.54 -25.27 -7.17
N PRO B 15 6.19 -24.03 -7.52
CA PRO B 15 5.89 -23.71 -8.92
C PRO B 15 7.07 -24.04 -9.84
N GLY B 16 6.74 -24.54 -11.03
CA GLY B 16 7.72 -24.92 -12.02
C GLY B 16 8.20 -26.36 -11.96
N GLU B 17 8.08 -27.02 -10.81
CA GLU B 17 8.52 -28.41 -10.70
C GLU B 17 7.44 -29.34 -11.24
N ARG B 18 7.62 -30.65 -11.05
CA ARG B 18 6.62 -31.62 -11.48
C ARG B 18 6.32 -32.63 -10.37
N ALA B 19 5.10 -33.16 -10.41
CA ALA B 19 4.60 -34.10 -9.43
C ALA B 19 3.91 -35.25 -10.16
N THR B 20 4.12 -36.46 -9.66
CA THR B 20 3.46 -37.64 -10.21
C THR B 20 2.51 -38.21 -9.18
N LEU B 21 1.28 -38.44 -9.60
CA LEU B 21 0.22 -38.94 -8.75
C LEU B 21 -0.09 -40.36 -9.18
N SER B 22 -0.33 -41.24 -8.22
CA SER B 22 -0.51 -42.65 -8.52
C SER B 22 -1.93 -43.09 -8.15
N CYS B 23 -2.46 -44.00 -8.97
CA CYS B 23 -3.81 -44.54 -8.82
C CYS B 23 -3.79 -46.03 -9.13
N ARG B 24 -4.37 -46.83 -8.23
CA ARG B 24 -4.42 -48.28 -8.39
C ARG B 24 -5.85 -48.76 -8.26
N ALA B 25 -6.27 -49.63 -9.17
CA ALA B 25 -7.56 -50.32 -9.10
C ALA B 25 -7.36 -51.73 -8.55
N SER B 26 -8.32 -52.19 -7.74
CA SER B 26 -8.22 -53.51 -7.12
C SER B 26 -8.34 -54.65 -8.13
N ARG B 27 -8.89 -54.39 -9.32
CA ARG B 27 -8.89 -55.34 -10.41
C ARG B 27 -8.74 -54.55 -11.70
N SER B 28 -8.49 -55.25 -12.79
CA SER B 28 -8.21 -54.59 -14.07
C SER B 28 -9.41 -53.76 -14.53
N ILE B 29 -9.14 -52.52 -14.92
CA ILE B 29 -10.12 -51.63 -15.52
C ILE B 29 -9.74 -51.29 -16.96
N ARG B 30 -8.83 -52.07 -17.55
CA ARG B 30 -8.33 -51.84 -18.91
C ARG B 30 -7.79 -50.41 -19.02
N SER B 31 -8.34 -49.62 -19.94
CA SER B 31 -7.92 -48.22 -20.10
C SER B 31 -8.99 -47.23 -19.66
N ALA B 32 -10.07 -47.70 -19.05
CA ALA B 32 -11.17 -46.81 -18.65
C ALA B 32 -10.84 -46.12 -17.33
N LEU B 33 -9.83 -45.27 -17.38
CA LEU B 33 -9.42 -44.48 -16.22
C LEU B 33 -9.37 -43.01 -16.58
N ALA B 34 -10.04 -42.19 -15.78
CA ALA B 34 -10.09 -40.75 -15.96
C ALA B 34 -9.43 -40.05 -14.79
N TRP B 35 -8.91 -38.85 -15.04
CA TRP B 35 -8.36 -37.99 -14.00
C TRP B 35 -9.15 -36.69 -13.96
N TYR B 36 -9.41 -36.21 -12.76
CA TYR B 36 -10.19 -35.00 -12.53
C TYR B 36 -9.43 -34.03 -11.66
N GLN B 37 -9.57 -32.74 -11.97
CA GLN B 37 -9.10 -31.68 -11.09
C GLN B 37 -10.32 -31.06 -10.44
N HIS B 38 -10.26 -30.86 -9.13
CA HIS B 38 -11.37 -30.27 -8.38
C HIS B 38 -10.83 -29.15 -7.52
N LYS B 39 -11.02 -27.92 -7.97
CA LYS B 39 -10.64 -26.79 -7.14
C LYS B 39 -11.77 -26.48 -6.16
N PRO B 40 -11.45 -26.11 -4.93
CA PRO B 40 -12.51 -25.80 -3.97
C PRO B 40 -13.35 -24.62 -4.47
N GLY B 41 -14.68 -24.78 -4.39
CA GLY B 41 -15.62 -23.79 -4.89
C GLY B 41 -16.01 -23.94 -6.35
N GLN B 42 -15.46 -24.91 -7.07
CA GLN B 42 -15.78 -25.13 -8.48
C GLN B 42 -16.22 -26.57 -8.68
N ALA B 43 -16.86 -26.82 -9.81
CA ALA B 43 -17.21 -28.18 -10.17
C ALA B 43 -15.98 -28.94 -10.64
N PRO B 44 -15.97 -30.27 -10.49
CA PRO B 44 -14.84 -31.05 -11.01
C PRO B 44 -14.62 -30.81 -12.50
N ARG B 45 -13.36 -30.90 -12.91
CA ARG B 45 -12.94 -30.64 -14.28
C ARG B 45 -12.19 -31.85 -14.80
N LEU B 46 -12.69 -32.44 -15.87
CA LEU B 46 -12.05 -33.60 -16.46
C LEU B 46 -10.71 -33.21 -17.07
N LEU B 47 -9.66 -33.96 -16.71
CA LEU B 47 -8.33 -33.76 -17.27
C LEU B 47 -7.98 -34.82 -18.30
N ILE B 48 -8.20 -36.07 -17.96
CA ILE B 48 -7.77 -37.22 -18.76
C ILE B 48 -8.91 -38.22 -18.83
N PHE B 49 -9.09 -38.84 -19.99
CA PHE B 49 -9.89 -40.04 -20.12
C PHE B 49 -9.06 -41.06 -20.90
N GLY B 50 -9.54 -42.29 -20.92
CA GLY B 50 -8.80 -43.35 -21.59
C GLY B 50 -7.39 -43.53 -21.08
N ALA B 51 -7.16 -43.24 -19.80
CA ALA B 51 -5.87 -43.36 -19.11
C ALA B 51 -4.85 -42.33 -19.58
N SER B 52 -4.80 -42.03 -20.90
CA SER B 52 -3.73 -41.19 -21.42
C SER B 52 -4.16 -40.07 -22.37
N THR B 53 -5.45 -39.81 -22.51
CA THR B 53 -5.94 -38.85 -23.50
C THR B 53 -6.37 -37.55 -22.83
N ARG B 54 -5.69 -36.46 -23.15
CA ARG B 54 -6.06 -35.17 -22.59
C ARG B 54 -7.45 -34.76 -23.07
N ALA B 55 -8.27 -34.28 -22.14
CA ALA B 55 -9.58 -33.71 -22.45
C ALA B 55 -9.42 -32.39 -23.21
N THR B 56 -10.54 -31.89 -23.72
CA THR B 56 -10.53 -30.67 -24.52
C THR B 56 -9.99 -29.51 -23.69
N GLY B 57 -9.02 -28.79 -24.26
CA GLY B 57 -8.46 -27.63 -23.61
C GLY B 57 -7.43 -27.90 -22.52
N ILE B 58 -7.11 -29.16 -22.23
CA ILE B 58 -6.13 -29.45 -21.18
C ILE B 58 -4.73 -29.35 -21.78
N PRO B 59 -3.83 -28.56 -21.19
CA PRO B 59 -2.48 -28.40 -21.75
C PRO B 59 -1.62 -29.65 -21.59
N ALA B 60 -0.55 -29.69 -22.41
CA ALA B 60 0.31 -30.87 -22.48
C ALA B 60 1.05 -31.15 -21.18
N ARG B 61 1.10 -30.20 -20.25
CA ARG B 61 1.78 -30.44 -18.98
C ARG B 61 1.00 -31.40 -18.07
N PHE B 62 -0.21 -31.82 -18.43
CA PHE B 62 -0.92 -32.90 -17.77
C PHE B 62 -0.74 -34.17 -18.59
N SER B 63 -0.07 -35.16 -18.03
CA SER B 63 0.29 -36.38 -18.75
C SER B 63 -0.17 -37.60 -17.96
N GLY B 64 -1.01 -38.42 -18.57
CA GLY B 64 -1.55 -39.62 -17.92
C GLY B 64 -1.10 -40.88 -18.64
N SER B 65 -0.85 -41.92 -17.87
CA SER B 65 -0.51 -43.21 -18.45
C SER B 65 -0.93 -44.33 -17.50
N GLY B 66 -0.96 -45.54 -18.02
CA GLY B 66 -1.37 -46.68 -17.23
C GLY B 66 -2.33 -47.58 -17.97
N SER B 67 -2.45 -48.82 -17.46
CA SER B 67 -3.29 -49.83 -18.08
C SER B 67 -3.48 -50.97 -17.09
N GLY B 68 -4.68 -51.52 -17.03
CA GLY B 68 -4.94 -52.63 -16.13
C GLY B 68 -5.31 -52.14 -14.73
N THR B 69 -4.33 -52.16 -13.83
CA THR B 69 -4.55 -51.75 -12.45
C THR B 69 -3.72 -50.54 -12.02
N ASP B 70 -2.61 -50.23 -12.70
CA ASP B 70 -1.69 -49.18 -12.26
C ASP B 70 -1.71 -47.98 -13.20
N PHE B 71 -1.88 -46.78 -12.65
CA PHE B 71 -2.00 -45.56 -13.44
C PHE B 71 -1.26 -44.43 -12.74
N THR B 72 -0.80 -43.46 -13.54
CA THR B 72 -0.14 -42.27 -13.04
C THR B 72 -0.59 -41.03 -13.80
N LEU B 73 -0.60 -39.91 -13.10
CA LEU B 73 -0.75 -38.58 -13.68
C LEU B 73 0.48 -37.77 -13.31
N THR B 74 1.14 -37.19 -14.31
CA THR B 74 2.28 -36.32 -14.05
C THR B 74 1.92 -34.90 -14.47
N VAL B 75 2.09 -33.96 -13.53
CA VAL B 75 1.77 -32.56 -13.74
C VAL B 75 3.07 -31.77 -13.66
N SER B 76 3.47 -31.20 -14.79
CA SER B 76 4.71 -30.46 -14.88
C SER B 76 4.43 -28.96 -14.98
N SER B 77 5.50 -28.16 -14.86
CA SER B 77 5.43 -26.71 -14.83
C SER B 77 4.31 -26.23 -13.92
N ILE B 78 4.30 -26.79 -12.71
CA ILE B 78 3.21 -26.53 -11.78
C ILE B 78 3.08 -25.04 -11.51
N ARG B 79 1.84 -24.57 -11.44
CA ARG B 79 1.51 -23.16 -11.22
CA ARG B 79 1.58 -23.16 -11.16
C ARG B 79 0.56 -23.05 -10.03
N SER B 80 0.46 -21.84 -9.47
CA SER B 80 -0.42 -21.60 -8.34
C SER B 80 -1.85 -22.03 -8.61
N GLU B 81 -2.31 -21.91 -9.85
CA GLU B 81 -3.67 -22.33 -10.21
C GLU B 81 -3.88 -23.83 -10.13
N ASP B 82 -2.82 -24.63 -10.02
CA ASP B 82 -2.97 -26.07 -9.91
C ASP B 82 -3.34 -26.54 -8.50
N SER B 83 -3.39 -25.64 -7.52
CA SER B 83 -3.77 -26.01 -6.15
C SER B 83 -5.18 -26.58 -6.13
N ALA B 84 -5.31 -27.88 -5.85
CA ALA B 84 -6.60 -28.56 -5.98
C ALA B 84 -6.47 -29.98 -5.45
N VAL B 85 -7.60 -30.69 -5.43
CA VAL B 85 -7.63 -32.11 -5.20
C VAL B 85 -7.75 -32.82 -6.54
N TYR B 86 -6.94 -33.86 -6.75
CA TYR B 86 -6.92 -34.61 -8.00
C TYR B 86 -7.43 -36.01 -7.73
N TYR B 87 -8.40 -36.45 -8.54
CA TYR B 87 -9.02 -37.75 -8.41
C TYR B 87 -8.82 -38.56 -9.68
N CYS B 88 -8.60 -39.86 -9.53
CA CYS B 88 -8.82 -40.80 -10.62
C CYS B 88 -10.21 -41.38 -10.51
N GLN B 89 -10.68 -41.94 -11.61
CA GLN B 89 -12.03 -42.50 -11.67
C GLN B 89 -12.03 -43.63 -12.70
N GLN B 90 -12.39 -44.83 -12.25
CA GLN B 90 -12.56 -45.92 -13.18
C GLN B 90 -13.94 -45.82 -13.81
N TYR B 91 -14.03 -46.12 -15.09
CA TYR B 91 -15.34 -46.18 -15.73
C TYR B 91 -15.42 -47.41 -16.62
N ASP B 92 -14.76 -48.49 -16.21
CA ASP B 92 -14.88 -49.75 -16.93
C ASP B 92 -16.17 -50.47 -16.56
N PHE B 93 -16.57 -50.37 -15.30
CA PHE B 93 -17.79 -51.01 -14.80
C PHE B 93 -18.43 -50.00 -13.85
N TRP B 94 -19.37 -49.22 -14.39
CA TRP B 94 -19.90 -48.05 -13.71
C TRP B 94 -18.75 -47.13 -13.33
N TYR B 95 -18.80 -46.50 -12.16
CA TYR B 95 -17.84 -45.44 -11.88
C TYR B 95 -17.41 -45.49 -10.43
N THR B 96 -16.10 -45.31 -10.19
CA THR B 96 -15.59 -45.23 -8.83
C THR B 96 -14.42 -44.25 -8.80
N PHE B 97 -14.51 -43.24 -7.94
CA PHE B 97 -13.43 -42.31 -7.71
C PHE B 97 -12.47 -42.87 -6.66
N GLY B 98 -11.21 -42.51 -6.79
CA GLY B 98 -10.28 -42.66 -5.69
C GLY B 98 -10.54 -41.60 -4.63
N GLN B 99 -9.84 -41.73 -3.51
CA GLN B 99 -10.01 -40.80 -2.40
C GLN B 99 -9.36 -39.45 -2.64
N GLY B 100 -8.52 -39.34 -3.68
CA GLY B 100 -8.01 -38.05 -4.08
C GLY B 100 -6.64 -37.74 -3.50
N THR B 101 -5.91 -36.87 -4.20
CA THR B 101 -4.64 -36.32 -3.73
C THR B 101 -4.78 -34.80 -3.67
N LYS B 102 -4.55 -34.23 -2.49
CA LYS B 102 -4.63 -32.80 -2.30
C LYS B 102 -3.27 -32.17 -2.61
N LEU B 103 -3.22 -31.33 -3.64
CA LEU B 103 -1.98 -30.71 -4.09
C LEU B 103 -1.93 -29.26 -3.61
N GLU B 104 -0.93 -28.97 -2.78
CA GLU B 104 -0.66 -27.63 -2.31
C GLU B 104 0.52 -27.08 -3.09
N ILE B 105 0.51 -25.76 -3.34
CA ILE B 105 1.59 -25.11 -4.07
C ILE B 105 2.53 -24.51 -3.03
N LYS B 106 3.77 -25.01 -3.00
CA LYS B 106 4.78 -24.56 -2.05
C LYS B 106 5.44 -23.28 -2.54
N ARG B 107 4.78 -22.15 -2.29
CA ARG B 107 5.38 -20.84 -2.55
C ARG B 107 6.37 -20.48 -1.44
N THR B 108 6.99 -19.31 -1.59
CA THR B 108 7.90 -18.80 -0.58
C THR B 108 7.16 -18.34 0.67
N VAL B 109 7.91 -18.18 1.76
CA VAL B 109 7.30 -17.77 3.02
C VAL B 109 6.76 -16.36 2.91
N ALA B 110 5.55 -16.16 3.44
CA ALA B 110 4.88 -14.86 3.46
C ALA B 110 4.27 -14.62 4.84
N ALA B 111 4.61 -13.49 5.46
CA ALA B 111 4.13 -13.16 6.79
C ALA B 111 2.67 -12.70 6.73
N PRO B 112 1.90 -12.98 7.78
CA PRO B 112 0.51 -12.50 7.83
C PRO B 112 0.43 -11.00 8.05
N SER B 113 -0.52 -10.37 7.36
CA SER B 113 -0.98 -9.02 7.69
C SER B 113 -2.13 -9.15 8.67
N VAL B 114 -2.01 -8.55 9.85
CA VAL B 114 -2.93 -8.79 10.96
C VAL B 114 -3.87 -7.60 11.13
N PHE B 115 -5.16 -7.89 11.27
CA PHE B 115 -6.19 -6.88 11.53
C PHE B 115 -7.11 -7.39 12.62
N ILE B 116 -7.57 -6.48 13.49
CA ILE B 116 -8.51 -6.82 14.54
C ILE B 116 -9.77 -5.97 14.36
N PHE B 117 -10.93 -6.59 14.56
CA PHE B 117 -12.22 -5.94 14.40
C PHE B 117 -13.01 -6.04 15.70
N PRO B 118 -13.44 -4.95 16.29
CA PRO B 118 -14.29 -5.01 17.49
C PRO B 118 -15.72 -5.38 17.11
N PRO B 119 -16.53 -5.78 18.09
CA PRO B 119 -17.94 -6.08 17.79
C PRO B 119 -18.66 -4.82 17.31
N SER B 120 -19.56 -5.01 16.35
CA SER B 120 -20.41 -3.91 15.93
C SER B 120 -21.41 -3.59 17.03
N ASP B 121 -21.82 -2.32 17.10
CA ASP B 121 -22.86 -1.95 18.05
C ASP B 121 -24.16 -2.69 17.77
N GLU B 122 -24.44 -2.97 16.49
CA GLU B 122 -25.63 -3.72 16.12
C GLU B 122 -25.62 -5.11 16.73
N GLN B 123 -24.44 -5.76 16.77
CA GLN B 123 -24.39 -7.11 17.34
C GLN B 123 -24.59 -7.06 18.84
N LEU B 124 -24.04 -6.04 19.49
CA LEU B 124 -24.17 -5.93 20.94
C LEU B 124 -25.63 -5.86 21.37
N LYS B 125 -26.52 -5.40 20.48
CA LYS B 125 -27.95 -5.42 20.79
C LYS B 125 -28.46 -6.83 21.02
N SER B 126 -27.86 -7.83 20.37
CA SER B 126 -28.29 -9.21 20.54
C SER B 126 -27.78 -9.85 21.82
N GLY B 127 -26.86 -9.21 22.53
CA GLY B 127 -26.35 -9.76 23.78
C GLY B 127 -25.09 -10.57 23.64
N THR B 128 -24.49 -10.59 22.44
CA THR B 128 -23.25 -11.30 22.19
C THR B 128 -22.27 -10.36 21.50
N ALA B 129 -20.99 -10.52 21.80
CA ALA B 129 -19.92 -9.75 21.19
C ALA B 129 -18.98 -10.70 20.48
N SER B 130 -18.75 -10.45 19.19
CA SER B 130 -17.80 -11.23 18.40
C SER B 130 -16.64 -10.33 18.03
N VAL B 131 -15.45 -10.68 18.51
CA VAL B 131 -14.21 -9.99 18.18
C VAL B 131 -13.46 -10.87 17.19
N VAL B 132 -13.11 -10.30 16.04
CA VAL B 132 -12.53 -11.06 14.94
C VAL B 132 -11.11 -10.58 14.70
N CYS B 133 -10.18 -11.53 14.60
CA CYS B 133 -8.80 -11.24 14.25
C CYS B 133 -8.50 -11.89 12.91
N LEU B 134 -7.97 -11.11 11.98
CA LEU B 134 -7.73 -11.56 10.61
C LEU B 134 -6.23 -11.65 10.37
N LEU B 135 -5.78 -12.81 9.89
CA LEU B 135 -4.41 -13.03 9.44
C LEU B 135 -4.47 -13.21 7.92
N ASN B 136 -3.93 -12.25 7.17
CA ASN B 136 -4.17 -12.18 5.75
C ASN B 136 -2.92 -12.54 4.95
N ASN B 137 -3.09 -13.44 3.98
CA ASN B 137 -2.11 -13.70 2.93
C ASN B 137 -0.75 -14.10 3.53
N PHE B 138 -0.73 -15.29 4.10
CA PHE B 138 0.49 -15.80 4.70
C PHE B 138 0.79 -17.20 4.16
N TYR B 139 2.06 -17.61 4.29
CA TYR B 139 2.49 -18.95 3.94
C TYR B 139 3.74 -19.26 4.74
N PRO B 140 3.87 -20.46 5.34
CA PRO B 140 2.94 -21.59 5.28
C PRO B 140 1.69 -21.44 6.14
N ARG B 141 0.88 -22.49 6.11
CA ARG B 141 -0.45 -22.48 6.72
C ARG B 141 -0.40 -22.38 8.24
N GLU B 142 0.64 -22.95 8.87
CA GLU B 142 0.72 -23.03 10.33
C GLU B 142 0.93 -21.65 10.94
N ALA B 143 0.03 -21.27 11.85
CA ALA B 143 0.13 -20.01 12.58
C ALA B 143 -0.57 -20.18 13.92
N LYS B 144 -0.11 -19.44 14.92
CA LYS B 144 -0.71 -19.46 16.26
C LYS B 144 -1.30 -18.10 16.58
N VAL B 145 -2.55 -18.09 17.04
CA VAL B 145 -3.23 -16.86 17.47
C VAL B 145 -3.59 -16.98 18.95
N GLN B 146 -3.22 -15.98 19.74
CA GLN B 146 -3.59 -15.94 21.15
C GLN B 146 -4.36 -14.66 21.45
N TRP B 147 -5.48 -14.79 22.14
CA TRP B 147 -6.32 -13.68 22.57
C TRP B 147 -5.98 -13.27 24.00
N LYS B 148 -5.81 -11.97 24.22
CA LYS B 148 -5.57 -11.41 25.54
C LYS B 148 -6.62 -10.33 25.82
N VAL B 149 -7.34 -10.47 26.93
CA VAL B 149 -8.36 -9.50 27.34
C VAL B 149 -7.89 -8.88 28.65
N ASP B 150 -7.58 -7.59 28.61
CA ASP B 150 -6.93 -6.90 29.73
C ASP B 150 -5.70 -7.66 30.22
N ASN B 151 -4.91 -8.15 29.26
CA ASN B 151 -3.68 -8.93 29.48
C ASN B 151 -3.94 -10.30 30.05
N ALA B 152 -5.20 -10.73 30.15
CA ALA B 152 -5.52 -12.06 30.63
C ALA B 152 -5.66 -12.98 29.41
N LEU B 153 -4.85 -14.05 29.39
CA LEU B 153 -4.86 -14.97 28.26
C LEU B 153 -6.17 -15.75 28.19
N GLN B 154 -6.78 -15.76 27.02
CA GLN B 154 -8.06 -16.42 26.81
C GLN B 154 -7.86 -17.87 26.37
N SER B 155 -8.85 -18.70 26.69
CA SER B 155 -8.80 -20.11 26.32
C SER B 155 -10.23 -20.65 26.25
N GLY B 156 -10.55 -21.32 25.15
CA GLY B 156 -11.82 -22.00 25.00
C GLY B 156 -12.94 -21.18 24.40
N ASN B 157 -12.74 -19.87 24.20
CA ASN B 157 -13.80 -19.00 23.72
C ASN B 157 -13.48 -18.42 22.35
N SER B 158 -12.66 -19.13 21.56
CA SER B 158 -12.30 -18.68 20.23
C SER B 158 -12.41 -19.85 19.26
N GLN B 159 -12.55 -19.51 17.99
CA GLN B 159 -12.68 -20.49 16.92
C GLN B 159 -11.96 -19.95 15.69
N GLU B 160 -11.25 -20.83 15.00
CA GLU B 160 -10.42 -20.43 13.87
C GLU B 160 -11.01 -20.97 12.57
N SER B 161 -10.72 -20.28 11.48
CA SER B 161 -11.11 -20.75 10.16
C SER B 161 -10.03 -20.34 9.18
N VAL B 162 -9.66 -21.27 8.29
CA VAL B 162 -8.60 -21.07 7.32
C VAL B 162 -9.20 -21.20 5.93
N THR B 163 -8.85 -20.28 5.05
CA THR B 163 -9.28 -20.37 3.67
C THR B 163 -8.52 -21.50 2.95
N GLU B 164 -9.09 -21.92 1.83
CA GLU B 164 -8.36 -22.77 0.91
C GLU B 164 -7.24 -21.94 0.28
N GLN B 165 -6.23 -22.64 -0.24
CA GLN B 165 -5.09 -21.94 -0.81
C GLN B 165 -5.55 -21.07 -1.98
N ASP B 166 -5.06 -19.83 -2.00
CA ASP B 166 -5.44 -18.90 -3.06
C ASP B 166 -4.86 -19.36 -4.39
N SER B 167 -5.70 -19.37 -5.42
CA SER B 167 -5.27 -19.88 -6.71
C SER B 167 -4.33 -18.94 -7.44
N LYS B 168 -4.24 -17.67 -7.01
CA LYS B 168 -3.39 -16.72 -7.71
C LYS B 168 -2.05 -16.51 -7.01
N ASP B 169 -2.04 -16.31 -5.69
CA ASP B 169 -0.79 -16.04 -4.99
C ASP B 169 -0.38 -17.15 -4.01
N SER B 170 -1.15 -18.22 -3.91
CA SER B 170 -0.81 -19.41 -3.12
C SER B 170 -0.73 -19.15 -1.62
N THR B 171 -1.33 -18.07 -1.12
CA THR B 171 -1.33 -17.82 0.31
C THR B 171 -2.57 -18.39 0.97
N TYR B 172 -2.56 -18.38 2.30
CA TYR B 172 -3.71 -18.69 3.11
C TYR B 172 -4.09 -17.45 3.90
N SER B 173 -5.32 -17.43 4.39
CA SER B 173 -5.75 -16.45 5.36
C SER B 173 -6.52 -17.16 6.46
N LEU B 174 -6.47 -16.57 7.65
CA LEU B 174 -7.02 -17.21 8.83
C LEU B 174 -7.77 -16.17 9.63
N SER B 175 -8.92 -16.57 10.18
CA SER B 175 -9.67 -15.74 11.09
C SER B 175 -9.81 -16.46 12.42
N SER B 176 -9.66 -15.70 13.50
CA SER B 176 -9.93 -16.17 14.84
C SER B 176 -11.02 -15.28 15.42
N THR B 177 -12.12 -15.90 15.86
CA THR B 177 -13.28 -15.18 16.36
C THR B 177 -13.41 -15.44 17.85
N LEU B 178 -13.28 -14.38 18.64
CA LEU B 178 -13.49 -14.44 20.08
C LEU B 178 -14.95 -14.09 20.39
N THR B 179 -15.65 -15.00 21.08
CA THR B 179 -17.06 -14.82 21.36
C THR B 179 -17.25 -14.65 22.86
N LEU B 180 -17.88 -13.54 23.25
CA LEU B 180 -18.14 -13.23 24.63
C LEU B 180 -19.58 -12.72 24.73
N SER B 181 -20.13 -12.81 25.92
CA SER B 181 -21.41 -12.16 26.15
C SER B 181 -21.22 -10.65 26.15
N LYS B 182 -22.33 -9.94 25.90
CA LYS B 182 -22.27 -8.48 25.98
C LYS B 182 -21.81 -8.03 27.36
N ALA B 183 -22.31 -8.69 28.41
CA ALA B 183 -21.93 -8.35 29.77
C ALA B 183 -20.43 -8.57 30.00
N ASP B 184 -19.90 -9.72 29.56
CA ASP B 184 -18.47 -9.96 29.71
C ASP B 184 -17.66 -8.98 28.88
N TYR B 185 -18.14 -8.66 27.68
CA TYR B 185 -17.40 -7.75 26.81
C TYR B 185 -17.32 -6.35 27.42
N GLU B 186 -18.40 -5.91 28.06
CA GLU B 186 -18.40 -4.56 28.61
C GLU B 186 -17.66 -4.45 29.93
N LYS B 187 -17.21 -5.57 30.51
CA LYS B 187 -16.43 -5.51 31.75
C LYS B 187 -14.98 -5.10 31.54
N HIS B 188 -14.43 -5.25 30.33
CA HIS B 188 -13.01 -5.06 30.08
C HIS B 188 -12.76 -4.01 29.01
N LYS B 189 -11.50 -3.55 28.95
CA LYS B 189 -11.11 -2.45 28.09
C LYS B 189 -10.22 -2.89 26.92
N VAL B 190 -9.15 -3.64 27.20
CA VAL B 190 -8.14 -3.95 26.19
C VAL B 190 -8.40 -5.35 25.63
N TYR B 191 -8.60 -5.43 24.32
CA TYR B 191 -8.78 -6.69 23.60
C TYR B 191 -7.65 -6.83 22.59
N ALA B 192 -6.84 -7.87 22.74
CA ALA B 192 -5.62 -8.02 21.94
C ALA B 192 -5.59 -9.36 21.22
N CYS B 193 -5.04 -9.33 20.00
CA CYS B 193 -4.81 -10.50 19.18
C CYS B 193 -3.32 -10.62 18.90
N GLU B 194 -2.69 -11.69 19.39
CA GLU B 194 -1.27 -11.90 19.20
C GLU B 194 -1.02 -13.04 18.23
N VAL B 195 -0.20 -12.78 17.21
CA VAL B 195 -0.01 -13.67 16.07
C VAL B 195 1.45 -14.11 16.03
N THR B 196 1.66 -15.42 15.91
CA THR B 196 2.97 -16.03 15.75
C THR B 196 3.02 -16.77 14.43
N HIS B 197 4.08 -16.53 13.65
CA HIS B 197 4.25 -17.15 12.34
C HIS B 197 5.72 -17.06 11.98
N GLN B 198 6.20 -18.06 11.22
CA GLN B 198 7.63 -18.14 10.93
C GLN B 198 8.12 -16.95 10.12
N GLY B 199 7.25 -16.31 9.35
CA GLY B 199 7.61 -15.14 8.58
C GLY B 199 7.68 -13.84 9.35
N LEU B 200 7.40 -13.87 10.65
CA LEU B 200 7.42 -12.70 11.51
C LEU B 200 8.64 -12.77 12.43
N SER B 201 9.37 -11.66 12.52
CA SER B 201 10.54 -11.60 13.38
C SER B 201 10.19 -11.84 14.85
N SER B 202 9.08 -11.28 15.30
CA SER B 202 8.59 -11.49 16.64
C SER B 202 7.08 -11.48 16.61
N PRO B 203 6.40 -12.07 17.59
CA PRO B 203 4.94 -12.11 17.57
C PRO B 203 4.34 -10.71 17.43
N VAL B 204 3.32 -10.59 16.59
CA VAL B 204 2.64 -9.33 16.32
C VAL B 204 1.33 -9.27 17.09
N THR B 205 1.08 -8.13 17.74
CA THR B 205 -0.15 -7.93 18.50
C THR B 205 -0.92 -6.75 17.90
N LYS B 206 -2.19 -6.98 17.59
CA LYS B 206 -3.12 -5.93 17.22
C LYS B 206 -4.20 -5.85 18.30
N SER B 207 -4.48 -4.63 18.76
CA SER B 207 -5.40 -4.48 19.88
C SER B 207 -6.24 -3.22 19.71
N PHE B 208 -7.27 -3.12 20.55
CA PHE B 208 -8.11 -1.94 20.61
C PHE B 208 -8.62 -1.80 22.03
N ASN B 209 -9.01 -0.57 22.37
CA ASN B 209 -9.65 -0.28 23.64
C ASN B 209 -11.14 -0.14 23.41
N ARG B 210 -11.93 -0.88 24.18
CA ARG B 210 -13.38 -0.89 24.01
C ARG B 210 -13.96 0.51 24.16
N GLY B 211 -14.64 0.98 23.12
CA GLY B 211 -15.30 2.26 23.14
C GLY B 211 -14.51 3.44 22.62
N GLU B 212 -13.26 3.23 22.23
CA GLU B 212 -12.43 4.32 21.71
C GLU B 212 -12.47 4.36 20.19
N CYS B 213 -12.18 5.54 19.65
CA CYS B 213 -12.21 5.80 18.21
C CYS B 213 -13.59 5.55 17.62
N GLN C 1 8.79 30.25 4.03
CA GLN C 1 10.11 30.35 3.41
C GLN C 1 10.38 29.18 2.45
N VAL C 2 11.60 29.16 1.91
CA VAL C 2 12.05 28.05 1.06
C VAL C 2 12.08 26.77 1.87
N GLN C 3 11.63 25.67 1.27
CA GLN C 3 11.44 24.44 2.02
C GLN C 3 11.68 23.21 1.15
N LEU C 4 12.29 22.19 1.77
CA LEU C 4 12.42 20.85 1.20
C LEU C 4 11.83 19.86 2.18
N LEU C 5 11.01 18.93 1.68
CA LEU C 5 10.25 18.02 2.52
C LEU C 5 10.45 16.58 2.04
N GLU C 6 11.28 15.83 2.76
CA GLU C 6 11.48 14.41 2.48
C GLU C 6 10.33 13.58 3.01
N SER C 7 10.00 12.50 2.31
CA SER C 7 9.04 11.53 2.82
C SER C 7 9.36 10.17 2.21
N GLY C 8 8.68 9.15 2.75
CA GLY C 8 8.82 7.79 2.25
C GLY C 8 9.62 6.88 3.15
N GLY C 9 10.25 7.39 4.21
CA GLY C 9 11.02 6.53 5.07
C GLY C 9 10.15 5.54 5.83
N GLY C 10 10.82 4.56 6.42
CA GLY C 10 10.14 3.51 7.15
C GLY C 10 11.04 2.30 7.33
N VAL C 11 10.41 1.18 7.70
CA VAL C 11 11.12 -0.08 7.89
C VAL C 11 11.02 -0.87 6.60
N VAL C 12 12.14 -1.44 6.18
CA VAL C 12 12.19 -2.29 4.99
C VAL C 12 13.16 -3.42 5.28
N ARG C 13 12.80 -4.63 4.83
CA ARG C 13 13.64 -5.79 5.08
C ARG C 13 14.93 -5.70 4.28
N PRO C 14 16.01 -6.30 4.78
CA PRO C 14 17.26 -6.37 4.01
C PRO C 14 17.03 -7.00 2.63
N GLY C 15 17.66 -6.40 1.63
CA GLY C 15 17.46 -6.82 0.26
C GLY C 15 16.22 -6.24 -0.40
N GLY C 16 15.36 -5.56 0.36
CA GLY C 16 14.13 -5.00 -0.16
C GLY C 16 14.34 -3.66 -0.84
N SER C 17 13.21 -2.99 -1.11
CA SER C 17 13.22 -1.75 -1.87
C SER C 17 12.40 -0.70 -1.15
N LEU C 18 12.78 0.56 -1.37
CA LEU C 18 12.11 1.72 -0.82
C LEU C 18 12.38 2.91 -1.72
N ARG C 19 11.39 3.80 -1.84
CA ARG C 19 11.48 4.98 -2.69
C ARG C 19 11.28 6.22 -1.84
N LEU C 20 12.31 7.06 -1.76
CA LEU C 20 12.19 8.33 -1.06
C LEU C 20 11.78 9.44 -2.01
N SER C 21 11.11 10.46 -1.46
CA SER C 21 10.69 11.63 -2.19
C SER C 21 11.13 12.88 -1.44
N CYS C 22 11.33 13.96 -2.19
CA CYS C 22 11.73 15.24 -1.61
C CYS C 22 10.99 16.32 -2.39
N ALA C 23 10.01 16.94 -1.75
CA ALA C 23 9.18 17.95 -2.39
C ALA C 23 9.73 19.33 -2.09
N ALA C 24 9.98 20.09 -3.14
CA ALA C 24 10.53 21.44 -3.00
C ALA C 24 9.41 22.46 -3.19
N SER C 25 9.49 23.55 -2.43
CA SER C 25 8.57 24.67 -2.60
C SER C 25 9.30 25.95 -2.25
N GLY C 26 8.84 27.05 -2.84
CA GLY C 26 9.41 28.35 -2.56
C GLY C 26 10.54 28.77 -3.46
N PHE C 27 10.88 27.97 -4.47
CA PHE C 27 11.90 28.36 -5.43
C PHE C 27 11.68 27.63 -6.73
N ASN C 28 12.40 28.05 -7.77
CA ASN C 28 12.29 27.47 -9.10
C ASN C 28 13.12 26.19 -9.14
N PHE C 29 12.46 25.09 -8.79
CA PHE C 29 13.12 23.79 -8.62
C PHE C 29 14.01 23.42 -9.82
N GLU C 30 13.53 23.64 -11.03
CA GLU C 30 14.25 23.21 -12.22
C GLU C 30 15.60 23.92 -12.41
N ASP C 31 15.87 24.97 -11.63
CA ASP C 31 17.16 25.64 -11.74
C ASP C 31 18.25 24.97 -10.92
N PHE C 32 17.92 24.03 -10.04
CA PHE C 32 18.85 23.56 -9.02
C PHE C 32 19.15 22.08 -9.17
N GLY C 33 20.44 21.75 -9.09
CA GLY C 33 20.82 20.36 -8.87
C GLY C 33 20.46 19.93 -7.45
N MET C 34 20.24 18.64 -7.27
CA MET C 34 19.78 18.14 -5.99
C MET C 34 20.66 16.98 -5.53
N SER C 35 20.88 16.91 -4.22
CA SER C 35 21.66 15.84 -3.62
C SER C 35 20.86 15.17 -2.51
N TRP C 36 21.16 13.89 -2.29
CA TRP C 36 20.76 13.17 -1.09
C TRP C 36 21.99 13.00 -0.22
N VAL C 37 21.84 13.31 1.07
CA VAL C 37 22.90 13.15 2.06
C VAL C 37 22.28 12.41 3.24
N ARG C 38 23.00 11.40 3.75
CA ARG C 38 22.47 10.58 4.84
C ARG C 38 23.40 10.63 6.05
N GLN C 39 22.83 10.28 7.20
CA GLN C 39 23.60 10.17 8.44
C GLN C 39 23.17 8.91 9.17
N ALA C 40 24.02 7.89 9.14
CA ALA C 40 23.76 6.67 9.87
C ALA C 40 23.89 6.92 11.37
N PRO C 41 23.20 6.12 12.20
CA PRO C 41 23.28 6.31 13.65
C PRO C 41 24.71 6.29 14.15
N GLY C 42 25.08 7.35 14.88
CA GLY C 42 26.42 7.43 15.43
C GLY C 42 27.53 7.69 14.45
N LYS C 43 27.21 8.13 13.22
CA LYS C 43 28.20 8.42 12.19
C LYS C 43 28.00 9.84 11.69
N GLY C 44 28.89 10.27 10.78
CA GLY C 44 28.83 11.60 10.22
C GLY C 44 27.99 11.65 8.96
N LEU C 45 27.89 12.84 8.41
CA LEU C 45 27.19 13.03 7.14
C LEU C 45 27.91 12.31 6.02
N GLU C 46 27.16 11.65 5.15
CA GLU C 46 27.71 10.97 3.98
C GLU C 46 26.89 11.34 2.76
N TRP C 47 27.54 11.98 1.78
CA TRP C 47 26.87 12.29 0.53
C TRP C 47 26.58 10.99 -0.21
N VAL C 48 25.37 10.89 -0.75
CA VAL C 48 24.89 9.67 -1.41
C VAL C 48 24.82 9.83 -2.92
N SER C 49 24.12 10.87 -3.39
CA SER C 49 23.87 11.01 -4.83
C SER C 49 23.52 12.45 -5.18
N SER C 50 23.69 12.78 -6.45
CA SER C 50 23.34 14.10 -6.95
C SER C 50 22.85 13.99 -8.39
N ILE C 51 21.87 14.82 -8.73
CA ILE C 51 21.38 14.94 -10.10
C ILE C 51 21.35 16.44 -10.45
N SER C 52 22.02 16.80 -11.54
CA SER C 52 22.14 18.22 -11.88
C SER C 52 20.78 18.80 -12.28
N TRP C 53 20.75 20.12 -12.40
CA TRP C 53 19.50 20.83 -12.66
C TRP C 53 18.77 20.26 -13.88
N ASN C 54 19.50 19.96 -14.94
CA ASN C 54 18.90 19.45 -16.17
C ASN C 54 19.09 17.94 -16.35
N GLY C 55 19.51 17.24 -15.30
CA GLY C 55 19.68 15.81 -15.38
C GLY C 55 20.86 15.33 -16.21
N ALA C 56 21.70 16.26 -16.68
CA ALA C 56 22.82 15.88 -17.54
C ALA C 56 23.97 15.25 -16.77
N ASN C 57 24.07 15.49 -15.46
CA ASN C 57 25.18 14.97 -14.67
C ASN C 57 24.63 14.29 -13.43
N ILE C 58 24.94 13.02 -13.26
CA ILE C 58 24.44 12.20 -12.16
C ILE C 58 25.60 11.48 -11.51
N GLY C 59 25.67 11.52 -10.19
CA GLY C 59 26.75 10.88 -9.47
C GLY C 59 26.22 10.10 -8.29
N TYR C 60 26.99 9.08 -7.89
CA TYR C 60 26.67 8.21 -6.76
C TYR C 60 27.94 7.91 -5.97
N VAL C 61 27.80 7.83 -4.65
CA VAL C 61 28.86 7.27 -3.83
C VAL C 61 29.01 5.79 -4.16
N ASP C 62 30.25 5.29 -4.10
CA ASP C 62 30.56 3.94 -4.57
C ASP C 62 29.66 2.87 -3.96
N SER C 63 29.38 2.97 -2.65
CA SER C 63 28.71 1.86 -1.97
C SER C 63 27.25 1.70 -2.37
N VAL C 64 26.66 2.63 -3.12
CA VAL C 64 25.28 2.49 -3.58
C VAL C 64 25.16 2.34 -5.08
N LYS C 65 26.28 2.36 -5.82
CA LYS C 65 26.21 2.18 -7.26
C LYS C 65 25.57 0.84 -7.60
N GLY C 66 24.64 0.85 -8.55
CA GLY C 66 23.90 -0.34 -8.92
C GLY C 66 22.76 -0.69 -8.00
N ARG C 67 22.63 -0.04 -6.85
CA ARG C 67 21.55 -0.27 -5.89
C ARG C 67 20.59 0.89 -5.78
N PHE C 68 21.08 2.12 -5.79
CA PHE C 68 20.25 3.32 -5.69
C PHE C 68 20.18 3.97 -7.07
N THR C 69 19.05 4.61 -7.35
CA THR C 69 18.86 5.39 -8.57
C THR C 69 18.19 6.69 -8.20
N ILE C 70 18.84 7.79 -8.56
CA ILE C 70 18.32 9.12 -8.29
C ILE C 70 17.57 9.60 -9.53
N SER C 71 16.52 10.38 -9.31
CA SER C 71 15.76 10.94 -10.42
C SER C 71 15.01 12.16 -9.90
N ARG C 72 14.46 12.93 -10.83
CA ARG C 72 13.73 14.14 -10.51
C ARG C 72 12.54 14.26 -11.45
N ASP C 73 11.51 15.00 -11.02
CA ASP C 73 10.38 15.32 -11.88
C ASP C 73 10.04 16.80 -11.65
N ASN C 74 10.49 17.66 -12.57
CA ASN C 74 10.30 19.10 -12.36
C ASN C 74 8.82 19.47 -12.31
N ALA C 75 7.97 18.73 -13.01
CA ALA C 75 6.53 19.04 -13.00
C ALA C 75 5.90 18.83 -11.63
N LYS C 76 6.49 17.97 -10.80
CA LYS C 76 6.04 17.74 -9.44
C LYS C 76 6.91 18.45 -8.42
N ASN C 77 7.87 19.27 -8.86
CA ASN C 77 8.84 19.91 -7.97
C ASN C 77 9.42 18.89 -6.99
N SER C 78 9.78 17.71 -7.50
CA SER C 78 10.15 16.60 -6.63
C SER C 78 11.44 15.93 -7.07
N LEU C 79 12.19 15.48 -6.06
CA LEU C 79 13.38 14.67 -6.18
C LEU C 79 13.09 13.29 -5.60
N TYR C 80 13.69 12.26 -6.20
CA TYR C 80 13.45 10.88 -5.78
C TYR C 80 14.75 10.12 -5.59
N LEU C 81 14.68 9.08 -4.75
CA LEU C 81 15.78 8.12 -4.60
C LEU C 81 15.16 6.73 -4.53
N GLN C 82 15.35 5.94 -5.58
CA GLN C 82 14.90 4.54 -5.58
C GLN C 82 15.99 3.66 -4.98
N MET C 83 15.71 3.04 -3.84
CA MET C 83 16.69 2.26 -3.09
C MET C 83 16.39 0.77 -3.20
N ASN C 84 17.25 0.04 -3.90
CA ASN C 84 17.15 -1.40 -4.09
C ASN C 84 18.27 -2.09 -3.31
N SER C 85 18.10 -3.40 -3.09
CA SER C 85 19.12 -4.24 -2.45
C SER C 85 19.65 -3.60 -1.16
N LEU C 86 18.72 -3.22 -0.30
CA LEU C 86 19.06 -2.49 0.91
C LEU C 86 19.91 -3.33 1.87
N ARG C 87 20.92 -2.70 2.44
CA ARG C 87 21.82 -3.30 3.41
C ARG C 87 21.63 -2.63 4.76
N ALA C 88 22.16 -3.27 5.80
CA ALA C 88 22.12 -2.68 7.14
C ALA C 88 22.80 -1.31 7.17
N GLU C 89 23.88 -1.15 6.40
CA GLU C 89 24.60 0.12 6.37
C GLU C 89 23.77 1.25 5.75
N ASP C 90 22.64 0.94 5.11
CA ASP C 90 21.78 1.97 4.54
C ASP C 90 20.85 2.61 5.57
N THR C 91 20.74 2.03 6.77
CA THR C 91 19.95 2.64 7.83
C THR C 91 20.51 4.01 8.19
N ALA C 92 19.69 5.05 8.04
CA ALA C 92 20.16 6.41 8.22
C ALA C 92 18.99 7.37 8.16
N LEU C 93 19.24 8.60 8.60
CA LEU C 93 18.38 9.71 8.26
C LEU C 93 18.81 10.24 6.91
N TYR C 94 17.87 10.40 6.00
CA TYR C 94 18.18 10.82 4.64
C TYR C 94 17.69 12.24 4.43
N TYR C 95 18.63 13.16 4.19
CA TYR C 95 18.35 14.53 3.83
C TYR C 95 18.37 14.69 2.32
N CYS C 96 17.53 15.59 1.82
CA CYS C 96 17.75 16.15 0.51
C CYS C 96 18.19 17.60 0.66
N ALA C 97 18.94 18.06 -0.32
CA ALA C 97 19.48 19.42 -0.31
C ALA C 97 19.69 19.83 -1.77
N ILE C 98 19.49 21.12 -2.04
CA ILE C 98 19.98 21.66 -3.31
C ILE C 98 21.50 21.61 -3.28
N ASP C 99 22.12 21.48 -4.44
CA ASP C 99 23.57 21.70 -4.40
C ASP C 99 23.92 22.90 -5.29
N TRP C 100 23.93 22.72 -6.61
CA TRP C 100 24.34 23.78 -7.52
C TRP C 100 23.16 24.55 -8.07
N TYR C 101 23.36 25.85 -8.27
CA TYR C 101 22.48 26.61 -9.12
C TYR C 101 22.94 26.39 -10.56
N ARG C 102 22.15 25.64 -11.33
CA ARG C 102 22.49 25.25 -12.70
C ARG C 102 23.91 24.67 -12.70
N ASP C 103 24.75 25.06 -13.65
CA ASP C 103 26.17 24.73 -13.66
C ASP C 103 27.00 25.96 -13.33
N ASP C 104 26.41 26.88 -12.56
CA ASP C 104 27.04 28.17 -12.27
CA ASP C 104 27.01 28.18 -12.27
C ASP C 104 27.86 28.14 -11.00
N TYR C 105 27.23 27.85 -9.86
CA TYR C 105 27.94 27.94 -8.60
C TYR C 105 27.35 26.97 -7.58
N TYR C 106 28.23 26.47 -6.73
CA TYR C 106 27.82 25.68 -5.58
C TYR C 106 27.03 26.56 -4.64
N LYS C 107 25.90 26.05 -4.17
CA LYS C 107 25.07 26.80 -3.23
C LYS C 107 24.83 25.99 -1.98
N MET C 108 23.97 24.97 -2.07
CA MET C 108 23.83 23.93 -1.05
C MET C 108 23.51 24.51 0.33
N ASP C 109 22.69 25.56 0.36
CA ASP C 109 22.32 26.20 1.61
C ASP C 109 20.88 25.95 2.01
N VAL C 110 20.18 25.03 1.36
CA VAL C 110 18.81 24.66 1.73
C VAL C 110 18.74 23.16 1.90
N TRP C 111 18.34 22.71 3.07
CA TRP C 111 18.25 21.30 3.41
C TRP C 111 16.86 21.00 3.95
N GLY C 112 16.42 19.77 3.74
CA GLY C 112 15.20 19.29 4.36
C GLY C 112 15.46 18.86 5.79
N LYS C 113 14.43 18.28 6.40
CA LYS C 113 14.56 17.81 7.78
C LYS C 113 14.93 16.33 7.87
N GLY C 114 14.89 15.61 6.76
CA GLY C 114 15.27 14.21 6.73
C GLY C 114 14.10 13.27 6.96
N THR C 115 14.18 12.10 6.33
CA THR C 115 13.27 11.01 6.61
C THR C 115 14.11 9.78 6.95
N THR C 116 13.60 8.95 7.88
CA THR C 116 14.38 7.87 8.47
C THR C 116 14.13 6.56 7.73
N VAL C 117 15.21 5.90 7.31
CA VAL C 117 15.16 4.59 6.67
C VAL C 117 15.79 3.58 7.61
N THR C 118 15.05 2.51 7.92
CA THR C 118 15.50 1.47 8.84
C THR C 118 15.47 0.14 8.11
N VAL C 119 16.62 -0.50 7.99
CA VAL C 119 16.72 -1.78 7.31
C VAL C 119 16.79 -2.84 8.39
N SER C 120 15.68 -3.55 8.56
CA SER C 120 15.49 -4.52 9.63
C SER C 120 14.40 -5.49 9.23
N SER C 121 14.49 -6.71 9.76
CA SER C 121 13.42 -7.68 9.62
C SER C 121 12.28 -7.44 10.60
N ALA C 122 12.51 -6.64 11.65
CA ALA C 122 11.56 -6.48 12.73
C ALA C 122 10.28 -5.77 12.29
N SER C 123 9.23 -5.94 13.09
CA SER C 123 7.91 -5.38 12.84
C SER C 123 7.80 -3.97 13.43
N THR C 124 6.92 -3.16 12.84
CA THR C 124 6.65 -1.82 13.35
C THR C 124 5.75 -1.91 14.57
N LYS C 125 6.11 -1.20 15.64
CA LYS C 125 5.30 -1.18 16.86
C LYS C 125 5.24 0.23 17.45
N GLY C 126 4.02 0.69 17.74
CA GLY C 126 3.81 1.98 18.35
C GLY C 126 4.09 2.00 19.84
N PRO C 127 4.42 3.18 20.37
CA PRO C 127 4.83 3.28 21.77
C PRO C 127 3.64 3.38 22.71
N SER C 128 3.90 3.05 23.96
CA SER C 128 3.02 3.37 25.07
C SER C 128 3.53 4.64 25.75
N VAL C 129 2.60 5.51 26.16
CA VAL C 129 2.95 6.79 26.76
C VAL C 129 2.41 6.79 28.19
N PHE C 130 3.33 6.90 29.16
CA PHE C 130 3.03 6.95 30.58
C PHE C 130 3.48 8.28 31.18
N PRO C 131 2.76 8.79 32.17
CA PRO C 131 3.15 10.07 32.78
C PRO C 131 4.29 9.92 33.76
N LEU C 132 5.16 10.93 33.76
CA LEU C 132 6.15 11.13 34.82
C LEU C 132 5.60 12.29 35.65
N ALA C 133 4.85 11.94 36.70
CA ALA C 133 4.04 12.89 37.46
C ALA C 133 4.89 13.69 38.44
N PRO C 134 4.58 14.98 38.64
CA PRO C 134 5.29 15.77 39.65
C PRO C 134 5.08 15.19 41.04
N SER C 135 5.98 15.55 41.94
CA SER C 135 5.98 15.04 43.31
C SER C 135 5.40 16.10 44.26
N SER C 136 5.37 15.75 45.54
CA SER C 136 4.70 16.58 46.54
C SER C 136 5.58 17.71 47.07
N GLY C 142 10.04 25.24 44.80
CA GLY C 142 10.47 26.21 43.80
C GLY C 142 10.22 25.78 42.36
N THR C 143 11.04 24.85 41.87
CA THR C 143 10.91 24.31 40.52
C THR C 143 10.48 22.85 40.58
N ALA C 144 9.52 22.48 39.73
CA ALA C 144 9.03 21.11 39.67
C ALA C 144 9.41 20.51 38.32
N ALA C 145 9.46 19.18 38.28
CA ALA C 145 9.76 18.46 37.06
C ALA C 145 8.64 17.46 36.77
N LEU C 146 8.31 17.32 35.48
CA LEU C 146 7.30 16.39 35.03
C LEU C 146 7.68 15.94 33.62
N GLY C 147 7.03 14.88 33.14
CA GLY C 147 7.37 14.39 31.83
C GLY C 147 6.47 13.25 31.38
N CYS C 148 6.90 12.62 30.30
CA CYS C 148 6.22 11.49 29.70
C CYS C 148 7.24 10.41 29.38
N LEU C 149 6.87 9.16 29.66
CA LEU C 149 7.70 8.02 29.35
C LEU C 149 7.14 7.37 28.09
N VAL C 150 7.93 7.40 27.02
CA VAL C 150 7.51 6.86 25.73
C VAL C 150 8.22 5.53 25.56
N LYS C 151 7.48 4.44 25.74
CA LYS C 151 8.08 3.13 25.92
C LYS C 151 7.63 2.14 24.85
N ASP C 152 8.58 1.31 24.43
CA ASP C 152 8.36 0.11 23.61
C ASP C 152 7.84 0.40 22.21
N TYR C 153 8.63 1.10 21.40
CA TYR C 153 8.28 1.36 20.02
C TYR C 153 9.41 0.95 19.08
N PHE C 154 9.06 0.77 17.81
CA PHE C 154 10.02 0.46 16.75
C PHE C 154 9.40 0.82 15.42
N PRO C 155 10.14 1.47 14.52
CA PRO C 155 11.52 1.91 14.73
C PRO C 155 11.58 3.33 15.25
N GLU C 156 12.79 3.90 15.26
CA GLU C 156 12.93 5.32 15.47
C GLU C 156 12.46 6.05 14.22
N PRO C 157 12.04 7.32 14.37
CA PRO C 157 11.99 8.06 15.63
C PRO C 157 10.58 8.30 16.14
N VAL C 158 10.49 8.90 17.32
CA VAL C 158 9.28 9.53 17.82
C VAL C 158 9.63 10.99 18.07
N THR C 159 8.63 11.85 17.97
CA THR C 159 8.76 13.25 18.35
C THR C 159 7.84 13.52 19.54
N VAL C 160 8.30 14.38 20.44
CA VAL C 160 7.53 14.80 21.60
C VAL C 160 7.48 16.31 21.62
N SER C 161 6.29 16.87 21.77
CA SER C 161 6.11 18.28 22.04
C SER C 161 5.32 18.43 23.34
N TRP C 162 5.23 19.66 23.82
CA TRP C 162 4.48 19.95 25.02
C TRP C 162 3.48 21.05 24.73
N ASN C 163 2.21 20.80 25.08
CA ASN C 163 1.11 21.75 24.83
C ASN C 163 1.10 22.19 23.38
N SER C 164 1.26 21.22 22.48
CA SER C 164 1.22 21.47 21.03
C SER C 164 2.24 22.53 20.61
N GLY C 165 3.42 22.49 21.21
CA GLY C 165 4.48 23.42 20.89
C GLY C 165 4.47 24.74 21.64
N ALA C 166 3.45 24.97 22.48
CA ALA C 166 3.41 26.22 23.25
C ALA C 166 4.49 26.24 24.32
N LEU C 167 4.79 25.09 24.92
CA LEU C 167 5.78 24.98 25.98
C LEU C 167 7.09 24.46 25.40
N THR C 168 8.12 25.30 25.44
CA THR C 168 9.42 24.94 24.88
C THR C 168 10.58 25.11 25.84
N SER C 169 10.54 26.14 26.69
CA SER C 169 11.64 26.36 27.63
C SER C 169 11.64 25.29 28.72
N GLY C 170 12.84 24.79 29.03
CA GLY C 170 12.99 23.78 30.05
C GLY C 170 12.69 22.38 29.60
N VAL C 171 12.41 22.16 28.32
CA VAL C 171 12.07 20.84 27.80
C VAL C 171 13.34 20.08 27.43
N HIS C 172 13.41 18.83 27.86
CA HIS C 172 14.49 17.91 27.48
C HIS C 172 13.86 16.60 27.02
N THR C 173 13.98 16.28 25.75
CA THR C 173 13.59 14.96 25.22
C THR C 173 14.85 14.13 25.06
N PHE C 174 14.95 13.06 25.84
CA PHE C 174 16.19 12.30 25.86
C PHE C 174 16.31 11.42 24.62
N PRO C 175 17.53 11.16 24.16
CA PRO C 175 17.70 10.19 23.09
C PRO C 175 17.17 8.84 23.52
N ALA C 176 16.61 8.12 22.56
CA ALA C 176 16.05 6.81 22.84
C ALA C 176 17.15 5.80 23.16
N VAL C 177 16.80 4.81 23.98
CA VAL C 177 17.70 3.69 24.30
C VAL C 177 17.09 2.42 23.75
N LEU C 178 17.95 1.53 23.25
CA LEU C 178 17.49 0.22 22.83
C LEU C 178 17.44 -0.67 24.05
N GLN C 179 16.25 -1.17 24.37
CA GLN C 179 16.06 -2.08 25.49
C GLN C 179 16.44 -3.51 25.09
N SER C 180 16.58 -4.38 26.10
CA SER C 180 16.89 -5.77 25.80
C SER C 180 15.78 -6.44 25.00
N SER C 181 14.57 -5.88 25.02
CA SER C 181 13.44 -6.42 24.28
C SER C 181 13.54 -6.17 22.78
N GLY C 182 14.47 -5.33 22.33
CA GLY C 182 14.52 -4.92 20.94
C GLY C 182 13.66 -3.72 20.62
N LEU C 183 12.92 -3.20 21.59
CA LEU C 183 12.11 -2.00 21.40
C LEU C 183 12.84 -0.81 22.00
N TYR C 184 12.52 0.37 21.48
CA TYR C 184 13.12 1.61 21.94
C TYR C 184 12.27 2.21 23.05
N SER C 185 12.90 3.09 23.83
CA SER C 185 12.23 3.79 24.91
C SER C 185 12.96 5.11 25.14
N LEU C 186 12.20 6.16 25.39
CA LEU C 186 12.78 7.44 25.76
C LEU C 186 11.85 8.15 26.71
N SER C 187 12.39 9.17 27.38
CA SER C 187 11.60 10.06 28.21
C SER C 187 11.79 11.48 27.75
N SER C 188 10.72 12.27 27.87
CA SER C 188 10.75 13.72 27.65
C SER C 188 10.30 14.40 28.92
N VAL C 189 11.12 15.33 29.41
CA VAL C 189 10.85 16.02 30.67
C VAL C 189 10.85 17.53 30.46
N VAL C 190 10.23 18.23 31.41
CA VAL C 190 10.22 19.69 31.42
C VAL C 190 10.14 20.14 32.87
N THR C 191 10.90 21.19 33.21
CA THR C 191 10.82 21.80 34.53
C THR C 191 9.96 23.05 34.45
N VAL C 192 9.04 23.20 35.41
CA VAL C 192 8.07 24.29 35.40
C VAL C 192 8.01 24.88 36.81
N PRO C 193 7.51 26.11 36.95
CA PRO C 193 7.32 26.67 38.30
C PRO C 193 6.39 25.79 39.13
N SER C 194 6.81 25.51 40.36
CA SER C 194 6.04 24.61 41.22
C SER C 194 4.66 25.17 41.53
N SER C 195 4.51 26.51 41.51
CA SER C 195 3.22 27.10 41.83
C SER C 195 2.21 26.91 40.71
N SER C 196 2.68 26.73 39.48
CA SER C 196 1.80 26.60 38.32
C SER C 196 1.21 25.20 38.18
N LEU C 197 1.52 24.28 39.10
CA LEU C 197 1.04 22.91 38.98
C LEU C 197 -0.47 22.82 39.07
N GLY C 198 -1.09 23.62 39.93
CA GLY C 198 -2.53 23.61 40.07
C GLY C 198 -3.28 24.46 39.06
N THR C 199 -2.56 25.32 38.33
CA THR C 199 -3.14 26.26 37.37
C THR C 199 -2.99 25.79 35.93
N GLN C 200 -1.76 25.51 35.51
CA GLN C 200 -1.45 25.21 34.11
C GLN C 200 -1.67 23.74 33.79
N THR C 201 -2.19 23.48 32.59
CA THR C 201 -2.39 22.13 32.10
C THR C 201 -1.16 21.72 31.28
N TYR C 202 -0.69 20.49 31.49
CA TYR C 202 0.51 19.98 30.84
C TYR C 202 0.17 18.71 30.07
N ILE C 203 0.37 18.75 28.76
CA ILE C 203 0.08 17.63 27.87
C ILE C 203 1.28 17.42 26.96
N CYS C 204 1.82 16.21 26.93
CA CYS C 204 2.85 15.86 25.97
C CYS C 204 2.18 15.26 24.75
N ASN C 205 2.70 15.61 23.57
CA ASN C 205 2.14 15.16 22.30
C ASN C 205 3.16 14.23 21.66
N VAL C 206 2.91 12.93 21.73
CA VAL C 206 3.81 11.92 21.20
C VAL C 206 3.32 11.49 19.84
N ASN C 207 4.21 11.50 18.86
CA ASN C 207 3.88 11.10 17.49
C ASN C 207 4.90 10.07 17.03
N HIS C 208 4.44 8.90 16.62
CA HIS C 208 5.28 7.85 16.07
C HIS C 208 4.75 7.59 14.67
N LYS C 209 5.33 8.32 13.70
CA LYS C 209 4.86 8.24 12.31
C LYS C 209 4.87 6.82 11.73
N PRO C 210 5.89 5.99 11.93
CA PRO C 210 5.88 4.67 11.28
C PRO C 210 4.65 3.83 11.60
N SER C 211 4.04 4.02 12.77
CA SER C 211 2.88 3.25 13.18
C SER C 211 1.59 4.05 13.22
N ASN C 212 1.59 5.27 12.69
CA ASN C 212 0.41 6.13 12.72
CA ASN C 212 0.41 6.14 12.72
C ASN C 212 -0.15 6.23 14.14
N THR C 213 0.74 6.38 15.11
CA THR C 213 0.40 6.49 16.52
C THR C 213 0.60 7.93 16.98
N LYS C 214 -0.48 8.57 17.41
CA LYS C 214 -0.44 9.91 17.98
C LYS C 214 -1.15 9.85 19.33
N VAL C 215 -0.46 10.24 20.39
CA VAL C 215 -1.00 10.19 21.74
C VAL C 215 -0.79 11.55 22.41
N ASP C 216 -1.84 12.07 23.05
CA ASP C 216 -1.77 13.27 23.87
C ASP C 216 -2.07 12.85 25.31
N LYS C 217 -1.05 12.88 26.16
CA LYS C 217 -1.16 12.43 27.54
C LYS C 217 -1.13 13.61 28.49
N ARG C 218 -2.09 13.66 29.43
CA ARG C 218 -2.14 14.69 30.45
C ARG C 218 -1.33 14.26 31.65
N VAL C 219 -0.41 15.13 32.08
CA VAL C 219 0.48 14.85 33.21
C VAL C 219 0.03 15.69 34.38
N GLU C 220 -0.46 15.04 35.43
CA GLU C 220 -1.04 15.66 36.60
C GLU C 220 -0.42 15.08 37.86
N PRO C 221 -0.47 15.80 38.99
CA PRO C 221 0.03 15.23 40.25
C PRO C 221 -0.78 14.00 40.63
N LYS C 222 -0.09 13.00 41.16
CA LYS C 222 -0.74 11.75 41.57
C LYS C 222 -1.54 11.91 42.86
N GLU D 1 38.59 7.61 -4.81
CA GLU D 1 37.77 8.49 -3.96
C GLU D 1 38.65 9.44 -3.15
N ILE D 2 38.21 10.68 -3.00
CA ILE D 2 38.93 11.66 -2.19
C ILE D 2 38.65 11.37 -0.73
N VAL D 3 39.69 11.37 0.08
CA VAL D 3 39.57 11.13 1.52
C VAL D 3 39.76 12.45 2.26
N MET D 4 38.76 12.84 3.05
CA MET D 4 38.80 14.06 3.83
C MET D 4 39.08 13.70 5.28
N THR D 5 40.16 14.23 5.83
CA THR D 5 40.57 13.95 7.20
C THR D 5 40.50 15.23 8.02
N GLN D 6 39.67 15.20 9.07
CA GLN D 6 39.46 16.33 9.96
C GLN D 6 40.13 16.08 11.30
N SER D 7 40.61 17.15 11.93
CA SER D 7 41.21 17.04 13.24
C SER D 7 41.00 18.34 13.99
N PRO D 8 40.84 18.30 15.32
CA PRO D 8 40.77 17.09 16.16
C PRO D 8 39.38 16.48 16.10
N ALA D 9 39.21 15.26 16.62
CA ALA D 9 37.87 14.67 16.63
C ALA D 9 36.92 15.45 17.52
N THR D 10 37.40 15.87 18.69
CA THR D 10 36.61 16.59 19.68
C THR D 10 37.39 17.80 20.13
N LEU D 11 36.67 18.79 20.63
CA LEU D 11 37.26 20.06 21.01
C LEU D 11 36.40 20.69 22.10
N SER D 12 37.05 21.27 23.11
CA SER D 12 36.34 21.93 24.20
C SER D 12 36.96 23.30 24.38
N VAL D 13 36.15 24.36 24.22
CA VAL D 13 36.65 25.72 24.20
CA VAL D 13 36.64 25.72 24.19
C VAL D 13 35.75 26.58 25.07
N SER D 14 36.38 27.48 25.84
CA SER D 14 35.67 28.44 26.69
C SER D 14 35.05 29.55 25.85
N PRO D 15 33.93 30.12 26.30
CA PRO D 15 33.32 31.24 25.57
C PRO D 15 34.28 32.41 25.45
N GLY D 16 34.23 33.08 24.30
CA GLY D 16 35.09 34.21 24.03
C GLY D 16 36.44 33.84 23.43
N GLU D 17 36.90 32.61 23.62
CA GLU D 17 38.15 32.15 23.01
C GLU D 17 37.86 31.74 21.58
N ARG D 18 38.84 31.12 20.92
CA ARG D 18 38.66 30.69 19.55
C ARG D 18 39.07 29.23 19.41
N ALA D 19 38.49 28.59 18.41
CA ALA D 19 38.76 27.19 18.10
C ALA D 19 39.19 27.10 16.64
N THR D 20 40.24 26.32 16.40
CA THR D 20 40.78 26.11 15.06
C THR D 20 40.56 24.67 14.65
N LEU D 21 39.91 24.47 13.52
CA LEU D 21 39.59 23.14 13.01
C LEU D 21 40.33 22.90 11.72
N SER D 22 40.89 21.71 11.56
CA SER D 22 41.72 21.40 10.42
C SER D 22 41.06 20.33 9.56
N CYS D 23 41.22 20.45 8.25
CA CYS D 23 40.66 19.53 7.27
C CYS D 23 41.69 19.34 6.17
N ARG D 24 41.97 18.09 5.83
CA ARG D 24 42.94 17.78 4.78
C ARG D 24 42.30 16.85 3.75
N ALA D 25 42.53 17.18 2.47
CA ALA D 25 42.10 16.35 1.36
C ALA D 25 43.27 15.52 0.85
N SER D 26 42.98 14.27 0.45
CA SER D 26 44.02 13.37 0.00
C SER D 26 44.63 13.80 -1.33
N ARG D 27 43.95 14.65 -2.10
CA ARG D 27 44.52 15.26 -3.29
C ARG D 27 43.97 16.67 -3.39
N SER D 28 44.58 17.49 -4.25
CA SER D 28 44.18 18.88 -4.35
C SER D 28 42.73 19.00 -4.77
N ILE D 29 41.98 19.84 -4.05
CA ILE D 29 40.61 20.18 -4.40
C ILE D 29 40.49 21.66 -4.77
N ARG D 30 41.62 22.33 -5.02
CA ARG D 30 41.67 23.75 -5.36
C ARG D 30 41.00 24.53 -4.23
N SER D 31 39.95 25.30 -4.49
CA SER D 31 39.25 26.06 -3.45
C SER D 31 37.87 25.51 -3.16
N ALA D 32 37.52 24.35 -3.72
CA ALA D 32 36.17 23.79 -3.58
C ALA D 32 36.02 23.08 -2.23
N LEU D 33 36.08 23.86 -1.17
CA LEU D 33 35.88 23.33 0.17
C LEU D 33 34.85 24.16 0.91
N ALA D 34 33.87 23.48 1.50
CA ALA D 34 32.83 24.10 2.30
C ALA D 34 32.91 23.59 3.74
N TRP D 35 32.44 24.41 4.67
CA TRP D 35 32.35 24.07 6.08
C TRP D 35 30.89 24.11 6.51
N TYR D 36 30.49 23.14 7.34
CA TYR D 36 29.12 22.99 7.80
C TYR D 36 29.08 22.92 9.32
N GLN D 37 28.05 23.53 9.90
CA GLN D 37 27.71 23.38 11.30
C GLN D 37 26.48 22.49 11.42
N HIS D 38 26.53 21.49 12.30
CA HIS D 38 25.40 20.58 12.48
C HIS D 38 25.10 20.45 13.98
N LYS D 39 24.08 21.17 14.43
CA LYS D 39 23.54 21.10 15.78
C LYS D 39 22.54 19.96 15.89
N PRO D 40 22.50 19.26 17.02
CA PRO D 40 21.59 18.13 17.17
C PRO D 40 20.14 18.56 17.01
N GLY D 41 19.38 17.79 16.24
CA GLY D 41 17.99 18.08 16.00
C GLY D 41 17.72 19.02 14.85
N GLN D 42 18.75 19.51 14.18
CA GLN D 42 18.58 20.44 13.08
C GLN D 42 19.30 19.93 11.84
N ALA D 43 18.95 20.50 10.71
CA ALA D 43 19.61 20.22 9.45
C ALA D 43 20.97 20.91 9.42
N PRO D 44 21.93 20.36 8.65
CA PRO D 44 23.22 21.05 8.52
C PRO D 44 23.05 22.46 8.00
N ARG D 45 23.98 23.33 8.40
CA ARG D 45 23.95 24.76 8.07
C ARG D 45 25.28 25.14 7.44
N LEU D 46 25.23 25.64 6.20
CA LEU D 46 26.43 26.04 5.50
C LEU D 46 27.04 27.28 6.13
N LEU D 47 28.34 27.22 6.41
CA LEU D 47 29.11 28.33 6.98
C LEU D 47 30.03 28.99 5.96
N ILE D 48 30.80 28.19 5.23
CA ILE D 48 31.84 28.67 4.33
C ILE D 48 31.73 27.90 3.03
N PHE D 49 31.91 28.59 1.90
CA PHE D 49 32.14 27.95 0.61
C PHE D 49 33.35 28.61 -0.04
N GLY D 50 33.85 27.98 -1.09
CA GLY D 50 35.05 28.47 -1.75
C GLY D 50 36.23 28.57 -0.82
N ALA D 51 36.28 27.72 0.22
CA ALA D 51 37.34 27.66 1.21
C ALA D 51 37.34 28.86 2.15
N SER D 52 37.07 30.06 1.64
CA SER D 52 37.26 31.26 2.45
C SER D 52 36.09 32.25 2.41
N THR D 53 34.96 31.91 1.81
CA THR D 53 33.84 32.85 1.68
C THR D 53 32.71 32.46 2.62
N ARG D 54 32.33 33.37 3.51
CA ARG D 54 31.20 33.15 4.38
C ARG D 54 29.91 33.14 3.57
N ALA D 55 29.04 32.17 3.86
CA ALA D 55 27.71 32.19 3.29
C ALA D 55 26.93 33.38 3.86
N THR D 56 25.80 33.68 3.23
CA THR D 56 24.99 34.84 3.62
C THR D 56 24.52 34.69 5.06
N GLY D 57 24.64 35.76 5.84
CA GLY D 57 24.18 35.78 7.21
C GLY D 57 25.09 35.10 8.20
N ILE D 58 26.21 34.55 7.77
CA ILE D 58 27.15 33.92 8.70
C ILE D 58 28.02 35.01 9.33
N PRO D 59 28.15 35.06 10.64
CA PRO D 59 28.93 36.13 11.28
C PRO D 59 30.42 36.03 10.96
N ALA D 60 31.10 37.17 11.11
CA ALA D 60 32.52 37.28 10.77
C ALA D 60 33.43 36.45 11.67
N ARG D 61 32.93 36.00 12.83
CA ARG D 61 33.75 35.16 13.71
C ARG D 61 33.97 33.75 13.16
N PHE D 62 33.36 33.41 12.01
CA PHE D 62 33.67 32.19 11.27
C PHE D 62 34.62 32.56 10.14
N SER D 63 35.85 32.04 10.20
CA SER D 63 36.87 32.36 9.21
C SER D 63 37.43 31.07 8.63
N GLY D 64 37.36 30.94 7.32
CA GLY D 64 37.88 29.78 6.62
C GLY D 64 39.00 30.19 5.69
N SER D 65 40.00 29.32 5.57
CA SER D 65 41.08 29.58 4.64
C SER D 65 41.66 28.25 4.18
N GLY D 66 42.42 28.31 3.10
CA GLY D 66 43.05 27.14 2.54
C GLY D 66 42.89 27.04 1.04
N SER D 67 43.74 26.24 0.40
CA SER D 67 43.75 26.04 -1.03
C SER D 67 44.62 24.83 -1.33
N GLY D 68 44.14 23.95 -2.23
CA GLY D 68 44.83 22.71 -2.53
C GLY D 68 44.45 21.54 -1.65
N THR D 69 45.24 21.23 -0.61
CA THR D 69 44.91 20.10 0.26
C THR D 69 44.64 20.46 1.72
N ASP D 70 45.17 21.57 2.23
CA ASP D 70 45.09 21.90 3.65
C ASP D 70 44.19 23.11 3.87
N PHE D 71 43.23 22.96 4.77
CA PHE D 71 42.22 23.98 5.02
C PHE D 71 41.96 24.09 6.52
N THR D 72 41.55 25.27 6.95
CA THR D 72 41.22 25.49 8.36
C THR D 72 39.96 26.33 8.51
N LEU D 73 39.22 26.05 9.57
CA LEU D 73 38.11 26.87 10.01
C LEU D 73 38.45 27.34 11.41
N THR D 74 38.45 28.66 11.61
CA THR D 74 38.70 29.25 12.92
C THR D 74 37.43 29.96 13.36
N VAL D 75 36.94 29.60 14.55
CA VAL D 75 35.71 30.16 15.09
C VAL D 75 36.10 30.96 16.32
N SER D 76 36.00 32.28 16.22
CA SER D 76 36.41 33.16 17.30
C SER D 76 35.19 33.70 18.03
N SER D 77 35.45 34.37 19.14
CA SER D 77 34.38 34.87 20.01
C SER D 77 33.34 33.78 20.26
N ILE D 78 33.83 32.61 20.67
CA ILE D 78 32.98 31.44 20.82
C ILE D 78 31.84 31.75 21.79
N ARG D 79 30.65 31.23 21.45
CA ARG D 79 29.44 31.37 22.24
CA ARG D 79 29.50 31.35 22.33
C ARG D 79 28.85 29.98 22.48
N SER D 80 27.95 29.89 23.46
CA SER D 80 27.33 28.61 23.78
C SER D 80 26.59 28.02 22.58
N GLU D 81 26.02 28.87 21.73
CA GLU D 81 25.30 28.38 20.56
C GLU D 81 26.21 27.69 19.56
N ASP D 82 27.53 27.83 19.69
CA ASP D 82 28.46 27.19 18.79
C ASP D 82 28.64 25.71 19.08
N SER D 83 28.06 25.21 20.17
CA SER D 83 28.13 23.79 20.48
C SER D 83 27.49 22.97 19.37
N ALA D 84 28.30 22.21 18.63
CA ALA D 84 27.81 21.50 17.45
C ALA D 84 28.94 20.60 16.94
N VAL D 85 28.61 19.80 15.92
CA VAL D 85 29.60 19.07 15.14
C VAL D 85 29.85 19.86 13.86
N TYR D 86 31.12 20.03 13.51
CA TYR D 86 31.52 20.80 12.34
C TYR D 86 32.18 19.88 11.32
N TYR D 87 31.70 19.96 10.08
CA TYR D 87 32.18 19.13 8.98
C TYR D 87 32.77 20.01 7.89
N CYS D 88 33.84 19.54 7.28
CA CYS D 88 34.25 20.07 5.99
C CYS D 88 33.68 19.19 4.89
N GLN D 89 33.67 19.72 3.67
CA GLN D 89 33.12 19.00 2.53
C GLN D 89 33.83 19.49 1.28
N GLN D 90 34.49 18.59 0.57
CA GLN D 90 35.04 18.93 -0.74
C GLN D 90 33.95 18.84 -1.79
N TYR D 91 33.98 19.77 -2.74
CA TYR D 91 33.05 19.68 -3.86
C TYR D 91 33.77 19.95 -5.17
N ASP D 92 35.03 19.56 -5.25
CA ASP D 92 35.76 19.66 -6.50
C ASP D 92 35.38 18.53 -7.45
N PHE D 93 35.13 17.34 -6.90
CA PHE D 93 34.72 16.17 -7.70
C PHE D 93 33.64 15.46 -6.91
N TRP D 94 32.38 15.73 -7.26
CA TRP D 94 31.22 15.33 -6.47
C TRP D 94 31.39 15.85 -5.04
N TYR D 95 31.00 15.06 -4.03
CA TYR D 95 30.96 15.60 -2.68
C TYR D 95 31.45 14.56 -1.68
N THR D 96 32.28 15.00 -0.73
CA THR D 96 32.76 14.13 0.33
C THR D 96 32.88 14.94 1.61
N PHE D 97 32.18 14.51 2.66
CA PHE D 97 32.31 15.12 3.96
C PHE D 97 33.48 14.50 4.73
N GLY D 98 34.11 15.31 5.56
CA GLY D 98 34.98 14.78 6.58
C GLY D 98 34.17 14.15 7.69
N GLN D 99 34.87 13.50 8.62
CA GLN D 99 34.21 12.80 9.72
C GLN D 99 33.72 13.75 10.81
N GLY D 100 34.11 15.02 10.79
CA GLY D 100 33.56 15.99 11.70
C GLY D 100 34.41 16.21 12.94
N THR D 101 34.25 17.39 13.53
CA THR D 101 34.85 17.73 14.82
C THR D 101 33.72 18.12 15.75
N LYS D 102 33.62 17.46 16.89
CA LYS D 102 32.59 17.77 17.87
C LYS D 102 33.10 18.85 18.81
N LEU D 103 32.45 20.01 18.79
CA LEU D 103 32.86 21.17 19.59
C LEU D 103 31.96 21.33 20.80
N GLU D 104 32.55 21.26 22.00
CA GLU D 104 31.86 21.50 23.27
C GLU D 104 32.27 22.86 23.81
N ILE D 105 31.30 23.55 24.43
CA ILE D 105 31.54 24.87 25.03
C ILE D 105 31.71 24.68 26.54
N LYS D 106 32.83 25.14 27.08
CA LYS D 106 33.12 25.04 28.52
C LYS D 106 32.32 26.10 29.28
N ARG D 107 31.52 25.67 30.24
CA ARG D 107 30.92 26.58 31.21
C ARG D 107 31.46 26.29 32.62
N THR D 108 30.96 27.05 33.59
CA THR D 108 31.29 26.77 34.99
C THR D 108 30.56 25.52 35.46
N VAL D 109 31.04 24.98 36.59
CA VAL D 109 30.45 23.76 37.13
C VAL D 109 29.02 24.04 37.60
N ALA D 110 28.11 23.13 37.27
CA ALA D 110 26.72 23.23 37.70
C ALA D 110 26.27 21.86 38.17
N ALA D 111 25.79 21.80 39.41
CA ALA D 111 25.36 20.55 40.00
C ALA D 111 24.02 20.10 39.40
N PRO D 112 23.78 18.80 39.35
CA PRO D 112 22.50 18.31 38.84
C PRO D 112 21.35 18.59 39.81
N SER D 113 20.22 18.99 39.24
CA SER D 113 18.96 18.98 39.98
C SER D 113 18.31 17.62 39.78
N VAL D 114 18.07 16.90 40.88
CA VAL D 114 17.68 15.50 40.82
C VAL D 114 16.20 15.37 41.13
N PHE D 115 15.50 14.56 40.33
CA PHE D 115 14.10 14.23 40.54
C PHE D 115 13.93 12.73 40.31
N ILE D 116 13.06 12.11 41.11
CA ILE D 116 12.74 10.70 40.95
C ILE D 116 11.25 10.56 40.67
N PHE D 117 10.91 9.66 39.75
CA PHE D 117 9.54 9.45 39.32
C PHE D 117 9.15 7.99 39.53
N PRO D 118 8.09 7.70 40.28
CA PRO D 118 7.64 6.32 40.45
C PRO D 118 6.92 5.83 39.20
N PRO D 119 6.75 4.52 39.05
CA PRO D 119 5.97 4.01 37.91
C PRO D 119 4.54 4.50 37.97
N SER D 120 3.97 4.80 36.82
CA SER D 120 2.55 5.12 36.76
C SER D 120 1.71 3.90 37.07
N ASP D 121 0.52 4.13 37.65
CA ASP D 121 -0.41 3.03 37.89
C ASP D 121 -0.81 2.36 36.58
N GLU D 122 -0.93 3.14 35.49
CA GLU D 122 -1.30 2.57 34.21
C GLU D 122 -0.26 1.56 33.73
N GLN D 123 1.03 1.83 33.95
CA GLN D 123 2.07 0.92 33.48
C GLN D 123 2.04 -0.38 34.28
N LEU D 124 1.77 -0.28 35.58
CA LEU D 124 1.73 -1.47 36.42
C LEU D 124 0.64 -2.45 35.97
N LYS D 125 -0.43 -1.95 35.33
CA LYS D 125 -1.44 -2.85 34.77
C LYS D 125 -0.86 -3.76 33.70
N SER D 126 0.14 -3.27 32.95
CA SER D 126 0.77 -4.08 31.92
C SER D 126 1.77 -5.07 32.50
N GLY D 127 2.11 -4.94 33.79
CA GLY D 127 3.01 -5.86 34.45
C GLY D 127 4.45 -5.42 34.54
N THR D 128 4.75 -4.17 34.20
CA THR D 128 6.11 -3.66 34.25
C THR D 128 6.14 -2.35 35.02
N ALA D 129 7.26 -2.11 35.72
CA ALA D 129 7.50 -0.89 36.47
C ALA D 129 8.75 -0.21 35.94
N SER D 130 8.62 1.06 35.57
CA SER D 130 9.75 1.89 35.15
C SER D 130 9.94 3.00 36.17
N VAL D 131 11.09 3.00 36.84
CA VAL D 131 11.43 4.06 37.78
C VAL D 131 12.47 4.96 37.11
N VAL D 132 12.19 6.25 37.05
CA VAL D 132 13.00 7.20 36.30
C VAL D 132 13.64 8.20 37.27
N CYS D 133 14.93 8.41 37.12
CA CYS D 133 15.68 9.43 37.86
C CYS D 133 16.24 10.44 36.87
N LEU D 134 15.98 11.72 37.12
CA LEU D 134 16.37 12.79 36.22
C LEU D 134 17.47 13.63 36.85
N LEU D 135 18.56 13.82 36.10
CA LEU D 135 19.63 14.75 36.46
C LEU D 135 19.56 15.90 35.48
N ASN D 136 19.20 17.09 35.96
CA ASN D 136 18.82 18.18 35.09
C ASN D 136 19.85 19.31 35.12
N ASN D 137 20.30 19.72 33.94
CA ASN D 137 21.07 20.95 33.74
C ASN D 137 22.32 20.98 34.61
N PHE D 138 23.25 20.08 34.29
CA PHE D 138 24.52 19.99 35.00
C PHE D 138 25.68 20.07 34.02
N TYR D 139 26.85 20.39 34.56
CA TYR D 139 28.12 20.44 33.84
C TYR D 139 29.25 20.24 34.84
N PRO D 140 30.28 19.44 34.52
CA PRO D 140 30.49 18.74 33.25
C PRO D 140 29.62 17.50 33.03
N ARG D 141 29.82 16.85 31.89
CA ARG D 141 28.97 15.76 31.45
C ARG D 141 29.07 14.53 32.35
N GLU D 142 30.22 14.33 32.98
CA GLU D 142 30.46 13.12 33.76
C GLU D 142 29.60 13.10 35.02
N ALA D 143 28.80 12.04 35.18
CA ALA D 143 27.95 11.88 36.35
C ALA D 143 27.71 10.39 36.59
N LYS D 144 27.53 10.03 37.86
CA LYS D 144 27.26 8.67 38.28
C LYS D 144 25.90 8.59 38.94
N VAL D 145 25.07 7.63 38.51
CA VAL D 145 23.77 7.37 39.13
C VAL D 145 23.78 5.93 39.63
N GLN D 146 23.43 5.76 40.91
CA GLN D 146 23.29 4.43 41.51
C GLN D 146 21.88 4.29 42.08
N TRP D 147 21.24 3.17 41.75
CA TRP D 147 19.91 2.86 42.27
C TRP D 147 20.06 1.98 43.51
N LYS D 148 19.33 2.32 44.57
CA LYS D 148 19.29 1.51 45.78
C LYS D 148 17.83 1.18 46.08
N VAL D 149 17.53 -0.10 46.20
CA VAL D 149 16.18 -0.59 46.47
C VAL D 149 16.19 -1.28 47.83
N ASP D 150 15.51 -0.69 48.80
CA ASP D 150 15.58 -1.12 50.20
C ASP D 150 17.03 -1.24 50.66
N ASN D 151 17.84 -0.26 50.29
CA ASN D 151 19.28 -0.16 50.58
C ASN D 151 20.12 -1.16 49.82
N ALA D 152 19.54 -1.93 48.90
CA ALA D 152 20.27 -2.89 48.11
C ALA D 152 20.70 -2.25 46.79
N LEU D 153 22.01 -2.25 46.53
CA LEU D 153 22.52 -1.65 45.31
C LEU D 153 22.08 -2.46 44.11
N GLN D 154 21.51 -1.78 43.13
CA GLN D 154 21.02 -2.43 41.91
C GLN D 154 22.12 -2.50 40.86
N SER D 155 22.02 -3.50 40.00
CA SER D 155 23.02 -3.73 38.97
C SER D 155 22.38 -4.44 37.78
N GLY D 156 22.61 -3.90 36.59
CA GLY D 156 22.18 -4.56 35.37
C GLY D 156 20.76 -4.26 34.93
N ASN D 157 19.98 -3.55 35.74
CA ASN D 157 18.56 -3.34 35.45
C ASN D 157 18.25 -1.87 35.20
N SER D 158 19.23 -1.09 34.76
CA SER D 158 19.03 0.33 34.51
C SER D 158 19.70 0.71 33.20
N GLN D 159 19.22 1.82 32.63
CA GLN D 159 19.76 2.35 31.38
C GLN D 159 19.74 3.87 31.44
N GLU D 160 20.80 4.47 30.90
CA GLU D 160 20.99 5.92 30.98
C GLU D 160 20.88 6.54 29.59
N SER D 161 20.50 7.82 29.56
CA SER D 161 20.45 8.58 28.34
C SER D 161 20.84 10.01 28.65
N VAL D 162 21.70 10.60 27.81
CA VAL D 162 22.23 11.94 28.04
C VAL D 162 21.86 12.81 26.86
N THR D 163 21.36 14.01 27.15
CA THR D 163 21.08 14.97 26.10
C THR D 163 22.36 15.52 25.50
N GLU D 164 22.24 16.08 24.31
CA GLU D 164 23.30 16.89 23.77
C GLU D 164 23.43 18.18 24.57
N GLN D 165 24.59 18.81 24.48
CA GLN D 165 24.84 20.04 25.23
C GLN D 165 23.80 21.10 24.87
N ASP D 166 23.25 21.75 25.89
CA ASP D 166 22.27 22.79 25.64
C ASP D 166 22.94 23.99 24.98
N SER D 167 22.27 24.55 23.97
CA SER D 167 22.85 25.64 23.21
C SER D 167 22.80 26.97 23.96
N LYS D 168 21.96 27.10 24.99
CA LYS D 168 21.83 28.37 25.71
C LYS D 168 22.65 28.40 26.99
N ASP D 169 22.57 27.35 27.81
CA ASP D 169 23.27 27.32 29.09
C ASP D 169 24.41 26.30 29.14
N SER D 170 24.66 25.57 28.06
CA SER D 170 25.81 24.67 27.93
C SER D 170 25.77 23.53 28.94
N THR D 171 24.61 23.23 29.50
CA THR D 171 24.53 22.12 30.44
C THR D 171 24.10 20.85 29.73
N TYR D 172 24.18 19.74 30.46
CA TYR D 172 23.69 18.45 30.04
C TYR D 172 22.57 18.03 30.97
N SER D 173 21.75 17.10 30.48
CA SER D 173 20.80 16.42 31.33
C SER D 173 20.91 14.92 31.07
N LEU D 174 20.59 14.13 32.10
CA LEU D 174 20.74 12.69 32.06
C LEU D 174 19.53 12.06 32.73
N SER D 175 19.07 10.95 32.14
CA SER D 175 18.02 10.14 32.73
C SER D 175 18.54 8.74 32.97
N SER D 176 18.16 8.17 34.11
CA SER D 176 18.42 6.77 34.43
C SER D 176 17.09 6.09 34.68
N THR D 177 16.80 5.00 33.95
CA THR D 177 15.54 4.30 34.06
C THR D 177 15.77 2.93 34.67
N LEU D 178 15.18 2.69 35.83
CA LEU D 178 15.18 1.38 36.47
C LEU D 178 13.94 0.61 36.03
N THR D 179 14.15 -0.59 35.50
CA THR D 179 13.08 -1.42 35.00
C THR D 179 12.97 -2.68 35.87
N LEU D 180 11.79 -2.92 36.40
CA LEU D 180 11.53 -4.12 37.19
C LEU D 180 10.17 -4.68 36.78
N SER D 181 9.98 -5.96 37.05
CA SER D 181 8.65 -6.52 36.89
C SER D 181 7.75 -6.00 38.01
N LYS D 182 6.43 -6.09 37.78
CA LYS D 182 5.49 -5.67 38.81
C LYS D 182 5.69 -6.46 40.10
N ALA D 183 5.94 -7.76 39.99
CA ALA D 183 6.17 -8.58 41.18
C ALA D 183 7.40 -8.12 41.95
N ASP D 184 8.51 -7.88 41.24
CA ASP D 184 9.72 -7.41 41.91
C ASP D 184 9.50 -6.03 42.51
N TYR D 185 8.76 -5.17 41.81
CA TYR D 185 8.54 -3.81 42.29
C TYR D 185 7.75 -3.81 43.60
N GLU D 186 6.77 -4.70 43.72
CA GLU D 186 5.94 -4.74 44.92
C GLU D 186 6.58 -5.48 46.08
N LYS D 187 7.75 -6.09 45.89
CA LYS D 187 8.45 -6.73 47.00
C LYS D 187 9.13 -5.73 47.92
N HIS D 188 9.41 -4.52 47.45
CA HIS D 188 10.22 -3.55 48.18
C HIS D 188 9.49 -2.23 48.36
N LYS D 189 10.01 -1.43 49.29
CA LYS D 189 9.36 -0.19 49.72
C LYS D 189 10.10 1.06 49.29
N VAL D 190 11.40 1.16 49.55
CA VAL D 190 12.14 2.40 49.34
C VAL D 190 12.89 2.28 48.02
N TYR D 191 12.62 3.20 47.10
CA TYR D 191 13.32 3.26 45.82
C TYR D 191 14.10 4.57 45.78
N ALA D 192 15.42 4.46 45.72
CA ALA D 192 16.30 5.61 45.86
C ALA D 192 17.20 5.74 44.65
N CYS D 193 17.48 6.99 44.29
CA CYS D 193 18.42 7.35 43.24
C CYS D 193 19.52 8.19 43.88
N GLU D 194 20.77 7.70 43.80
CA GLU D 194 21.91 8.36 44.41
C GLU D 194 22.81 8.93 43.31
N VAL D 195 23.10 10.23 43.39
CA VAL D 195 23.74 10.98 42.32
C VAL D 195 25.06 11.53 42.81
N THR D 196 26.12 11.31 42.04
CA THR D 196 27.45 11.85 42.33
C THR D 196 27.90 12.75 41.18
N HIS D 197 28.45 13.91 41.53
CA HIS D 197 28.88 14.87 40.52
C HIS D 197 29.88 15.85 41.13
N GLN D 198 30.73 16.42 40.28
CA GLN D 198 31.77 17.33 40.75
C GLN D 198 31.17 18.54 41.47
N GLY D 199 29.96 18.94 41.09
CA GLY D 199 29.31 20.06 41.74
C GLY D 199 28.63 19.75 43.06
N LEU D 200 28.63 18.50 43.49
CA LEU D 200 27.99 18.10 44.74
C LEU D 200 29.06 17.73 45.75
N SER D 201 28.99 18.35 46.93
CA SER D 201 29.94 18.04 47.99
C SER D 201 29.84 16.58 48.42
N SER D 202 28.63 16.05 48.50
CA SER D 202 28.37 14.67 48.84
C SER D 202 27.21 14.19 48.00
N PRO D 203 27.10 12.87 47.78
CA PRO D 203 26.03 12.34 46.92
C PRO D 203 24.63 12.77 47.37
N VAL D 204 23.80 13.11 46.39
CA VAL D 204 22.41 13.51 46.64
C VAL D 204 21.53 12.30 46.36
N THR D 205 20.59 12.03 47.27
CA THR D 205 19.66 10.92 47.12
C THR D 205 18.24 11.47 47.08
N LYS D 206 17.49 11.11 46.04
CA LYS D 206 16.06 11.34 45.96
C LYS D 206 15.37 9.98 45.96
N SER D 207 14.33 9.85 46.79
CA SER D 207 13.69 8.56 46.96
C SER D 207 12.19 8.75 47.15
N PHE D 208 11.48 7.62 47.08
CA PHE D 208 10.06 7.57 47.36
C PHE D 208 9.74 6.19 47.93
N ASN D 209 8.65 6.13 48.67
CA ASN D 209 8.15 4.86 49.20
C ASN D 209 6.98 4.39 48.34
N ARG D 210 7.06 3.14 47.89
CA ARG D 210 6.02 2.58 47.04
C ARG D 210 4.67 2.64 47.74
N GLY D 211 3.72 3.31 47.11
CA GLY D 211 2.37 3.42 47.63
C GLY D 211 2.09 4.65 48.47
N GLU D 212 3.07 5.52 48.68
CA GLU D 212 2.91 6.73 49.45
C GLU D 212 2.60 7.93 48.55
N CYS D 213 2.50 9.10 49.18
CA CYS D 213 2.14 10.36 48.52
C CYS D 213 0.75 10.30 47.91
N GLN E 1 -34.51 21.22 29.07
CA GLN E 1 -35.92 20.90 28.99
C GLN E 1 -36.22 19.48 29.46
N VAL E 2 -37.43 19.26 29.97
CA VAL E 2 -37.86 17.90 30.30
C VAL E 2 -37.97 17.09 29.01
N GLN E 3 -37.42 15.88 29.00
CA GLN E 3 -37.19 15.20 27.74
C GLN E 3 -37.26 13.67 27.87
N LEU E 4 -37.82 13.06 26.83
CA LEU E 4 -37.77 11.61 26.61
C LEU E 4 -37.18 11.35 25.23
N LEU E 5 -36.12 10.54 25.17
CA LEU E 5 -35.45 10.20 23.92
C LEU E 5 -35.60 8.71 23.65
N GLU E 6 -36.34 8.36 22.61
CA GLU E 6 -36.41 6.96 22.20
C GLU E 6 -35.23 6.59 21.30
N SER E 7 -34.83 5.33 21.37
CA SER E 7 -33.89 4.78 20.41
C SER E 7 -34.18 3.29 20.28
N GLY E 8 -33.55 2.67 19.29
CA GLY E 8 -33.68 1.25 19.07
C GLY E 8 -34.55 0.86 17.89
N GLY E 9 -35.23 1.80 17.24
CA GLY E 9 -36.04 1.44 16.10
C GLY E 9 -35.20 0.95 14.95
N GLY E 10 -35.87 0.33 13.97
CA GLY E 10 -35.14 -0.23 12.84
C GLY E 10 -35.98 -1.27 12.13
N VAL E 11 -35.29 -2.05 11.29
CA VAL E 11 -35.89 -3.11 10.50
C VAL E 11 -35.74 -4.43 11.23
N VAL E 12 -36.81 -5.22 11.24
CA VAL E 12 -36.79 -6.55 11.83
C VAL E 12 -37.60 -7.46 10.93
N ARG E 13 -37.13 -8.70 10.76
CA ARG E 13 -37.89 -9.66 9.99
C ARG E 13 -39.15 -10.06 10.75
N PRO E 14 -40.21 -10.45 10.06
CA PRO E 14 -41.37 -11.03 10.74
C PRO E 14 -40.94 -12.20 11.62
N GLY E 15 -41.52 -12.29 12.80
CA GLY E 15 -41.11 -13.29 13.77
C GLY E 15 -39.89 -12.92 14.57
N GLY E 16 -39.19 -11.84 14.21
CA GLY E 16 -37.99 -11.44 14.91
C GLY E 16 -38.27 -10.63 16.17
N SER E 17 -37.19 -10.11 16.74
CA SER E 17 -37.25 -9.43 18.03
C SER E 17 -36.49 -8.11 17.94
N LEU E 18 -36.93 -7.16 18.76
CA LEU E 18 -36.29 -5.85 18.82
C LEU E 18 -36.57 -5.24 20.18
N ARG E 19 -35.56 -4.60 20.75
CA ARG E 19 -35.69 -3.94 22.05
C ARG E 19 -35.62 -2.43 21.85
N LEU E 20 -36.69 -1.73 22.24
CA LEU E 20 -36.71 -0.28 22.24
C LEU E 20 -36.33 0.25 23.61
N SER E 21 -35.72 1.44 23.63
CA SER E 21 -35.37 2.11 24.87
C SER E 21 -35.85 3.55 24.83
N CYS E 22 -35.96 4.14 26.01
CA CYS E 22 -36.45 5.51 26.16
C CYS E 22 -35.73 6.13 27.35
N ALA E 23 -34.86 7.10 27.09
CA ALA E 23 -34.04 7.75 28.11
C ALA E 23 -34.72 9.04 28.58
N ALA E 24 -34.86 9.18 29.90
CA ALA E 24 -35.48 10.33 30.51
C ALA E 24 -34.44 11.28 31.11
N SER E 25 -34.72 12.59 31.03
CA SER E 25 -33.89 13.59 31.69
C SER E 25 -34.75 14.78 32.05
N GLY E 26 -34.32 15.52 33.08
CA GLY E 26 -35.02 16.72 33.50
C GLY E 26 -36.09 16.53 34.55
N PHE E 27 -36.28 15.31 35.05
CA PHE E 27 -37.25 15.06 36.10
C PHE E 27 -36.87 13.80 36.86
N ASN E 28 -37.59 13.57 37.96
CA ASN E 28 -37.33 12.40 38.80
C ASN E 28 -38.03 11.20 38.18
N PHE E 29 -37.29 10.50 37.30
CA PHE E 29 -37.82 9.37 36.53
C PHE E 29 -38.52 8.36 37.44
N GLU E 30 -37.93 8.06 38.59
CA GLU E 30 -38.46 7.02 39.47
C GLU E 30 -39.83 7.36 40.03
N ASP E 31 -40.30 8.59 39.91
CA ASP E 31 -41.61 8.98 40.43
C ASP E 31 -42.77 8.71 39.46
N PHE E 32 -42.50 8.40 38.20
CA PHE E 32 -43.52 8.42 37.16
C PHE E 32 -43.73 7.05 36.54
N GLY E 33 -44.99 6.70 36.32
CA GLY E 33 -45.30 5.60 35.44
C GLY E 33 -44.98 5.96 34.00
N MET E 34 -44.72 4.93 33.20
CA MET E 34 -44.30 5.12 31.81
C MET E 34 -45.15 4.27 30.88
N SER E 35 -45.46 4.83 29.71
CA SER E 35 -46.25 4.17 28.68
C SER E 35 -45.53 4.16 27.36
N TRP E 36 -45.82 3.15 26.54
CA TRP E 36 -45.49 3.13 25.12
C TRP E 36 -46.76 3.35 24.33
N VAL E 37 -46.70 4.24 23.34
CA VAL E 37 -47.80 4.54 22.44
C VAL E 37 -47.25 4.47 21.02
N ARG E 38 -47.98 3.80 20.13
CA ARG E 38 -47.50 3.63 18.77
C ARG E 38 -48.49 4.24 17.77
N GLN E 39 -47.98 4.55 16.59
CA GLN E 39 -48.79 5.07 15.48
C GLN E 39 -48.38 4.35 14.20
N ALA E 40 -49.20 3.42 13.75
CA ALA E 40 -48.96 2.74 12.49
C ALA E 40 -49.19 3.70 11.32
N PRO E 41 -48.53 3.46 10.19
CA PRO E 41 -48.71 4.37 9.04
C PRO E 41 -50.18 4.57 8.67
N GLY E 42 -50.59 5.83 8.62
CA GLY E 42 -51.94 6.19 8.25
C GLY E 42 -53.01 5.87 9.27
N LYS E 43 -52.63 5.59 10.51
CA LYS E 43 -53.58 5.24 11.55
C LYS E 43 -53.40 6.20 12.73
N GLY E 44 -54.25 6.05 13.74
CA GLY E 44 -54.21 6.91 14.90
C GLY E 44 -53.30 6.38 16.01
N LEU E 45 -53.23 7.13 17.10
CA LEU E 45 -52.48 6.71 18.27
C LEU E 45 -53.11 5.46 18.88
N GLU E 46 -52.26 4.51 19.29
CA GLU E 46 -52.71 3.30 19.96
C GLU E 46 -51.82 3.04 21.15
N TRP E 47 -52.42 3.03 22.35
CA TRP E 47 -51.66 2.70 23.56
C TRP E 47 -51.25 1.23 23.51
N VAL E 48 -50.00 0.98 23.88
CA VAL E 48 -49.41 -0.36 23.81
C VAL E 48 -49.22 -0.98 25.19
N SER E 49 -48.53 -0.28 26.08
CA SER E 49 -48.18 -0.85 27.36
C SER E 49 -47.85 0.26 28.35
N SER E 50 -47.96 -0.07 29.63
CA SER E 50 -47.62 0.84 30.71
C SER E 50 -47.06 0.05 31.89
N ILE E 51 -46.10 0.66 32.57
CA ILE E 51 -45.52 0.14 33.79
C ILE E 51 -45.55 1.24 34.84
N SER E 52 -46.13 0.97 36.00
CA SER E 52 -46.25 1.97 37.04
C SER E 52 -44.86 2.35 37.55
N TRP E 53 -44.83 3.42 38.36
CA TRP E 53 -43.56 3.96 38.86
C TRP E 53 -42.72 2.88 39.53
N ASN E 54 -43.35 2.04 40.34
CA ASN E 54 -42.66 0.99 41.08
C ASN E 54 -42.82 -0.39 40.45
N GLY E 55 -43.32 -0.47 39.22
CA GLY E 55 -43.49 -1.75 38.57
C GLY E 55 -44.60 -2.62 39.14
N ALA E 56 -45.37 -2.11 40.09
CA ALA E 56 -46.40 -2.93 40.70
C ALA E 56 -47.58 -3.16 39.77
N ASN E 57 -47.78 -2.30 38.79
CA ASN E 57 -48.90 -2.43 37.87
C ASN E 57 -48.39 -2.30 36.45
N ILE E 58 -48.64 -3.33 35.65
CA ILE E 58 -48.19 -3.41 34.27
C ILE E 58 -49.39 -3.80 33.42
N GLY E 59 -49.57 -3.12 32.30
CA GLY E 59 -50.69 -3.40 31.41
C GLY E 59 -50.23 -3.47 29.97
N TYR E 60 -50.98 -4.22 29.18
CA TYR E 60 -50.69 -4.38 27.76
C TYR E 60 -51.97 -4.34 26.95
N VAL E 61 -51.90 -3.74 25.77
CA VAL E 61 -52.98 -3.89 24.81
C VAL E 61 -53.06 -5.37 24.41
N ASP E 62 -54.28 -5.83 24.17
CA ASP E 62 -54.53 -7.26 23.96
C ASP E 62 -53.63 -7.84 22.86
N SER E 63 -53.42 -7.07 21.80
CA SER E 63 -52.75 -7.58 20.61
C SER E 63 -51.26 -7.83 20.82
N VAL E 64 -50.66 -7.37 21.92
CA VAL E 64 -49.24 -7.59 22.16
C VAL E 64 -48.96 -8.48 23.36
N LYS E 65 -50.01 -8.96 24.04
CA LYS E 65 -49.82 -9.85 25.19
C LYS E 65 -49.10 -11.14 24.78
N GLY E 66 -48.12 -11.54 25.58
CA GLY E 66 -47.32 -12.70 25.30
C GLY E 66 -46.21 -12.47 24.30
N ARG E 67 -46.18 -11.32 23.62
CA ARG E 67 -45.14 -10.97 22.67
C ARG E 67 -44.28 -9.81 23.13
N PHE E 68 -44.86 -8.81 23.77
CA PHE E 68 -44.13 -7.64 24.25
C PHE E 68 -43.95 -7.71 25.77
N THR E 69 -42.84 -7.16 26.23
CA THR E 69 -42.56 -7.06 27.66
C THR E 69 -42.01 -5.67 27.92
N ILE E 70 -42.65 -4.94 28.81
CA ILE E 70 -42.23 -3.61 29.21
C ILE E 70 -41.42 -3.73 30.49
N SER E 71 -40.42 -2.87 30.63
CA SER E 71 -39.62 -2.85 31.85
C SER E 71 -38.90 -1.51 31.95
N ARG E 72 -38.34 -1.24 33.12
CA ARG E 72 -37.67 0.02 33.40
C ARG E 72 -36.42 -0.22 34.22
N ASP E 73 -35.47 0.71 34.12
CA ASP E 73 -34.23 0.69 34.91
C ASP E 73 -34.03 2.10 35.45
N ASN E 74 -34.41 2.32 36.71
CA ASN E 74 -34.34 3.67 37.26
C ASN E 74 -32.90 4.17 37.31
N ALA E 75 -31.93 3.27 37.44
CA ALA E 75 -30.53 3.68 37.49
C ALA E 75 -30.05 4.25 36.15
N LYS E 76 -30.68 3.85 35.04
CA LYS E 76 -30.37 4.40 33.74
C LYS E 76 -31.39 5.44 33.30
N ASN E 77 -32.33 5.82 34.17
CA ASN E 77 -33.44 6.70 33.81
C ASN E 77 -34.09 6.26 32.50
N SER E 78 -34.30 4.96 32.38
CA SER E 78 -34.65 4.40 31.08
C SER E 78 -35.85 3.45 31.15
N LEU E 79 -36.65 3.51 30.10
CA LEU E 79 -37.77 2.61 29.86
C LEU E 79 -37.47 1.73 28.66
N TYR E 80 -37.95 0.49 28.70
CA TYR E 80 -37.65 -0.45 27.63
C TYR E 80 -38.94 -1.13 27.17
N LEU E 81 -38.91 -1.59 25.91
CA LEU E 81 -39.96 -2.40 25.33
C LEU E 81 -39.30 -3.54 24.55
N GLN E 82 -39.39 -4.76 25.09
CA GLN E 82 -38.92 -5.96 24.42
C GLN E 82 -40.03 -6.50 23.54
N MET E 83 -39.82 -6.49 22.22
CA MET E 83 -40.82 -6.88 21.24
C MET E 83 -40.42 -8.20 20.59
N ASN E 84 -41.20 -9.25 20.87
CA ASN E 84 -40.96 -10.58 20.29
C ASN E 84 -42.07 -10.94 19.32
N SER E 85 -41.77 -11.93 18.47
CA SER E 85 -42.74 -12.47 17.49
C SER E 85 -43.40 -11.32 16.73
N LEU E 86 -42.57 -10.45 16.18
CA LEU E 86 -43.03 -9.24 15.54
C LEU E 86 -43.85 -9.54 14.28
N ARG E 87 -44.96 -8.82 14.13
CA ARG E 87 -45.82 -8.95 12.96
C ARG E 87 -45.81 -7.67 12.14
N ALA E 88 -46.31 -7.78 10.92
CA ALA E 88 -46.47 -6.63 10.05
C ALA E 88 -47.29 -5.54 10.74
N GLU E 89 -48.26 -5.95 11.58
CA GLU E 89 -49.11 -5.00 12.31
C GLU E 89 -48.34 -4.20 13.35
N ASP E 90 -47.11 -4.60 13.69
CA ASP E 90 -46.31 -3.85 14.65
C ASP E 90 -45.52 -2.70 14.01
N THR E 91 -45.45 -2.64 12.68
CA THR E 91 -44.81 -1.52 12.01
C THR E 91 -45.50 -0.21 12.39
N ALA E 92 -44.76 0.70 13.02
CA ALA E 92 -45.33 1.92 13.58
C ALA E 92 -44.19 2.79 14.10
N LEU E 93 -44.52 4.05 14.36
CA LEU E 93 -43.67 4.93 15.16
C LEU E 93 -44.02 4.75 16.64
N TYR E 94 -43.01 4.55 17.48
CA TYR E 94 -43.21 4.22 18.88
C TYR E 94 -42.79 5.40 19.77
N TYR E 95 -43.78 5.98 20.48
CA TYR E 95 -43.56 7.03 21.46
C TYR E 95 -43.46 6.43 22.86
N CYS E 96 -42.61 7.00 23.70
CA CYS E 96 -42.74 6.82 25.14
C CYS E 96 -43.23 8.11 25.79
N ALA E 97 -43.91 7.96 26.91
CA ALA E 97 -44.48 9.08 27.64
C ALA E 97 -44.62 8.70 29.10
N ILE E 98 -44.45 9.69 29.98
CA ILE E 98 -44.90 9.49 31.36
C ILE E 98 -46.41 9.35 31.33
N ASP E 99 -46.96 8.60 32.26
CA ASP E 99 -48.41 8.68 32.42
C ASP E 99 -48.76 9.20 33.79
N TRP E 100 -48.70 8.36 34.82
CA TRP E 100 -49.12 8.76 36.16
C TRP E 100 -47.93 9.22 36.98
N TYR E 101 -48.18 10.20 37.85
CA TYR E 101 -47.27 10.51 38.94
C TYR E 101 -47.58 9.54 40.08
N ARG E 102 -46.65 8.62 40.33
CA ARG E 102 -46.79 7.56 41.34
C ARG E 102 -48.15 6.89 41.13
N ASP E 103 -48.95 6.71 42.17
CA ASP E 103 -50.34 6.27 42.03
C ASP E 103 -51.32 7.40 42.35
N ASP E 104 -50.86 8.66 42.29
CA ASP E 104 -51.64 9.79 42.78
C ASP E 104 -52.51 10.42 41.70
N TYR E 105 -51.94 10.78 40.55
CA TYR E 105 -52.74 11.47 39.55
C TYR E 105 -52.14 11.22 38.16
N TYR E 106 -53.04 11.20 37.18
CA TYR E 106 -52.67 11.17 35.78
C TYR E 106 -51.97 12.47 35.39
N LYS E 107 -50.84 12.35 34.69
CA LYS E 107 -50.08 13.52 34.24
C LYS E 107 -49.89 13.49 32.73
N MET E 108 -49.01 12.64 32.20
CA MET E 108 -48.95 12.31 30.77
C MET E 108 -48.80 13.56 29.89
N ASP E 109 -48.02 14.53 30.36
CA ASP E 109 -47.78 15.74 29.59
C ASP E 109 -46.36 15.83 29.06
N VAL E 110 -45.59 14.74 29.11
CA VAL E 110 -44.25 14.71 28.55
C VAL E 110 -44.15 13.51 27.61
N TRP E 111 -43.85 13.78 26.35
CA TRP E 111 -43.75 12.74 25.33
C TRP E 111 -42.42 12.87 24.60
N GLY E 112 -41.89 11.74 24.13
CA GLY E 112 -40.73 11.73 23.26
C GLY E 112 -41.13 12.01 21.82
N LYS E 113 -40.14 11.92 20.94
CA LYS E 113 -40.41 12.17 19.53
C LYS E 113 -40.74 10.91 18.74
N GLY E 114 -40.51 9.74 19.32
CA GLY E 114 -40.80 8.49 18.64
C GLY E 114 -39.60 7.95 17.89
N THR E 115 -39.52 6.63 17.85
CA THR E 115 -38.56 5.91 17.01
C THR E 115 -39.33 4.93 16.13
N THR E 116 -38.82 4.71 14.93
CA THR E 116 -39.55 3.99 13.89
C THR E 116 -39.21 2.51 13.87
N VAL E 117 -40.23 1.65 13.92
CA VAL E 117 -40.06 0.20 13.84
C VAL E 117 -40.71 -0.31 12.56
N THR E 118 -39.94 -1.05 11.76
CA THR E 118 -40.41 -1.61 10.50
C THR E 118 -40.21 -3.11 10.53
N VAL E 119 -41.30 -3.86 10.39
CA VAL E 119 -41.24 -5.32 10.36
C VAL E 119 -41.36 -5.76 8.91
N SER E 120 -40.25 -6.23 8.35
CA SER E 120 -40.18 -6.58 6.93
C SER E 120 -39.03 -7.55 6.71
N SER E 121 -39.19 -8.41 5.71
CA SER E 121 -38.09 -9.27 5.29
C SER E 121 -37.09 -8.53 4.41
N ALA E 122 -37.46 -7.37 3.87
CA ALA E 122 -36.62 -6.69 2.91
C ALA E 122 -35.36 -6.16 3.57
N SER E 123 -34.34 -5.96 2.73
CA SER E 123 -33.03 -5.52 3.19
C SER E 123 -32.97 -4.00 3.28
N THR E 124 -32.09 -3.52 4.15
CA THR E 124 -31.88 -2.09 4.33
C THR E 124 -31.06 -1.55 3.16
N LYS E 125 -31.50 -0.43 2.59
CA LYS E 125 -30.81 0.19 1.48
C LYS E 125 -30.76 1.70 1.66
N GLY E 126 -29.56 2.26 1.51
CA GLY E 126 -29.39 3.69 1.59
C GLY E 126 -29.91 4.31 0.31
N PRO E 127 -30.30 5.58 0.38
CA PRO E 127 -30.97 6.20 -0.77
C PRO E 127 -29.98 6.70 -1.81
N SER E 128 -30.48 6.81 -3.03
CA SER E 128 -29.80 7.56 -4.07
C SER E 128 -30.39 8.95 -4.11
N VAL E 129 -29.53 9.96 -4.28
CA VAL E 129 -29.95 11.35 -4.25
C VAL E 129 -29.68 11.94 -5.63
N PHE E 130 -30.74 12.38 -6.30
CA PHE E 130 -30.66 12.99 -7.61
C PHE E 130 -31.09 14.45 -7.53
N PRO E 131 -30.48 15.32 -8.32
CA PRO E 131 -30.79 16.75 -8.23
C PRO E 131 -32.08 17.15 -8.93
N LEU E 132 -32.79 18.10 -8.33
CA LEU E 132 -33.88 18.83 -8.99
C LEU E 132 -33.39 20.26 -9.21
N ALA E 133 -32.79 20.50 -10.39
CA ALA E 133 -32.11 21.76 -10.67
C ALA E 133 -33.09 22.86 -11.06
N PRO E 134 -32.83 24.10 -10.63
CA PRO E 134 -33.67 25.24 -11.06
C PRO E 134 -33.59 25.47 -12.56
N SER E 135 -34.54 26.24 -13.06
CA SER E 135 -34.62 26.56 -14.49
C SER E 135 -34.13 27.98 -14.77
N THR E 143 -38.87 34.21 -8.53
CA THR E 143 -38.61 33.17 -7.54
C THR E 143 -38.52 31.79 -8.20
N ALA E 144 -37.53 31.00 -7.82
CA ALA E 144 -37.26 29.69 -8.40
C ALA E 144 -37.43 28.59 -7.36
N ALA E 145 -37.60 27.36 -7.86
CA ALA E 145 -37.74 26.19 -7.01
C ALA E 145 -36.68 25.16 -7.37
N LEU E 146 -36.12 24.50 -6.37
CA LEU E 146 -35.12 23.46 -6.58
C LEU E 146 -35.26 22.43 -5.46
N GLY E 147 -34.60 21.30 -5.64
CA GLY E 147 -34.71 20.26 -4.64
C GLY E 147 -33.82 19.08 -4.93
N CYS E 148 -34.08 18.02 -4.17
CA CYS E 148 -33.35 16.75 -4.26
C CYS E 148 -34.36 15.61 -4.33
N LEU E 149 -34.08 14.63 -5.18
CA LEU E 149 -34.91 13.45 -5.31
C LEU E 149 -34.23 12.30 -4.58
N VAL E 150 -34.85 11.84 -3.51
CA VAL E 150 -34.32 10.78 -2.66
C VAL E 150 -35.08 9.50 -2.99
N LYS E 151 -34.46 8.63 -3.80
CA LYS E 151 -35.17 7.54 -4.45
C LYS E 151 -34.60 6.18 -4.04
N ASP E 152 -35.51 5.21 -3.88
CA ASP E 152 -35.16 3.79 -3.74
C ASP E 152 -34.33 3.55 -2.48
N TYR E 153 -34.94 3.83 -1.34
CA TYR E 153 -34.34 3.52 -0.04
C TYR E 153 -35.34 2.73 0.78
N PHE E 154 -34.82 2.06 1.82
CA PHE E 154 -35.67 1.27 2.71
C PHE E 154 -34.94 1.08 4.02
N PRO E 155 -35.62 1.22 5.17
CA PRO E 155 -37.00 1.66 5.36
C PRO E 155 -37.05 3.15 5.66
N GLU E 156 -38.21 3.66 6.07
CA GLU E 156 -38.23 4.99 6.63
C GLU E 156 -37.61 4.97 8.04
N PRO E 157 -37.13 6.14 8.52
CA PRO E 157 -37.22 7.41 7.82
C PRO E 157 -35.93 7.93 7.24
N VAL E 158 -36.06 9.00 6.44
CA VAL E 158 -34.94 9.86 6.11
C VAL E 158 -35.32 11.27 6.52
N THR E 159 -34.32 12.04 6.92
CA THR E 159 -34.48 13.46 7.17
C THR E 159 -33.66 14.22 6.16
N VAL E 160 -34.19 15.35 5.71
CA VAL E 160 -33.50 16.21 4.77
C VAL E 160 -33.46 17.60 5.37
N SER E 161 -32.28 18.19 5.41
CA SER E 161 -32.11 19.58 5.77
C SER E 161 -31.42 20.28 4.60
N TRP E 162 -31.39 21.60 4.65
CA TRP E 162 -30.77 22.38 3.59
C TRP E 162 -29.71 23.29 4.19
N ASN E 163 -28.51 23.23 3.60
CA ASN E 163 -27.38 24.02 4.09
C ASN E 163 -27.15 23.78 5.57
N SER E 164 -27.20 22.50 5.96
CA SER E 164 -26.96 22.06 7.34
C SER E 164 -27.91 22.76 8.32
N GLY E 165 -29.17 22.91 7.91
CA GLY E 165 -30.18 23.54 8.74
C GLY E 165 -30.26 25.05 8.62
N ALA E 166 -29.38 25.67 7.83
CA ALA E 166 -29.41 27.12 7.69
C ALA E 166 -30.63 27.58 6.91
N LEU E 167 -31.03 26.84 5.87
CA LEU E 167 -32.17 27.21 5.05
C LEU E 167 -33.38 26.41 5.52
N THR E 168 -34.38 27.12 6.05
CA THR E 168 -35.58 26.48 6.58
C THR E 168 -36.86 27.07 5.99
N SER E 169 -36.91 28.38 5.77
CA SER E 169 -38.11 29.00 5.21
C SER E 169 -38.29 28.60 3.76
N GLY E 170 -39.53 28.29 3.39
CA GLY E 170 -39.82 27.88 2.03
C GLY E 170 -39.49 26.44 1.72
N VAL E 171 -39.08 25.65 2.71
CA VAL E 171 -38.73 24.26 2.49
C VAL E 171 -39.98 23.40 2.63
N HIS E 172 -40.14 22.45 1.72
CA HIS E 172 -41.17 21.43 1.80
C HIS E 172 -40.51 20.08 1.53
N THR E 173 -40.46 19.22 2.54
CA THR E 173 -40.02 17.85 2.38
C THR E 173 -41.26 16.96 2.35
N PHE E 174 -41.51 16.33 1.21
CA PHE E 174 -42.72 15.58 1.00
C PHE E 174 -42.70 14.22 1.72
N PRO E 175 -43.86 13.74 2.13
CA PRO E 175 -43.94 12.37 2.65
C PRO E 175 -43.46 11.38 1.60
N ALA E 176 -42.81 10.32 2.07
CA ALA E 176 -42.32 9.30 1.16
C ALA E 176 -43.49 8.51 0.57
N VAL E 177 -43.27 8.00 -0.64
CA VAL E 177 -44.23 7.11 -1.30
C VAL E 177 -43.59 5.74 -1.45
N LEU E 178 -44.40 4.70 -1.25
CA LEU E 178 -43.95 3.34 -1.48
C LEU E 178 -44.18 3.02 -2.96
N GLN E 179 -43.08 2.76 -3.67
CA GLN E 179 -43.14 2.44 -5.08
C GLN E 179 -43.54 0.99 -5.29
N SER E 180 -43.90 0.66 -6.53
CA SER E 180 -44.26 -0.72 -6.84
C SER E 180 -43.09 -1.68 -6.59
N SER E 181 -41.85 -1.17 -6.57
CA SER E 181 -40.70 -2.00 -6.28
C SER E 181 -40.57 -2.36 -4.80
N GLY E 182 -41.32 -1.69 -3.92
CA GLY E 182 -41.14 -1.89 -2.50
C GLY E 182 -40.16 -0.96 -1.82
N LEU E 183 -39.52 -0.06 -2.56
CA LEU E 183 -38.61 0.92 -2.00
C LEU E 183 -39.32 2.26 -1.84
N TYR E 184 -38.85 3.07 -0.89
CA TYR E 184 -39.44 4.37 -0.65
C TYR E 184 -38.73 5.42 -1.48
N SER E 185 -39.44 6.53 -1.71
CA SER E 185 -38.88 7.64 -2.44
C SER E 185 -39.61 8.90 -2.00
N LEU E 186 -38.85 9.99 -1.87
CA LEU E 186 -39.44 11.29 -1.55
C LEU E 186 -38.62 12.39 -2.19
N SER E 187 -39.22 13.57 -2.23
CA SER E 187 -38.54 14.77 -2.70
C SER E 187 -38.59 15.83 -1.61
N SER E 188 -37.53 16.62 -1.52
CA SER E 188 -37.51 17.82 -0.68
C SER E 188 -37.19 19.00 -1.58
N VAL E 189 -38.05 20.01 -1.56
CA VAL E 189 -37.89 21.18 -2.42
C VAL E 189 -37.89 22.43 -1.55
N VAL E 190 -37.35 23.50 -2.12
CA VAL E 190 -37.35 24.81 -1.46
C VAL E 190 -37.43 25.86 -2.55
N THR E 191 -38.19 26.92 -2.28
CA THR E 191 -38.26 28.04 -3.19
C THR E 191 -37.26 29.10 -2.76
N VAL E 192 -36.53 29.63 -3.72
CA VAL E 192 -35.47 30.59 -3.42
C VAL E 192 -35.59 31.77 -4.37
N PRO E 193 -35.05 32.92 -4.00
CA PRO E 193 -35.06 34.08 -4.90
C PRO E 193 -34.33 33.75 -6.21
N SER E 194 -34.93 34.18 -7.32
CA SER E 194 -34.35 33.93 -8.63
C SER E 194 -32.96 34.52 -8.76
N SER E 195 -32.66 35.57 -8.00
CA SER E 195 -31.36 36.22 -8.07
C SER E 195 -30.24 35.42 -7.40
N SER E 196 -30.57 34.62 -6.38
CA SER E 196 -29.55 33.89 -5.64
C SER E 196 -29.09 32.62 -6.35
N LEU E 197 -29.64 32.30 -7.51
CA LEU E 197 -29.26 31.06 -8.18
C LEU E 197 -27.79 31.07 -8.55
N GLY E 198 -27.27 32.22 -8.97
CA GLY E 198 -25.86 32.30 -9.30
C GLY E 198 -24.95 32.62 -8.12
N THR E 199 -25.54 33.09 -7.01
CA THR E 199 -24.76 33.51 -5.85
C THR E 199 -24.79 32.48 -4.73
N GLN E 200 -25.97 32.09 -4.27
CA GLN E 200 -26.07 31.19 -3.13
C GLN E 200 -25.94 29.74 -3.60
N THR E 201 -25.21 28.94 -2.83
CA THR E 201 -25.05 27.52 -3.10
C THR E 201 -26.08 26.74 -2.29
N TYR E 202 -26.66 25.71 -2.92
CA TYR E 202 -27.74 24.94 -2.33
C TYR E 202 -27.37 23.46 -2.26
N ILE E 203 -27.32 22.92 -1.04
CA ILE E 203 -27.02 21.50 -0.82
C ILE E 203 -28.02 20.93 0.17
N CYS E 204 -28.68 19.84 -0.22
CA CYS E 204 -29.56 19.11 0.66
C CYS E 204 -28.76 18.06 1.42
N ASN E 205 -29.12 17.86 2.69
CA ASN E 205 -28.42 16.93 3.56
C ASN E 205 -29.36 15.77 3.86
N VAL E 206 -29.14 14.66 3.19
CA VAL E 206 -29.98 13.47 3.36
C VAL E 206 -29.29 12.56 4.35
N ASN E 207 -30.01 12.17 5.40
CA ASN E 207 -29.48 11.30 6.44
C ASN E 207 -30.46 10.14 6.57
N HIS E 208 -29.95 8.94 6.37
CA HIS E 208 -30.74 7.71 6.48
C HIS E 208 -30.08 6.85 7.55
N LYS E 209 -30.54 6.99 8.79
CA LYS E 209 -29.94 6.27 9.91
C LYS E 209 -29.95 4.75 9.74
N PRO E 210 -31.03 4.10 9.30
CA PRO E 210 -31.02 2.62 9.25
C PRO E 210 -29.86 2.01 8.47
N SER E 211 -29.32 2.71 7.47
CA SER E 211 -28.21 2.21 6.68
C SER E 211 -26.91 2.99 6.89
N ASN E 212 -26.91 3.96 7.81
CA ASN E 212 -25.75 4.83 8.04
C ASN E 212 -25.33 5.55 6.75
N THR E 213 -26.31 5.93 5.94
CA THR E 213 -26.08 6.65 4.70
C THR E 213 -26.27 8.13 4.94
N LYS E 214 -25.21 8.91 4.73
CA LYS E 214 -25.29 10.37 4.80
C LYS E 214 -24.73 10.89 3.49
N VAL E 215 -25.56 11.65 2.76
CA VAL E 215 -25.20 12.16 1.45
C VAL E 215 -25.50 13.64 1.42
N ASP E 216 -24.56 14.44 0.91
CA ASP E 216 -24.77 15.86 0.65
C ASP E 216 -24.65 16.06 -0.85
N LYS E 217 -25.77 16.38 -1.50
CA LYS E 217 -25.82 16.53 -2.94
C LYS E 217 -25.95 18.01 -3.28
N ARG E 218 -25.13 18.48 -4.22
CA ARG E 218 -25.17 19.85 -4.67
C ARG E 218 -26.18 19.98 -5.79
N VAL E 219 -27.13 20.90 -5.65
CA VAL E 219 -28.15 21.16 -6.65
C VAL E 219 -27.83 22.52 -7.27
N GLU E 220 -27.41 22.51 -8.53
CA GLU E 220 -26.99 23.71 -9.22
C GLU E 220 -27.70 23.79 -10.57
N PRO E 221 -27.86 25.00 -11.11
CA PRO E 221 -28.47 25.14 -12.44
C PRO E 221 -27.60 24.50 -13.53
N LYS E 222 -28.27 23.94 -14.52
CA LYS E 222 -27.58 23.29 -15.65
C LYS E 222 -26.93 24.31 -16.58
N GLU F 1 -62.67 -4.52 26.46
CA GLU F 1 -61.97 -3.29 26.09
C GLU F 1 -62.95 -2.16 25.91
N ILE F 2 -62.60 -0.97 26.39
CA ILE F 2 -63.46 0.20 26.22
C ILE F 2 -63.33 0.69 24.79
N VAL F 3 -64.45 0.99 24.16
CA VAL F 3 -64.47 1.45 22.77
C VAL F 3 -64.68 2.95 22.77
N MET F 4 -63.72 3.67 22.16
CA MET F 4 -63.76 5.12 22.06
C MET F 4 -64.13 5.51 20.64
N THR F 5 -65.24 6.25 20.51
CA THR F 5 -65.74 6.69 19.21
C THR F 5 -65.68 8.21 19.18
N GLN F 6 -64.93 8.76 18.23
CA GLN F 6 -64.79 10.20 18.05
C GLN F 6 -65.57 10.64 16.82
N SER F 7 -66.07 11.87 16.89
CA SER F 7 -66.80 12.44 15.75
C SER F 7 -66.60 13.94 15.76
N PRO F 8 -66.53 14.57 14.57
CA PRO F 8 -66.52 13.97 13.24
C PRO F 8 -65.14 13.46 12.88
N ALA F 9 -65.03 12.66 11.82
CA ALA F 9 -63.72 12.18 11.39
C ALA F 9 -62.86 13.35 10.91
N THR F 10 -63.46 14.29 10.18
CA THR F 10 -62.75 15.46 9.68
C THR F 10 -63.59 16.70 9.91
N LEU F 11 -62.89 17.84 9.97
CA LEU F 11 -63.53 19.11 10.24
C LEU F 11 -62.72 20.22 9.59
N SER F 12 -63.43 21.15 8.96
CA SER F 12 -62.81 22.28 8.27
C SER F 12 -63.46 23.54 8.83
N VAL F 13 -62.64 24.40 9.42
CA VAL F 13 -63.13 25.52 10.22
C VAL F 13 -62.30 26.76 9.88
N SER F 14 -62.97 27.93 9.84
CA SER F 14 -62.29 29.17 9.49
C SER F 14 -61.64 29.78 10.72
N PRO F 15 -60.57 30.55 10.54
CA PRO F 15 -59.93 31.20 11.69
C PRO F 15 -60.91 32.13 12.39
N GLY F 16 -60.83 32.17 13.72
CA GLY F 16 -61.72 32.96 14.53
C GLY F 16 -63.01 32.26 14.93
N GLU F 17 -63.42 31.23 14.19
CA GLU F 17 -64.60 30.48 14.52
C GLU F 17 -64.27 29.48 15.63
N ARG F 18 -65.21 28.59 15.95
CA ARG F 18 -65.01 27.56 16.96
C ARG F 18 -65.45 26.22 16.42
N ALA F 19 -64.84 25.16 16.95
CA ALA F 19 -65.11 23.79 16.55
C ALA F 19 -65.36 22.95 17.79
N THR F 20 -66.36 22.08 17.71
CA THR F 20 -66.69 21.17 18.79
C THR F 20 -66.42 19.74 18.35
N LEU F 21 -65.66 19.02 19.14
CA LEU F 21 -65.30 17.64 18.87
C LEU F 21 -65.98 16.75 19.90
N SER F 22 -66.51 15.62 19.45
CA SER F 22 -67.28 14.73 20.31
C SER F 22 -66.53 13.42 20.47
N CYS F 23 -66.64 12.85 21.67
CA CYS F 23 -65.99 11.58 22.00
C CYS F 23 -66.95 10.78 22.85
N ARG F 24 -67.14 9.51 22.51
CA ARG F 24 -68.05 8.63 23.26
C ARG F 24 -67.31 7.39 23.72
N ALA F 25 -67.49 7.03 24.98
CA ALA F 25 -66.99 5.79 25.55
C ALA F 25 -68.12 4.77 25.64
N SER F 26 -67.82 3.50 25.36
CA SER F 26 -68.85 2.46 25.36
C SER F 26 -69.37 2.16 26.76
N ARG F 27 -68.63 2.51 27.81
CA ARG F 27 -69.09 2.40 29.19
C ARG F 27 -68.51 3.57 29.96
N SER F 28 -69.07 3.81 31.15
CA SER F 28 -68.66 4.99 31.90
C SER F 28 -67.19 4.97 32.23
N ILE F 29 -66.52 6.08 31.96
CA ILE F 29 -65.14 6.29 32.35
C ILE F 29 -65.02 7.40 33.37
N ARG F 30 -66.15 7.75 34.01
CA ARG F 30 -66.23 8.82 35.00
C ARG F 30 -65.69 10.10 34.38
N SER F 31 -64.64 10.70 34.93
CA SER F 31 -64.06 11.90 34.36
C SER F 31 -62.69 11.66 33.77
N ALA F 32 -62.27 10.40 33.68
CA ALA F 32 -60.93 10.06 33.22
C ALA F 32 -60.87 10.11 31.69
N LEU F 33 -61.06 11.32 31.17
CA LEU F 33 -60.97 11.55 29.74
C LEU F 33 -60.02 12.69 29.48
N ALA F 34 -59.09 12.47 28.55
CA ALA F 34 -58.10 13.46 28.14
C ALA F 34 -58.28 13.78 26.66
N TRP F 35 -57.84 14.98 26.26
CA TRP F 35 -57.81 15.40 24.87
C TRP F 35 -56.38 15.73 24.46
N TYR F 36 -55.99 15.34 23.24
CA TYR F 36 -54.65 15.57 22.76
C TYR F 36 -54.70 16.27 21.42
N GLN F 37 -53.73 17.15 21.20
CA GLN F 37 -53.46 17.73 19.90
C GLN F 37 -52.20 17.10 19.34
N HIS F 38 -52.24 16.69 18.07
CA HIS F 38 -51.10 16.04 17.42
C HIS F 38 -50.83 16.70 16.07
N LYS F 39 -49.85 17.61 16.03
CA LYS F 39 -49.42 18.21 14.77
C LYS F 39 -48.45 17.28 14.07
N PRO F 40 -48.50 17.20 12.75
CA PRO F 40 -47.63 16.26 12.04
C PRO F 40 -46.15 16.53 12.30
N GLY F 41 -45.41 15.45 12.58
CA GLY F 41 -44.00 15.55 12.86
C GLY F 41 -43.63 15.85 14.30
N GLN F 42 -44.59 16.03 15.18
CA GLN F 42 -44.32 16.40 16.57
C GLN F 42 -44.96 15.41 17.52
N ALA F 43 -44.53 15.48 18.78
CA ALA F 43 -45.09 14.60 19.79
C ALA F 43 -46.50 15.05 20.15
N PRO F 44 -47.36 14.12 20.55
CA PRO F 44 -48.69 14.50 21.00
C PRO F 44 -48.61 15.47 22.16
N ARG F 45 -49.60 16.35 22.25
CA ARG F 45 -49.60 17.43 23.24
C ARG F 45 -50.89 17.39 24.03
N LEU F 46 -50.78 17.20 25.35
CA LEU F 46 -51.95 17.12 26.20
C LEU F 46 -52.61 18.49 26.30
N LEU F 47 -53.92 18.53 26.05
CA LEU F 47 -54.71 19.75 26.16
C LEU F 47 -55.58 19.77 27.41
N ILE F 48 -56.31 18.68 27.65
CA ILE F 48 -57.31 18.58 28.71
C ILE F 48 -57.11 17.23 29.39
N PHE F 49 -57.21 17.21 30.71
CA PHE F 49 -57.35 15.97 31.48
C PHE F 49 -58.52 16.12 32.45
N GLY F 50 -58.95 15.00 33.02
CA GLY F 50 -60.11 15.05 33.89
C GLY F 50 -61.35 15.58 33.22
N ALA F 51 -61.46 15.39 31.89
CA ALA F 51 -62.59 15.84 31.08
C ALA F 51 -62.65 17.35 30.87
N SER F 52 -62.37 18.14 31.92
CA SER F 52 -62.59 19.59 31.82
C SER F 52 -61.44 20.45 32.35
N THR F 53 -60.29 19.88 32.72
CA THR F 53 -59.22 20.67 33.33
C THR F 53 -58.14 20.88 32.29
N ARG F 54 -57.77 22.14 32.06
CA ARG F 54 -56.73 22.45 31.09
CA ARG F 54 -56.73 22.43 31.08
C ARG F 54 -55.36 22.06 31.62
N ALA F 55 -54.54 21.47 30.75
CA ALA F 55 -53.18 21.16 31.15
C ALA F 55 -52.39 22.46 31.32
N THR F 56 -51.21 22.33 31.91
CA THR F 56 -50.41 23.52 32.23
C THR F 56 -50.08 24.29 30.95
N GLY F 57 -50.31 25.60 30.98
CA GLY F 57 -50.03 26.46 29.85
C GLY F 57 -51.04 26.44 28.71
N ILE F 58 -52.10 25.66 28.82
CA ILE F 58 -53.10 25.60 27.76
C ILE F 58 -54.07 26.77 27.91
N PRO F 59 -54.29 27.57 26.87
CA PRO F 59 -55.17 28.73 27.00
C PRO F 59 -56.64 28.34 27.10
N ALA F 60 -57.44 29.27 27.63
CA ALA F 60 -58.84 29.02 27.90
C ALA F 60 -59.68 28.78 26.66
N ARG F 61 -59.18 29.09 25.46
CA ARG F 61 -59.96 28.81 24.26
C ARG F 61 -60.09 27.31 24.00
N PHE F 62 -59.41 26.48 24.76
CA PHE F 62 -59.63 25.03 24.76
C PHE F 62 -60.55 24.73 25.94
N SER F 63 -61.77 24.27 25.64
CA SER F 63 -62.78 24.03 26.66
C SER F 63 -63.29 22.60 26.53
N GLY F 64 -63.15 21.83 27.60
CA GLY F 64 -63.58 20.44 27.61
C GLY F 64 -64.69 20.24 28.63
N SER F 65 -65.63 19.36 28.30
CA SER F 65 -66.67 19.00 29.25
C SER F 65 -67.10 17.57 28.98
N GLY F 66 -67.81 17.00 29.94
CA GLY F 66 -68.26 15.63 29.82
C GLY F 66 -68.04 14.78 31.06
N SER F 67 -68.75 13.66 31.14
CA SER F 67 -68.74 12.76 32.27
C SER F 67 -69.43 11.47 31.87
N GLY F 68 -68.90 10.35 32.30
CA GLY F 68 -69.53 9.08 32.00
C GLY F 68 -69.15 8.53 30.64
N THR F 69 -70.03 8.70 29.65
CA THR F 69 -69.78 8.18 28.31
C THR F 69 -69.66 9.26 27.23
N ASP F 70 -70.19 10.46 27.46
CA ASP F 70 -70.23 11.51 26.45
C ASP F 70 -69.35 12.68 26.85
N PHE F 71 -68.48 13.12 25.93
CA PHE F 71 -67.53 14.20 26.19
C PHE F 71 -67.41 15.08 24.95
N THR F 72 -67.05 16.34 25.17
CA THR F 72 -66.80 17.26 24.06
C THR F 72 -65.58 18.12 24.35
N LEU F 73 -64.91 18.50 23.27
CA LEU F 73 -63.86 19.51 23.29
C LEU F 73 -64.29 20.63 22.34
N THR F 74 -64.30 21.86 22.83
CA THR F 74 -64.61 23.03 22.01
C THR F 74 -63.36 23.91 21.93
N VAL F 75 -62.95 24.23 20.71
CA VAL F 75 -61.78 25.05 20.48
C VAL F 75 -62.23 26.32 19.79
N SER F 76 -62.12 27.43 20.50
CA SER F 76 -62.56 28.72 19.98
C SER F 76 -61.36 29.56 19.56
N SER F 77 -61.65 30.71 18.93
CA SER F 77 -60.64 31.57 18.33
C SER F 77 -59.64 30.75 17.53
N ILE F 78 -60.18 29.92 16.64
CA ILE F 78 -59.37 29.02 15.83
C ILE F 78 -58.33 29.82 15.06
N ARG F 79 -57.11 29.31 15.00
CA ARG F 79 -56.05 29.92 14.20
CA ARG F 79 -56.03 29.91 14.23
C ARG F 79 -55.38 28.86 13.34
N SER F 80 -54.61 29.33 12.36
CA SER F 80 -53.99 28.42 11.41
C SER F 80 -53.14 27.35 12.09
N GLU F 81 -52.49 27.69 13.22
CA GLU F 81 -51.68 26.71 13.94
C GLU F 81 -52.50 25.58 14.55
N ASP F 82 -53.84 25.69 14.60
CA ASP F 82 -54.65 24.61 15.15
C ASP F 82 -54.81 23.44 14.18
N SER F 83 -54.32 23.58 12.94
CA SER F 83 -54.36 22.50 11.97
C SER F 83 -53.62 21.28 12.51
N ALA F 84 -54.34 20.21 12.82
CA ALA F 84 -53.79 19.07 13.54
C ALA F 84 -54.84 17.96 13.60
N VAL F 85 -54.43 16.81 14.14
CA VAL F 85 -55.34 15.73 14.49
C VAL F 85 -55.57 15.79 15.99
N TYR F 86 -56.83 15.67 16.41
CA TYR F 86 -57.19 15.75 17.83
C TYR F 86 -57.75 14.41 18.30
N TYR F 87 -57.23 13.93 19.41
CA TYR F 87 -57.63 12.64 19.96
C TYR F 87 -58.21 12.81 21.36
N CYS F 88 -59.21 12.00 21.67
CA CYS F 88 -59.55 11.77 23.07
C CYS F 88 -58.90 10.48 23.56
N GLN F 89 -58.80 10.35 24.88
CA GLN F 89 -58.18 9.18 25.50
C GLN F 89 -58.78 8.93 26.87
N GLN F 90 -59.39 7.76 27.05
CA GLN F 90 -59.84 7.37 28.38
C GLN F 90 -58.66 6.82 29.16
N TYR F 91 -58.63 7.14 30.45
CA TYR F 91 -57.63 6.58 31.33
C TYR F 91 -58.26 6.10 32.63
N ASP F 92 -59.50 5.63 32.53
CA ASP F 92 -60.17 5.06 33.70
C ASP F 92 -59.71 3.63 33.94
N PHE F 93 -59.46 2.88 32.87
CA PHE F 93 -58.97 1.51 32.95
C PHE F 93 -57.91 1.35 31.86
N TRP F 94 -56.64 1.50 32.24
CA TRP F 94 -55.54 1.63 31.29
C TRP F 94 -55.85 2.77 30.33
N TYR F 95 -55.52 2.65 29.04
CA TYR F 95 -55.58 3.79 28.14
C TYR F 95 -56.11 3.36 26.78
N THR F 96 -57.00 4.17 26.21
CA THR F 96 -57.55 3.92 24.89
C THR F 96 -57.79 5.24 24.18
N PHE F 97 -57.19 5.40 23.01
CA PHE F 97 -57.43 6.58 22.19
C PHE F 97 -58.65 6.39 21.30
N GLY F 98 -59.33 7.51 21.01
CA GLY F 98 -60.27 7.55 19.91
C GLY F 98 -59.54 7.59 18.59
N GLN F 99 -60.31 7.50 17.49
CA GLN F 99 -59.69 7.47 16.17
C GLN F 99 -59.20 8.83 15.70
N GLY F 100 -59.59 9.92 16.36
CA GLY F 100 -59.05 11.22 16.03
C GLY F 100 -59.96 12.01 15.10
N THR F 101 -59.81 13.33 15.15
CA THR F 101 -60.48 14.24 14.24
C THR F 101 -59.42 15.09 13.54
N LYS F 102 -59.40 15.03 12.22
CA LYS F 102 -58.45 15.84 11.44
C LYS F 102 -59.09 17.20 11.21
N LEU F 103 -58.48 18.25 11.77
CA LEU F 103 -59.02 19.60 11.70
C LEU F 103 -58.24 20.40 10.67
N GLU F 104 -58.92 20.85 9.62
CA GLU F 104 -58.32 21.69 8.59
C GLU F 104 -58.77 23.13 8.77
N ILE F 105 -57.87 24.06 8.45
CA ILE F 105 -58.12 25.49 8.55
C ILE F 105 -58.45 26.04 7.16
N LYS F 106 -59.61 26.69 7.04
CA LYS F 106 -60.03 27.31 5.79
C LYS F 106 -59.29 28.63 5.59
N ARG F 107 -58.88 28.90 4.35
CA ARG F 107 -58.32 30.20 3.96
C ARG F 107 -58.86 30.59 2.59
N THR F 108 -58.42 31.74 2.08
CA THR F 108 -58.78 32.17 0.75
C THR F 108 -58.10 31.31 -0.30
N VAL F 109 -58.60 31.40 -1.53
CA VAL F 109 -58.06 30.59 -2.61
C VAL F 109 -56.64 31.04 -2.93
N ALA F 110 -55.76 30.06 -3.14
CA ALA F 110 -54.38 30.32 -3.52
C ALA F 110 -54.00 29.35 -4.63
N ALA F 111 -53.60 29.90 -5.77
CA ALA F 111 -53.28 29.04 -6.90
C ALA F 111 -51.93 28.34 -6.69
N PRO F 112 -51.76 27.16 -7.26
CA PRO F 112 -50.46 26.49 -7.18
C PRO F 112 -49.45 27.21 -8.04
N SER F 113 -48.24 27.35 -7.53
CA SER F 113 -47.10 27.69 -8.37
C SER F 113 -46.51 26.38 -8.86
N VAL F 114 -46.49 26.20 -10.18
CA VAL F 114 -46.20 24.91 -10.81
C VAL F 114 -44.79 24.96 -11.40
N PHE F 115 -44.01 23.91 -11.16
CA PHE F 115 -42.67 23.72 -11.70
C PHE F 115 -42.54 22.29 -12.17
N ILE F 116 -41.79 22.08 -13.26
CA ILE F 116 -41.50 20.74 -13.77
C ILE F 116 -39.98 20.54 -13.73
N PHE F 117 -39.57 19.33 -13.37
CA PHE F 117 -38.15 18.98 -13.28
C PHE F 117 -37.86 17.78 -14.17
N PRO F 118 -36.94 17.89 -15.11
CA PRO F 118 -36.57 16.73 -15.94
C PRO F 118 -35.69 15.76 -15.17
N PRO F 119 -35.54 14.52 -15.63
CA PRO F 119 -34.63 13.58 -14.95
C PRO F 119 -33.20 14.09 -15.01
N SER F 120 -32.49 13.90 -13.91
CA SER F 120 -31.06 14.23 -13.87
C SER F 120 -30.26 13.27 -14.74
N ASP F 121 -29.15 13.78 -15.30
CA ASP F 121 -28.25 12.94 -16.06
C ASP F 121 -27.66 11.83 -15.20
N GLU F 122 -27.42 12.12 -13.92
CA GLU F 122 -26.92 11.11 -13.00
C GLU F 122 -27.88 9.94 -12.91
N GLN F 123 -29.18 10.22 -12.90
CA GLN F 123 -30.19 9.17 -12.76
C GLN F 123 -30.32 8.32 -14.02
N LEU F 124 -30.21 8.93 -15.20
CA LEU F 124 -30.34 8.17 -16.44
C LEU F 124 -29.27 7.09 -16.57
N LYS F 125 -28.11 7.28 -15.93
CA LYS F 125 -27.09 6.24 -15.94
C LYS F 125 -27.58 4.95 -15.30
N SER F 126 -28.50 5.03 -14.33
CA SER F 126 -29.06 3.84 -13.70
C SER F 126 -30.17 3.19 -14.53
N GLY F 127 -30.64 3.83 -15.59
CA GLY F 127 -31.65 3.24 -16.46
C GLY F 127 -33.08 3.60 -16.15
N THR F 128 -33.32 4.55 -15.26
CA THR F 128 -34.67 4.96 -14.90
C THR F 128 -34.79 6.47 -15.05
N ALA F 129 -35.98 6.93 -15.45
CA ALA F 129 -36.27 8.35 -15.60
C ALA F 129 -37.42 8.71 -14.67
N SER F 130 -37.20 9.68 -13.80
CA SER F 130 -38.23 10.24 -12.92
C SER F 130 -38.48 11.68 -13.30
N VAL F 131 -39.71 11.98 -13.73
CA VAL F 131 -40.12 13.34 -14.03
C VAL F 131 -40.95 13.81 -12.84
N VAL F 132 -40.56 14.94 -12.24
CA VAL F 132 -41.17 15.45 -11.03
C VAL F 132 -41.86 16.77 -11.35
N CYS F 133 -43.11 16.91 -10.92
CA CYS F 133 -43.88 18.14 -11.05
C CYS F 133 -44.26 18.64 -9.66
N LEU F 134 -43.98 19.91 -9.38
CA LEU F 134 -44.22 20.51 -8.07
C LEU F 134 -45.35 21.52 -8.16
N LEU F 135 -46.35 21.38 -7.27
CA LEU F 135 -47.42 22.35 -7.08
C LEU F 135 -47.23 22.97 -5.70
N ASN F 136 -46.90 24.25 -5.66
CA ASN F 136 -46.42 24.88 -4.45
C ASN F 136 -47.45 25.84 -3.86
N ASN F 137 -47.74 25.67 -2.58
CA ASN F 137 -48.47 26.65 -1.75
C ASN F 137 -49.82 27.02 -2.35
N PHE F 138 -50.73 26.06 -2.33
CA PHE F 138 -52.07 26.27 -2.88
C PHE F 138 -53.14 25.92 -1.86
N TYR F 139 -54.34 26.43 -2.12
CA TYR F 139 -55.53 26.10 -1.33
C TYR F 139 -56.73 26.32 -2.22
N PRO F 140 -57.73 25.42 -2.19
CA PRO F 140 -57.85 24.23 -1.35
C PRO F 140 -57.00 23.04 -1.81
N ARG F 141 -57.12 21.93 -1.08
CA ARG F 141 -56.25 20.77 -1.28
C ARG F 141 -56.50 20.08 -2.61
N GLU F 142 -57.73 20.14 -3.12
CA GLU F 142 -58.12 19.37 -4.29
C GLU F 142 -57.40 19.88 -5.53
N ALA F 143 -56.70 18.98 -6.22
CA ALA F 143 -56.01 19.34 -7.45
C ALA F 143 -55.92 18.11 -8.34
N LYS F 144 -55.90 18.34 -9.65
CA LYS F 144 -55.77 17.26 -10.62
C LYS F 144 -54.46 17.46 -11.38
N VAL F 145 -53.64 16.42 -11.43
CA VAL F 145 -52.40 16.44 -12.19
C VAL F 145 -52.50 15.34 -13.24
N GLN F 146 -52.30 15.70 -14.51
CA GLN F 146 -52.31 14.77 -15.61
C GLN F 146 -50.98 14.86 -16.34
N TRP F 147 -50.35 13.71 -16.56
CA TRP F 147 -49.12 13.66 -17.34
C TRP F 147 -49.47 13.37 -18.78
N LYS F 148 -48.89 14.13 -19.68
CA LYS F 148 -49.05 13.92 -21.11
C LYS F 148 -47.67 13.74 -21.73
N VAL F 149 -47.49 12.64 -22.44
CA VAL F 149 -46.23 12.33 -23.12
C VAL F 149 -46.52 12.32 -24.61
N ASP F 150 -45.94 13.29 -25.33
CA ASP F 150 -46.28 13.55 -26.74
C ASP F 150 -47.80 13.70 -26.90
N ASN F 151 -48.41 14.41 -25.96
CA ASN F 151 -49.84 14.72 -25.90
C ASN F 151 -50.70 13.49 -25.60
N ALA F 152 -50.09 12.36 -25.28
CA ALA F 152 -50.83 11.16 -24.91
C ALA F 152 -50.98 11.12 -23.40
N LEU F 153 -52.22 11.05 -22.92
CA LEU F 153 -52.47 11.05 -21.48
C LEU F 153 -51.91 9.79 -20.83
N GLN F 154 -51.12 9.97 -19.77
CA GLN F 154 -50.50 8.86 -19.07
C GLN F 154 -51.41 8.36 -17.96
N SER F 155 -51.26 7.07 -17.64
CA SER F 155 -52.05 6.45 -16.59
C SER F 155 -51.29 5.27 -16.02
N GLY F 156 -51.19 5.23 -14.69
CA GLY F 156 -50.59 4.11 -14.00
C GLY F 156 -49.10 4.21 -13.72
N ASN F 157 -48.42 5.22 -14.27
CA ASN F 157 -46.97 5.35 -14.13
C ASN F 157 -46.58 6.60 -13.34
N SER F 158 -47.47 7.09 -12.48
CA SER F 158 -47.19 8.30 -11.70
C SER F 158 -47.65 8.10 -10.25
N GLN F 159 -47.06 8.90 -9.36
CA GLN F 159 -47.38 8.84 -7.93
C GLN F 159 -47.31 10.23 -7.34
N GLU F 160 -48.24 10.54 -6.44
CA GLU F 160 -48.36 11.86 -5.84
C GLU F 160 -47.99 11.87 -4.37
N SER F 161 -47.61 13.04 -3.89
CA SER F 161 -47.31 13.28 -2.48
C SER F 161 -47.77 14.68 -2.12
N VAL F 162 -48.46 14.82 -0.99
CA VAL F 162 -48.99 16.11 -0.54
C VAL F 162 -48.43 16.41 0.84
N THR F 163 -47.98 17.64 1.06
CA THR F 163 -47.57 18.01 2.39
C THR F 163 -48.78 18.16 3.30
N GLU F 164 -48.53 18.09 4.60
CA GLU F 164 -49.56 18.47 5.54
C GLU F 164 -49.82 19.95 5.42
N GLN F 165 -50.99 20.38 5.89
CA GLN F 165 -51.34 21.79 5.79
C GLN F 165 -50.31 22.62 6.54
N ASP F 166 -49.87 23.69 5.92
CA ASP F 166 -48.89 24.57 6.54
C ASP F 166 -49.51 25.26 7.75
N SER F 167 -48.78 25.29 8.86
CA SER F 167 -49.35 25.84 10.08
C SER F 167 -49.41 27.36 10.08
N LYS F 168 -48.67 28.02 9.18
CA LYS F 168 -48.62 29.48 9.14
C LYS F 168 -49.55 30.08 8.09
N ASP F 169 -49.52 29.57 6.86
CA ASP F 169 -50.33 30.13 5.78
C ASP F 169 -51.45 29.20 5.31
N SER F 170 -51.59 28.02 5.93
CA SER F 170 -52.70 27.10 5.70
C SER F 170 -52.73 26.53 4.29
N THR F 171 -51.62 26.58 3.55
CA THR F 171 -51.59 26.03 2.20
C THR F 171 -51.07 24.59 2.19
N TYR F 172 -51.22 23.96 1.02
CA TYR F 172 -50.68 22.65 0.73
C TYR F 172 -49.66 22.77 -0.40
N SER F 173 -48.81 21.75 -0.50
CA SER F 173 -47.93 21.56 -1.64
C SER F 173 -48.01 20.10 -2.08
N LEU F 174 -47.78 19.87 -3.37
CA LEU F 174 -47.95 18.56 -3.98
C LEU F 174 -46.85 18.28 -4.99
N SER F 175 -46.37 17.05 -5.01
CA SER F 175 -45.45 16.58 -6.03
C SER F 175 -46.06 15.38 -6.75
N SER F 176 -45.92 15.35 -8.07
CA SER F 176 -46.31 14.20 -8.87
C SER F 176 -45.08 13.71 -9.62
N THR F 177 -44.75 12.44 -9.45
CA THR F 177 -43.57 11.84 -10.07
C THR F 177 -43.99 10.82 -11.11
N LEU F 178 -43.59 11.05 -12.36
CA LEU F 178 -43.77 10.10 -13.45
C LEU F 178 -42.53 9.23 -13.58
N THR F 179 -42.71 7.91 -13.52
CA THR F 179 -41.59 6.96 -13.57
C THR F 179 -41.65 6.15 -14.85
N LEU F 180 -40.56 6.19 -15.63
CA LEU F 180 -40.45 5.44 -16.87
C LEU F 180 -39.07 4.82 -16.97
N SER F 181 -38.97 3.78 -17.82
CA SER F 181 -37.68 3.23 -18.15
C SER F 181 -36.91 4.19 -19.06
N LYS F 182 -35.59 4.03 -19.08
CA LYS F 182 -34.76 4.84 -19.98
C LYS F 182 -35.18 4.65 -21.43
N ALA F 183 -35.48 3.40 -21.81
CA ALA F 183 -35.92 3.12 -23.17
C ALA F 183 -37.23 3.84 -23.49
N ASP F 184 -38.20 3.76 -22.58
CA ASP F 184 -39.47 4.47 -22.79
C ASP F 184 -39.27 5.98 -22.77
N TYR F 185 -38.39 6.48 -21.88
CA TYR F 185 -38.16 7.92 -21.78
C TYR F 185 -37.54 8.46 -23.06
N GLU F 186 -36.63 7.71 -23.67
CA GLU F 186 -35.95 8.17 -24.88
C GLU F 186 -36.80 7.97 -26.13
N LYS F 187 -37.97 7.34 -26.02
CA LYS F 187 -38.86 7.15 -27.16
C LYS F 187 -39.66 8.40 -27.51
N HIS F 188 -39.85 9.34 -26.58
CA HIS F 188 -40.73 10.48 -26.78
C HIS F 188 -40.00 11.78 -26.54
N LYS F 189 -40.60 12.88 -27.02
CA LYS F 189 -39.98 14.20 -27.00
C LYS F 189 -40.61 15.17 -26.01
N VAL F 190 -41.93 15.32 -26.05
CA VAL F 190 -42.62 16.34 -25.26
C VAL F 190 -43.18 15.70 -24.00
N TYR F 191 -42.76 16.21 -22.84
CA TYR F 191 -43.26 15.77 -21.54
C TYR F 191 -43.93 16.94 -20.82
N ALA F 192 -45.22 16.78 -20.53
CA ALA F 192 -46.03 17.86 -20.00
C ALA F 192 -46.68 17.46 -18.67
N CYS F 193 -46.82 18.45 -17.79
CA CYS F 193 -47.54 18.33 -16.54
C CYS F 193 -48.68 19.35 -16.57
N GLU F 194 -49.92 18.86 -16.52
CA GLU F 194 -51.10 19.70 -16.60
C GLU F 194 -51.83 19.73 -15.26
N VAL F 195 -52.12 20.94 -14.76
CA VAL F 195 -52.64 21.14 -13.41
C VAL F 195 -54.00 21.81 -13.47
N THR F 196 -54.98 21.24 -12.76
CA THR F 196 -56.30 21.83 -12.61
C THR F 196 -56.53 22.15 -11.14
N HIS F 197 -56.99 23.36 -10.86
CA HIS F 197 -57.18 23.83 -9.49
C HIS F 197 -58.13 25.02 -9.50
N GLN F 198 -58.83 25.21 -8.37
CA GLN F 198 -59.85 26.26 -8.28
C GLN F 198 -59.27 27.65 -8.52
N GLY F 199 -58.01 27.87 -8.15
CA GLY F 199 -57.35 29.14 -8.34
C GLY F 199 -56.84 29.41 -9.74
N LEU F 200 -57.02 28.46 -10.66
CA LEU F 200 -56.58 28.63 -12.04
C LEU F 200 -57.82 28.74 -12.92
N SER F 201 -57.89 29.83 -13.70
CA SER F 201 -59.02 30.01 -14.61
C SER F 201 -59.10 28.90 -15.65
N SER F 202 -57.95 28.42 -16.11
CA SER F 202 -57.83 27.31 -17.03
C SER F 202 -56.63 26.48 -16.60
N PRO F 203 -56.59 25.19 -16.99
CA PRO F 203 -55.47 24.34 -16.58
C PRO F 203 -54.12 24.92 -17.00
N VAL F 204 -53.14 24.83 -16.09
CA VAL F 204 -51.78 25.31 -16.34
C VAL F 204 -50.91 24.13 -16.73
N THR F 205 -50.12 24.32 -17.77
CA THR F 205 -49.21 23.28 -18.27
C THR F 205 -47.78 23.78 -18.16
N LYS F 206 -46.94 22.98 -17.50
CA LYS F 206 -45.49 23.16 -17.53
C LYS F 206 -44.89 21.92 -18.18
N SER F 207 -43.99 22.12 -19.14
CA SER F 207 -43.47 21.02 -19.95
C SER F 207 -42.02 21.24 -20.30
N PHE F 208 -41.40 20.20 -20.86
CA PHE F 208 -40.05 20.33 -21.38
C PHE F 208 -39.86 19.33 -22.52
N ASN F 209 -38.87 19.62 -23.37
CA ASN F 209 -38.43 18.68 -24.39
C ASN F 209 -37.11 18.06 -23.90
N ARG F 210 -37.05 16.73 -23.87
CA ARG F 210 -35.86 16.05 -23.37
C ARG F 210 -34.64 16.47 -24.18
N GLY F 211 -33.60 16.95 -23.48
CA GLY F 211 -32.40 17.41 -24.13
C GLY F 211 -32.31 18.90 -24.36
N GLU F 212 -33.26 19.67 -23.86
CA GLU F 212 -33.27 21.12 -24.06
C GLU F 212 -32.47 21.82 -22.97
N CYS F 213 -31.82 22.91 -23.37
CA CYS F 213 -30.88 23.66 -22.51
C CYS F 213 -29.76 22.74 -22.03
N GLN G 1 -20.73 26.82 -40.00
CA GLN G 1 -21.14 28.18 -40.36
C GLN G 1 -20.52 28.63 -41.70
N VAL G 2 -19.73 29.69 -41.63
CA VAL G 2 -18.94 30.14 -42.78
C VAL G 2 -17.93 29.06 -43.16
N GLN G 3 -17.75 28.85 -44.47
CA GLN G 3 -16.96 27.71 -44.92
C GLN G 3 -16.22 28.01 -46.22
N LEU G 4 -14.99 27.50 -46.31
CA LEU G 4 -14.20 27.49 -47.53
C LEU G 4 -13.75 26.05 -47.79
N LEU G 5 -13.90 25.60 -49.04
CA LEU G 5 -13.59 24.23 -49.42
CA LEU G 5 -13.59 24.23 -49.42
C LEU G 5 -12.68 24.24 -50.65
N GLU G 6 -11.44 23.80 -50.46
CA GLU G 6 -10.48 23.69 -51.54
C GLU G 6 -10.66 22.37 -52.29
N SER G 7 -10.42 22.40 -53.59
CA SER G 7 -10.35 21.19 -54.41
C SER G 7 -9.43 21.49 -55.58
N GLY G 8 -9.11 20.45 -56.36
CA GLY G 8 -8.30 20.59 -57.55
C GLY G 8 -6.86 20.15 -57.41
N GLY G 9 -6.42 19.82 -56.20
CA GLY G 9 -5.08 19.34 -55.98
C GLY G 9 -4.85 17.94 -56.54
N GLY G 10 -3.60 17.53 -56.51
CA GLY G 10 -3.22 16.21 -56.98
C GLY G 10 -1.73 16.15 -57.25
N VAL G 11 -1.34 15.05 -57.90
CA VAL G 11 0.06 14.77 -58.27
C VAL G 11 0.28 15.15 -59.72
N VAL G 12 1.38 15.86 -59.98
CA VAL G 12 1.70 16.32 -61.31
C VAL G 12 3.21 16.26 -61.56
N ARG G 13 3.61 15.97 -62.81
CA ARG G 13 5.02 16.00 -63.17
C ARG G 13 5.53 17.43 -63.19
N PRO G 14 6.83 17.65 -62.99
CA PRO G 14 7.39 18.99 -63.16
C PRO G 14 7.03 19.59 -64.51
N GLY G 15 6.76 20.89 -64.51
CA GLY G 15 6.26 21.56 -65.68
C GLY G 15 4.77 21.43 -65.90
N GLY G 16 4.09 20.57 -65.14
CA GLY G 16 2.68 20.37 -65.29
C GLY G 16 1.91 21.44 -64.54
N SER G 17 0.58 21.25 -64.50
CA SER G 17 -0.32 22.26 -63.99
C SER G 17 -1.41 21.66 -63.14
N LEU G 18 -2.01 22.52 -62.31
CA LEU G 18 -3.16 22.18 -61.49
C LEU G 18 -3.98 23.45 -61.34
N ARG G 19 -5.30 23.29 -61.34
CA ARG G 19 -6.21 24.42 -61.14
C ARG G 19 -6.90 24.21 -59.81
N LEU G 20 -6.48 24.96 -58.79
CA LEU G 20 -7.13 24.88 -57.50
C LEU G 20 -8.39 25.73 -57.49
N SER G 21 -9.45 25.19 -56.91
CA SER G 21 -10.69 25.90 -56.67
C SER G 21 -10.91 26.03 -55.17
N CYS G 22 -11.56 27.13 -54.77
CA CYS G 22 -11.91 27.36 -53.38
C CYS G 22 -13.35 27.85 -53.36
N ALA G 23 -14.26 27.01 -52.89
CA ALA G 23 -15.68 27.33 -52.90
C ALA G 23 -16.09 27.94 -51.58
N ALA G 24 -16.71 29.11 -51.63
CA ALA G 24 -17.15 29.82 -50.44
C ALA G 24 -18.64 29.65 -50.22
N SER G 25 -19.04 29.55 -48.95
CA SER G 25 -20.45 29.54 -48.59
C SER G 25 -20.60 30.14 -47.21
N GLY G 26 -21.80 30.68 -46.94
CA GLY G 26 -22.08 31.23 -45.64
C GLY G 26 -21.74 32.69 -45.46
N PHE G 27 -21.28 33.37 -46.51
CA PHE G 27 -21.03 34.80 -46.43
C PHE G 27 -21.13 35.38 -47.83
N ASN G 28 -21.14 36.71 -47.90
CA ASN G 28 -21.24 37.44 -49.17
C ASN G 28 -19.85 37.48 -49.80
N PHE G 29 -19.54 36.46 -50.62
CA PHE G 29 -18.20 36.27 -51.18
C PHE G 29 -17.64 37.54 -51.81
N GLU G 30 -18.48 38.27 -52.55
CA GLU G 30 -18.03 39.43 -53.30
C GLU G 30 -17.50 40.55 -52.42
N ASP G 31 -17.71 40.49 -51.11
CA ASP G 31 -17.26 41.54 -50.21
C ASP G 31 -15.81 41.39 -49.77
N PHE G 32 -15.19 40.23 -50.01
CA PHE G 32 -13.94 39.87 -49.35
C PHE G 32 -12.81 39.61 -50.33
N GLY G 33 -11.64 40.15 -50.01
CA GLY G 33 -10.43 39.70 -50.64
C GLY G 33 -10.09 38.28 -50.20
N MET G 34 -9.39 37.57 -51.06
CA MET G 34 -9.09 36.16 -50.85
C MET G 34 -7.60 35.92 -51.04
N SER G 35 -7.03 35.03 -50.23
CA SER G 35 -5.63 34.68 -50.32
C SER G 35 -5.46 33.17 -50.43
N TRP G 36 -4.37 32.77 -51.09
CA TRP G 36 -3.86 31.41 -51.05
C TRP G 36 -2.62 31.40 -50.18
N VAL G 37 -2.56 30.44 -49.25
CA VAL G 37 -1.42 30.27 -48.36
C VAL G 37 -1.04 28.79 -48.37
N ARG G 38 0.26 28.51 -48.44
CA ARG G 38 0.72 27.14 -48.55
C ARG G 38 1.67 26.79 -47.42
N GLN G 39 1.80 25.48 -47.16
CA GLN G 39 2.73 24.94 -46.19
C GLN G 39 3.43 23.75 -46.83
N ALA G 40 4.69 23.93 -47.21
CA ALA G 40 5.48 22.85 -47.76
C ALA G 40 5.85 21.86 -46.66
N PRO G 41 6.13 20.61 -47.03
CA PRO G 41 6.52 19.62 -46.01
C PRO G 41 7.70 20.10 -45.17
N GLY G 42 7.52 20.11 -43.84
CA GLY G 42 8.58 20.55 -42.97
C GLY G 42 8.88 22.04 -42.95
N LYS G 43 7.97 22.87 -43.45
CA LYS G 43 8.21 24.31 -43.47
C LYS G 43 7.04 25.03 -42.81
N GLY G 44 7.17 26.36 -42.69
CA GLY G 44 6.14 27.15 -42.08
C GLY G 44 5.13 27.62 -43.10
N LEU G 45 4.14 28.35 -42.61
CA LEU G 45 3.15 28.92 -43.52
C LEU G 45 3.82 29.94 -44.44
N GLU G 46 3.43 29.93 -45.71
CA GLU G 46 3.95 30.88 -46.69
C GLU G 46 2.79 31.45 -47.49
N TRP G 47 2.62 32.76 -47.44
CA TRP G 47 1.60 33.40 -48.26
C TRP G 47 1.97 33.30 -49.74
N VAL G 48 0.99 32.96 -50.57
CA VAL G 48 1.22 32.75 -52.00
C VAL G 48 0.65 33.88 -52.84
N SER G 49 -0.63 34.22 -52.65
CA SER G 49 -1.26 35.17 -53.54
C SER G 49 -2.52 35.72 -52.89
N SER G 50 -2.93 36.89 -53.36
CA SER G 50 -4.16 37.53 -52.89
C SER G 50 -4.81 38.29 -54.03
N ILE G 51 -6.14 38.26 -54.06
CA ILE G 51 -6.91 39.05 -55.01
C ILE G 51 -7.97 39.81 -54.22
N SER G 52 -7.97 41.14 -54.36
CA SER G 52 -8.89 41.94 -53.59
C SER G 52 -10.32 41.66 -54.02
N TRP G 53 -11.27 42.16 -53.23
CA TRP G 53 -12.68 41.85 -53.44
C TRP G 53 -13.14 42.14 -54.86
N ASN G 54 -12.73 43.28 -55.43
CA ASN G 54 -13.13 43.68 -56.77
C ASN G 54 -12.04 43.45 -57.82
N GLY G 55 -11.01 42.69 -57.50
CA GLY G 55 -9.95 42.39 -58.44
C GLY G 55 -9.02 43.53 -58.76
N ALA G 56 -9.14 44.66 -58.05
CA ALA G 56 -8.30 45.82 -58.34
C ALA G 56 -6.88 45.66 -57.83
N ASN G 57 -6.64 44.79 -56.84
CA ASN G 57 -5.32 44.60 -56.27
C ASN G 57 -5.01 43.12 -56.19
N ILE G 58 -3.94 42.72 -56.87
CA ILE G 58 -3.55 41.31 -56.98
C ILE G 58 -2.07 41.24 -56.64
N GLY G 59 -1.71 40.27 -55.80
CA GLY G 59 -0.33 40.13 -55.37
C GLY G 59 0.12 38.69 -55.42
N TYR G 60 1.43 38.52 -55.60
CA TYR G 60 2.05 37.20 -55.66
C TYR G 60 3.35 37.22 -54.88
N VAL G 61 3.64 36.11 -54.20
CA VAL G 61 4.98 35.89 -53.68
C VAL G 61 5.93 35.75 -54.87
N ASP G 62 7.15 36.26 -54.71
CA ASP G 62 8.06 36.38 -55.86
C ASP G 62 8.23 35.06 -56.61
N SER G 63 8.34 33.95 -55.86
CA SER G 63 8.74 32.68 -56.47
C SER G 63 7.67 32.08 -57.38
N VAL G 64 6.45 32.64 -57.42
CA VAL G 64 5.41 32.13 -58.31
C VAL G 64 5.02 33.13 -59.38
N LYS G 65 5.63 34.31 -59.42
CA LYS G 65 5.28 35.28 -60.45
C LYS G 65 5.53 34.69 -61.83
N GLY G 66 4.57 34.89 -62.73
CA GLY G 66 4.66 34.35 -64.07
C GLY G 66 4.28 32.90 -64.22
N ARG G 67 4.11 32.18 -63.11
CA ARG G 67 3.71 30.78 -63.14
C ARG G 67 2.32 30.55 -62.57
N PHE G 68 1.94 31.26 -61.51
CA PHE G 68 0.62 31.12 -60.91
C PHE G 68 -0.22 32.34 -61.26
N THR G 69 -1.51 32.11 -61.45
CA THR G 69 -2.46 33.20 -61.70
C THR G 69 -3.67 32.98 -60.83
N ILE G 70 -3.96 33.94 -59.98
CA ILE G 70 -5.11 33.92 -59.08
C ILE G 70 -6.25 34.64 -59.78
N SER G 71 -7.48 34.18 -59.53
CA SER G 71 -8.66 34.80 -60.12
C SER G 71 -9.88 34.41 -59.31
N ARG G 72 -10.99 35.08 -59.59
CA ARG G 72 -12.24 34.80 -58.88
C ARG G 72 -13.41 34.94 -59.83
N ASP G 73 -14.51 34.29 -59.47
CA ASP G 73 -15.80 34.48 -60.16
C ASP G 73 -16.87 34.61 -59.09
N ASN G 74 -17.28 35.85 -58.78
CA ASN G 74 -18.21 36.06 -57.68
C ASN G 74 -19.55 35.38 -57.90
N ALA G 75 -19.98 35.25 -59.16
CA ALA G 75 -21.23 34.57 -59.46
C ALA G 75 -21.16 33.09 -59.11
N LYS G 76 -19.95 32.53 -59.03
CA LYS G 76 -19.74 31.14 -58.66
C LYS G 76 -19.28 30.94 -57.22
N ASN G 77 -19.20 32.01 -56.42
CA ASN G 77 -18.66 31.95 -55.07
C ASN G 77 -17.36 31.14 -55.01
N SER G 78 -16.47 31.42 -55.96
CA SER G 78 -15.26 30.62 -56.10
C SER G 78 -14.02 31.47 -56.25
N LEU G 79 -12.93 30.99 -55.65
CA LEU G 79 -11.60 31.52 -55.83
C LEU G 79 -10.79 30.45 -56.54
N TYR G 80 -9.88 30.87 -57.43
CA TYR G 80 -9.11 29.94 -58.23
C TYR G 80 -7.63 30.27 -58.17
N LEU G 81 -6.81 29.25 -58.40
CA LEU G 81 -5.37 29.43 -58.58
C LEU G 81 -4.94 28.52 -59.71
N GLN G 82 -4.61 29.11 -60.86
CA GLN G 82 -4.08 28.35 -61.99
C GLN G 82 -2.57 28.26 -61.80
N MET G 83 -2.08 27.05 -61.57
CA MET G 83 -0.66 26.83 -61.26
C MET G 83 0.00 26.17 -62.47
N ASN G 84 0.83 26.92 -63.19
CA ASN G 84 1.56 26.40 -64.33
C ASN G 84 3.05 26.30 -64.03
N SER G 85 3.76 25.54 -64.86
CA SER G 85 5.21 25.37 -64.72
C SER G 85 5.57 24.95 -63.29
N LEU G 86 4.89 23.92 -62.81
CA LEU G 86 5.06 23.51 -61.42
C LEU G 86 6.45 22.96 -61.17
N ARG G 87 7.02 23.32 -60.03
CA ARG G 87 8.32 22.84 -59.57
C ARG G 87 8.12 21.98 -58.33
N ALA G 88 9.18 21.22 -57.99
CA ALA G 88 9.12 20.39 -56.79
C ALA G 88 8.87 21.22 -55.54
N GLU G 89 9.48 22.40 -55.45
CA GLU G 89 9.29 23.22 -54.25
C GLU G 89 7.88 23.80 -54.14
N ASP G 90 7.03 23.64 -55.15
CA ASP G 90 5.64 24.02 -55.01
C ASP G 90 4.83 22.96 -54.28
N THR G 91 5.42 21.79 -54.03
CA THR G 91 4.77 20.73 -53.26
C THR G 91 4.38 21.25 -51.88
N ALA G 92 3.09 21.20 -51.57
CA ALA G 92 2.61 21.79 -50.33
C ALA G 92 1.13 21.49 -50.17
N LEU G 93 0.65 21.70 -48.95
CA LEU G 93 -0.78 21.82 -48.70
C LEU G 93 -1.17 23.28 -48.96
N TYR G 94 -2.21 23.49 -49.76
CA TYR G 94 -2.61 24.83 -50.17
C TYR G 94 -3.93 25.21 -49.51
N TYR G 95 -3.90 26.24 -48.68
CA TYR G 95 -5.07 26.80 -48.02
C TYR G 95 -5.60 28.00 -48.77
N CYS G 96 -6.93 28.17 -48.78
CA CYS G 96 -7.51 29.46 -49.10
C CYS G 96 -8.11 30.08 -47.85
N ALA G 97 -8.14 31.41 -47.84
CA ALA G 97 -8.64 32.16 -46.71
C ALA G 97 -9.13 33.50 -47.23
N ILE G 98 -10.16 34.03 -46.56
CA ILE G 98 -10.48 35.44 -46.76
C ILE G 98 -9.33 36.26 -46.19
N ASP G 99 -9.09 37.44 -46.77
CA ASP G 99 -8.19 38.34 -46.07
C ASP G 99 -8.92 39.62 -45.67
N TRP G 100 -9.09 40.57 -46.59
CA TRP G 100 -9.69 41.85 -46.24
C TRP G 100 -11.18 41.88 -46.55
N TYR G 101 -11.91 42.57 -45.71
CA TYR G 101 -13.27 43.00 -46.05
C TYR G 101 -13.17 44.26 -46.88
N ARG G 102 -13.49 44.15 -48.17
CA ARG G 102 -13.36 45.22 -49.17
C ARG G 102 -11.94 45.80 -49.06
N ASP G 103 -11.79 47.12 -49.05
CA ASP G 103 -10.54 47.78 -48.73
C ASP G 103 -10.58 48.42 -47.36
N ASP G 104 -11.47 47.94 -46.51
CA ASP G 104 -11.82 48.57 -45.24
C ASP G 104 -10.93 48.06 -44.11
N TYR G 105 -10.88 46.75 -43.90
CA TYR G 105 -10.12 46.21 -42.78
C TYR G 105 -9.68 44.77 -43.04
N TYR G 106 -8.51 44.44 -42.50
CA TYR G 106 -8.02 43.06 -42.45
C TYR G 106 -8.95 42.21 -41.60
N LYS G 107 -9.35 41.04 -42.11
CA LYS G 107 -10.22 40.15 -41.33
C LYS G 107 -9.57 38.78 -41.19
N MET G 108 -9.52 37.97 -42.26
CA MET G 108 -8.67 36.78 -42.36
C MET G 108 -8.90 35.77 -41.24
N ASP G 109 -10.14 35.62 -40.78
CA ASP G 109 -10.42 34.67 -39.71
C ASP G 109 -11.21 33.46 -40.19
N VAL G 110 -11.29 33.24 -41.50
CA VAL G 110 -11.92 32.05 -42.08
C VAL G 110 -10.94 31.40 -43.04
N TRP G 111 -10.60 30.13 -42.79
CA TRP G 111 -9.66 29.38 -43.60
C TRP G 111 -10.27 28.05 -44.00
N GLY G 112 -9.84 27.53 -45.16
CA GLY G 112 -10.21 26.19 -45.54
C GLY G 112 -9.33 25.13 -44.90
N LYS G 113 -9.57 23.88 -45.26
CA LYS G 113 -8.81 22.78 -44.69
C LYS G 113 -7.58 22.42 -45.51
N GLY G 114 -7.44 22.97 -46.70
CA GLY G 114 -6.29 22.73 -47.55
C GLY G 114 -6.49 21.59 -48.52
N THR G 115 -5.89 21.73 -49.69
CA THR G 115 -5.80 20.68 -50.68
C THR G 115 -4.33 20.46 -51.02
N THR G 116 -3.97 19.21 -51.29
CA THR G 116 -2.56 18.81 -51.41
C THR G 116 -2.10 18.88 -52.85
N VAL G 117 -0.96 19.55 -53.06
CA VAL G 117 -0.29 19.65 -54.35
C VAL G 117 1.06 18.96 -54.25
N THR G 118 1.31 17.97 -55.12
CA THR G 118 2.57 17.23 -55.17
C THR G 118 3.13 17.26 -56.58
N VAL G 119 4.34 17.79 -56.71
CA VAL G 119 5.07 17.85 -57.99
C VAL G 119 6.26 16.91 -57.92
N SER G 120 6.26 15.85 -58.74
CA SER G 120 7.36 14.88 -58.70
C SER G 120 7.50 14.18 -60.06
N SER G 121 8.75 13.83 -60.40
CA SER G 121 9.03 13.03 -61.59
C SER G 121 8.83 11.54 -61.36
N ALA G 122 8.90 11.09 -60.11
CA ALA G 122 8.85 9.67 -59.80
C ALA G 122 7.46 9.11 -60.06
N SER G 123 7.37 7.79 -60.17
CA SER G 123 6.11 7.17 -60.51
C SER G 123 5.24 7.00 -59.26
N THR G 124 3.93 7.02 -59.47
CA THR G 124 2.98 6.79 -58.40
C THR G 124 2.86 5.29 -58.14
N LYS G 125 2.92 4.91 -56.87
CA LYS G 125 2.80 3.51 -56.48
C LYS G 125 1.92 3.42 -55.24
N GLY G 126 0.92 2.54 -55.30
CA GLY G 126 0.04 2.31 -54.18
C GLY G 126 0.67 1.48 -53.09
N PRO G 127 0.15 1.61 -51.88
CA PRO G 127 0.76 0.95 -50.72
C PRO G 127 0.31 -0.49 -50.55
N SER G 128 1.16 -1.25 -49.84
CA SER G 128 0.78 -2.53 -49.27
C SER G 128 0.46 -2.31 -47.79
N VAL G 129 -0.58 -2.98 -47.31
CA VAL G 129 -1.04 -2.82 -45.94
C VAL G 129 -0.89 -4.14 -45.20
N PHE G 130 -0.06 -4.16 -44.16
CA PHE G 130 0.12 -5.38 -43.38
C PHE G 130 -0.38 -5.18 -41.95
N PRO G 131 -0.92 -6.21 -41.33
CA PRO G 131 -1.39 -6.06 -39.94
C PRO G 131 -0.23 -6.08 -38.96
N LEU G 132 -0.37 -5.30 -37.91
CA LEU G 132 0.47 -5.37 -36.72
C LEU G 132 -0.44 -6.02 -35.67
N ALA G 133 -0.36 -7.34 -35.58
CA ALA G 133 -1.36 -8.07 -34.79
C ALA G 133 -1.07 -7.93 -33.31
N PRO G 134 -2.10 -7.78 -32.48
CA PRO G 134 -1.87 -7.75 -31.03
C PRO G 134 -1.29 -9.07 -30.58
N SER G 135 -0.57 -9.04 -29.47
CA SER G 135 0.12 -10.22 -28.97
C SER G 135 -0.59 -10.76 -27.74
N SER G 136 -0.13 -11.94 -27.30
CA SER G 136 -0.71 -12.67 -26.18
C SER G 136 -0.90 -11.81 -24.94
N GLY G 142 -3.49 -5.77 -19.21
CA GLY G 142 -3.89 -4.40 -18.99
C GLY G 142 -4.33 -3.66 -20.25
N THR G 143 -3.36 -3.29 -21.07
CA THR G 143 -3.61 -2.56 -22.30
C THR G 143 -2.90 -3.25 -23.46
N ALA G 144 -3.61 -3.38 -24.59
CA ALA G 144 -3.06 -4.03 -25.75
C ALA G 144 -2.87 -3.02 -26.88
N ALA G 145 -1.95 -3.34 -27.80
CA ALA G 145 -1.66 -2.51 -28.94
C ALA G 145 -1.78 -3.31 -30.23
N LEU G 146 -2.28 -2.65 -31.28
CA LEU G 146 -2.36 -3.23 -32.62
C LEU G 146 -2.29 -2.10 -33.63
N GLY G 147 -2.08 -2.45 -34.89
CA GLY G 147 -1.97 -1.42 -35.89
C GLY G 147 -1.85 -1.97 -37.30
N CYS G 148 -1.50 -1.07 -38.21
CA CYS G 148 -1.31 -1.39 -39.62
C CYS G 148 -0.02 -0.75 -40.11
N LEU G 149 0.72 -1.52 -40.92
CA LEU G 149 1.94 -1.04 -41.55
C LEU G 149 1.61 -0.75 -43.01
N VAL G 150 1.69 0.52 -43.39
CA VAL G 150 1.37 0.96 -44.74
C VAL G 150 2.71 1.22 -45.43
N LYS G 151 3.14 0.30 -46.30
CA LYS G 151 4.51 0.28 -46.77
C LYS G 151 4.60 0.43 -48.28
N ASP G 152 5.64 1.14 -48.72
CA ASP G 152 6.07 1.24 -50.11
C ASP G 152 5.04 1.92 -51.02
N TYR G 153 4.73 3.18 -50.72
CA TYR G 153 3.87 3.99 -51.56
C TYR G 153 4.56 5.29 -51.93
N PHE G 154 4.08 5.90 -53.01
CA PHE G 154 4.60 7.18 -53.46
C PHE G 154 3.56 7.84 -54.35
N PRO G 155 3.32 9.14 -54.20
CA PRO G 155 3.96 9.98 -53.19
C PRO G 155 3.12 10.05 -51.92
N GLU G 156 3.48 10.96 -51.02
CA GLU G 156 2.61 11.27 -49.90
C GLU G 156 1.37 12.01 -50.42
N PRO G 157 0.25 11.96 -49.68
CA PRO G 157 0.08 11.28 -48.39
C PRO G 157 -0.79 10.04 -48.45
N VAL G 158 -0.87 9.32 -47.33
CA VAL G 158 -1.94 8.37 -47.12
C VAL G 158 -2.68 8.82 -45.87
N THR G 159 -3.97 8.49 -45.82
CA THR G 159 -4.79 8.69 -44.64
C THR G 159 -5.20 7.34 -44.09
N VAL G 160 -5.24 7.23 -42.76
CA VAL G 160 -5.65 6.02 -42.06
C VAL G 160 -6.75 6.37 -41.08
N SER G 161 -7.84 5.61 -41.13
CA SER G 161 -8.86 5.64 -40.10
C SER G 161 -9.06 4.22 -39.56
N TRP G 162 -9.77 4.12 -38.44
CA TRP G 162 -10.06 2.83 -37.82
C TRP G 162 -11.55 2.65 -37.66
N ASN G 163 -12.05 1.48 -38.08
CA ASN G 163 -13.48 1.16 -38.01
C ASN G 163 -14.32 2.25 -38.66
N SER G 164 -13.84 2.72 -39.82
CA SER G 164 -14.53 3.75 -40.60
C SER G 164 -14.75 5.03 -39.79
N GLY G 165 -13.75 5.39 -38.97
CA GLY G 165 -13.83 6.60 -38.19
C GLY G 165 -14.53 6.46 -36.85
N ALA G 166 -15.10 5.28 -36.56
CA ALA G 166 -15.77 5.10 -35.27
C ALA G 166 -14.76 5.07 -34.13
N LEU G 167 -13.58 4.51 -34.37
CA LEU G 167 -12.52 4.40 -33.37
C LEU G 167 -11.49 5.51 -33.58
N THR G 168 -11.40 6.42 -32.62
CA THR G 168 -10.46 7.54 -32.69
C THR G 168 -9.59 7.69 -31.46
N SER G 169 -10.11 7.38 -30.28
CA SER G 169 -9.33 7.53 -29.06
C SER G 169 -8.23 6.47 -29.00
N GLY G 170 -7.03 6.90 -28.62
CA GLY G 170 -5.91 5.99 -28.54
C GLY G 170 -5.24 5.70 -29.86
N VAL G 171 -5.63 6.39 -30.93
CA VAL G 171 -5.05 6.16 -32.24
C VAL G 171 -3.84 7.06 -32.42
N HIS G 172 -2.75 6.49 -32.93
CA HIS G 172 -1.56 7.26 -33.32
C HIS G 172 -1.21 6.84 -34.74
N THR G 173 -1.38 7.75 -35.69
CA THR G 173 -0.90 7.54 -37.05
C THR G 173 0.40 8.32 -37.20
N PHE G 174 1.49 7.58 -37.34
CA PHE G 174 2.82 8.17 -37.31
C PHE G 174 3.13 8.88 -38.63
N PRO G 175 3.97 9.91 -38.58
CA PRO G 175 4.42 10.54 -39.83
C PRO G 175 5.15 9.52 -40.69
N ALA G 176 4.98 9.65 -42.01
CA ALA G 176 5.65 8.74 -42.92
C ALA G 176 7.14 9.01 -42.92
N VAL G 177 7.92 7.96 -43.19
CA VAL G 177 9.37 8.08 -43.34
C VAL G 177 9.70 7.71 -44.78
N LEU G 178 10.67 8.41 -45.36
CA LEU G 178 11.15 8.10 -46.69
C LEU G 178 12.22 7.03 -46.58
N GLN G 179 11.97 5.87 -47.18
CA GLN G 179 12.95 4.79 -47.14
C GLN G 179 14.04 5.00 -48.19
N SER G 180 15.12 4.22 -48.06
CA SER G 180 16.22 4.29 -49.02
C SER G 180 15.79 3.89 -50.42
N SER G 181 14.68 3.16 -50.55
CA SER G 181 14.19 2.78 -51.87
C SER G 181 13.57 3.95 -52.62
N GLY G 182 13.34 5.07 -51.95
CA GLY G 182 12.58 6.17 -52.52
C GLY G 182 11.09 6.10 -52.27
N LEU G 183 10.62 5.04 -51.62
CA LEU G 183 9.21 4.90 -51.28
C LEU G 183 8.99 5.26 -49.83
N TYR G 184 7.76 5.68 -49.54
CA TYR G 184 7.36 6.06 -48.20
C TYR G 184 6.80 4.87 -47.44
N SER G 185 6.77 5.00 -46.12
CA SER G 185 6.19 3.99 -45.25
C SER G 185 5.74 4.65 -43.96
N LEU G 186 4.61 4.21 -43.43
CA LEU G 186 4.16 4.67 -42.12
C LEU G 186 3.42 3.55 -41.41
N SER G 187 3.26 3.73 -40.11
CA SER G 187 2.45 2.82 -39.29
C SER G 187 1.38 3.61 -38.58
N SER G 188 0.21 3.00 -38.43
CA SER G 188 -0.87 3.55 -37.61
C SER G 188 -1.20 2.51 -36.55
N VAL G 189 -1.19 2.95 -35.29
CA VAL G 189 -1.44 2.05 -34.17
C VAL G 189 -2.58 2.59 -33.32
N VAL G 190 -3.15 1.69 -32.51
CA VAL G 190 -4.16 2.07 -31.55
C VAL G 190 -4.02 1.15 -30.34
N THR G 191 -4.14 1.74 -29.15
CA THR G 191 -4.16 1.00 -27.90
C THR G 191 -5.59 0.87 -27.40
N VAL G 192 -5.95 -0.31 -26.92
CA VAL G 192 -7.30 -0.58 -26.43
C VAL G 192 -7.20 -1.34 -25.13
N PRO G 193 -8.26 -1.32 -24.32
CA PRO G 193 -8.27 -2.16 -23.12
C PRO G 193 -8.07 -3.61 -23.52
N SER G 194 -7.17 -4.30 -22.82
CA SER G 194 -6.83 -5.67 -23.21
C SER G 194 -8.03 -6.59 -23.15
N SER G 195 -9.02 -6.27 -22.31
CA SER G 195 -10.20 -7.12 -22.20
C SER G 195 -11.09 -7.00 -23.43
N SER G 196 -11.07 -5.86 -24.12
CA SER G 196 -11.93 -5.64 -25.27
C SER G 196 -11.43 -6.28 -26.55
N LEU G 197 -10.28 -6.98 -26.51
CA LEU G 197 -9.72 -7.58 -27.72
C LEU G 197 -10.65 -8.62 -28.30
N GLY G 198 -11.35 -9.36 -27.45
CA GLY G 198 -12.24 -10.41 -27.90
C GLY G 198 -13.62 -9.94 -28.34
N THR G 199 -13.96 -8.68 -28.09
CA THR G 199 -15.28 -8.14 -28.41
C THR G 199 -15.28 -7.35 -29.71
N GLN G 200 -14.42 -6.35 -29.82
CA GLN G 200 -14.41 -5.44 -30.95
C GLN G 200 -13.61 -6.02 -32.11
N THR G 201 -14.10 -5.77 -33.32
CA THR G 201 -13.35 -6.09 -34.53
C THR G 201 -12.58 -4.83 -34.92
N TYR G 202 -11.33 -5.00 -35.36
CA TYR G 202 -10.47 -3.86 -35.66
C TYR G 202 -10.03 -3.90 -37.12
N ILE G 203 -10.39 -2.86 -37.87
CA ILE G 203 -10.10 -2.75 -39.29
C ILE G 203 -9.52 -1.35 -39.54
N CYS G 204 -8.34 -1.29 -40.13
CA CYS G 204 -7.78 0.00 -40.52
C CYS G 204 -8.18 0.31 -41.95
N ASN G 205 -8.50 1.57 -42.20
CA ASN G 205 -9.00 2.03 -43.49
C ASN G 205 -7.94 2.95 -44.10
N VAL G 206 -7.19 2.41 -45.05
CA VAL G 206 -6.08 3.12 -45.68
C VAL G 206 -6.56 3.69 -47.01
N ASN G 207 -6.28 4.98 -47.23
CA ASN G 207 -6.65 5.65 -48.48
C ASN G 207 -5.41 6.35 -49.04
N HIS G 208 -5.04 6.00 -50.26
CA HIS G 208 -3.95 6.64 -51.00
C HIS G 208 -4.55 7.18 -52.30
N LYS G 209 -4.99 8.44 -52.26
CA LYS G 209 -5.61 9.04 -53.44
C LYS G 209 -4.73 9.05 -54.68
N PRO G 210 -3.43 9.37 -54.61
CA PRO G 210 -2.64 9.45 -55.86
C PRO G 210 -2.71 8.21 -56.73
N SER G 211 -2.93 7.04 -56.16
CA SER G 211 -3.02 5.80 -56.92
C SER G 211 -4.42 5.21 -56.90
N ASN G 212 -5.41 5.95 -56.39
CA ASN G 212 -6.78 5.47 -56.29
C ASN G 212 -6.86 4.13 -55.55
N THR G 213 -6.20 4.09 -54.39
CA THR G 213 -6.07 2.86 -53.62
C THR G 213 -6.75 3.04 -52.26
N LYS G 214 -7.73 2.19 -51.98
CA LYS G 214 -8.41 2.14 -50.70
C LYS G 214 -8.33 0.71 -50.19
N VAL G 215 -7.79 0.51 -48.99
CA VAL G 215 -7.60 -0.81 -48.43
C VAL G 215 -8.20 -0.85 -47.03
N ASP G 216 -9.01 -1.87 -46.76
CA ASP G 216 -9.53 -2.15 -45.42
C ASP G 216 -8.92 -3.47 -44.98
N LYS G 217 -8.01 -3.40 -44.00
CA LYS G 217 -7.29 -4.57 -43.53
C LYS G 217 -7.80 -4.97 -42.15
N ARG G 218 -8.04 -6.26 -41.97
CA ARG G 218 -8.48 -6.79 -40.69
C ARG G 218 -7.25 -7.09 -39.83
N VAL G 219 -7.25 -6.56 -38.61
CA VAL G 219 -6.17 -6.80 -37.66
C VAL G 219 -6.75 -7.70 -36.57
N GLU G 220 -6.29 -8.94 -36.52
CA GLU G 220 -6.81 -9.94 -35.60
C GLU G 220 -5.65 -10.58 -34.84
N PRO G 221 -5.92 -11.11 -33.65
CA PRO G 221 -4.83 -11.78 -32.91
C PRO G 221 -4.31 -12.98 -33.67
N LYS G 222 -3.00 -13.19 -33.57
CA LYS G 222 -2.34 -14.30 -34.25
C LYS G 222 -2.62 -15.63 -33.55
N GLU H 1 11.16 43.61 -49.52
CA GLU H 1 10.66 42.49 -48.73
C GLU H 1 10.89 42.71 -47.24
N ILE H 2 9.86 42.43 -46.46
CA ILE H 2 9.93 42.49 -45.01
C ILE H 2 10.39 41.14 -44.48
N VAL H 3 11.34 41.16 -43.55
CA VAL H 3 11.83 39.94 -42.90
C VAL H 3 11.21 39.86 -41.52
N MET H 4 10.51 38.76 -41.25
CA MET H 4 9.85 38.52 -39.97
C MET H 4 10.68 37.51 -39.17
N THR H 5 11.11 37.90 -37.98
CA THR H 5 11.94 37.06 -37.13
C THR H 5 11.19 36.73 -35.85
N GLN H 6 11.01 35.44 -35.58
CA GLN H 6 10.31 34.99 -34.38
C GLN H 6 11.29 34.35 -33.42
N SER H 7 11.06 34.54 -32.13
CA SER H 7 11.90 33.94 -31.10
C SER H 7 11.03 33.71 -29.88
N PRO H 8 11.30 32.66 -29.09
CA PRO H 8 12.32 31.65 -29.40
C PRO H 8 11.79 30.65 -30.42
N ALA H 9 12.68 29.87 -31.02
CA ALA H 9 12.24 28.89 -32.00
C ALA H 9 11.34 27.85 -31.35
N THR H 10 11.69 27.43 -30.13
CA THR H 10 10.93 26.46 -29.37
C THR H 10 10.72 26.98 -27.97
N LEU H 11 9.66 26.50 -27.34
CA LEU H 11 9.28 26.98 -26.02
C LEU H 11 8.52 25.86 -25.33
N SER H 12 8.83 25.66 -24.05
CA SER H 12 8.23 24.61 -23.25
C SER H 12 7.68 25.27 -22.00
N VAL H 13 6.38 25.16 -21.79
CA VAL H 13 5.71 25.93 -20.75
C VAL H 13 4.76 25.01 -19.97
N SER H 14 4.62 25.30 -18.63
CA SER H 14 3.81 24.45 -17.77
C SER H 14 2.35 24.90 -17.77
N PRO H 15 1.41 23.97 -17.59
CA PRO H 15 0.00 24.37 -17.55
C PRO H 15 -0.26 25.35 -16.41
N GLY H 16 -1.12 26.33 -16.70
CA GLY H 16 -1.42 27.38 -15.76
C GLY H 16 -0.46 28.55 -15.80
N GLU H 17 0.75 28.35 -16.32
CA GLU H 17 1.72 29.42 -16.45
C GLU H 17 1.42 30.22 -17.71
N ARG H 18 2.31 31.14 -18.08
CA ARG H 18 2.10 31.91 -19.30
C ARG H 18 3.35 31.89 -20.15
N ALA H 19 3.15 32.05 -21.45
CA ALA H 19 4.21 31.97 -22.45
C ALA H 19 4.25 33.27 -23.24
N THR H 20 5.45 33.80 -23.43
CA THR H 20 5.67 35.05 -24.14
C THR H 20 6.40 34.75 -25.43
N LEU H 21 5.82 35.16 -26.55
CA LEU H 21 6.36 34.90 -27.88
C LEU H 21 6.72 36.22 -28.53
N SER H 22 7.86 36.26 -29.20
CA SER H 22 8.34 37.51 -29.79
C SER H 22 8.39 37.41 -31.31
N CYS H 23 8.11 38.55 -31.93
CA CYS H 23 8.13 38.68 -33.38
C CYS H 23 8.71 40.04 -33.70
N ARG H 24 9.68 40.07 -34.63
CA ARG H 24 10.31 41.31 -35.07
C ARG H 24 10.21 41.43 -36.58
N ALA H 25 9.85 42.62 -37.04
CA ALA H 25 9.84 42.97 -38.46
C ALA H 25 11.11 43.75 -38.80
N SER H 26 11.65 43.48 -40.00
CA SER H 26 12.89 44.13 -40.40
C SER H 26 12.73 45.64 -40.64
N ARG H 27 11.50 46.11 -40.86
CA ARG H 27 11.19 47.53 -40.95
C ARG H 27 9.84 47.74 -40.30
N SER H 28 9.49 48.99 -40.05
CA SER H 28 8.25 49.27 -39.35
C SER H 28 7.06 48.78 -40.16
N ILE H 29 6.17 48.05 -39.50
CA ILE H 29 4.90 47.63 -40.07
C ILE H 29 3.72 48.24 -39.30
N ARG H 30 3.99 49.28 -38.52
CA ARG H 30 2.98 49.96 -37.72
C ARG H 30 2.25 48.96 -36.82
N SER H 31 0.93 48.83 -36.96
CA SER H 31 0.17 47.87 -36.17
C SER H 31 -0.34 46.70 -37.00
N ALA H 32 0.09 46.57 -38.25
CA ALA H 32 -0.40 45.52 -39.14
C ALA H 32 0.31 44.19 -38.86
N LEU H 33 0.10 43.67 -37.65
CA LEU H 33 0.68 42.39 -37.25
C LEU H 33 -0.39 41.47 -36.68
N ALA H 34 -0.46 40.25 -37.20
CA ALA H 34 -1.39 39.23 -36.74
C ALA H 34 -0.64 38.04 -36.16
N TRP H 35 -1.30 37.33 -35.24
CA TRP H 35 -0.78 36.10 -34.65
C TRP H 35 -1.74 34.96 -34.97
N TYR H 36 -1.16 33.80 -35.31
CA TYR H 36 -1.91 32.61 -35.70
C TYR H 36 -1.47 31.44 -34.85
N GLN H 37 -2.43 30.57 -34.51
CA GLN H 37 -2.18 29.28 -33.91
C GLN H 37 -2.41 28.20 -34.96
N HIS H 38 -1.47 27.27 -35.08
CA HIS H 38 -1.59 26.20 -36.07
C HIS H 38 -1.33 24.86 -35.37
N LYS H 39 -2.39 24.18 -35.04
CA LYS H 39 -2.31 22.84 -34.50
C LYS H 39 -2.20 21.83 -35.66
N PRO H 40 -1.40 20.78 -35.50
CA PRO H 40 -1.22 19.82 -36.61
C PRO H 40 -2.53 19.16 -37.01
N GLY H 41 -2.77 19.10 -38.32
CA GLY H 41 -3.98 18.53 -38.86
C GLY H 41 -5.16 19.48 -38.98
N GLN H 42 -5.00 20.74 -38.55
CA GLN H 42 -6.09 21.69 -38.57
C GLN H 42 -5.69 22.94 -39.33
N ALA H 43 -6.70 23.73 -39.70
CA ALA H 43 -6.43 24.98 -40.38
C ALA H 43 -5.84 26.00 -39.42
N PRO H 44 -5.01 26.91 -39.93
CA PRO H 44 -4.49 27.98 -39.07
C PRO H 44 -5.64 28.77 -38.47
N ARG H 45 -5.41 29.29 -37.27
CA ARG H 45 -6.47 29.95 -36.52
C ARG H 45 -5.98 31.32 -36.10
N LEU H 46 -6.67 32.36 -36.57
CA LEU H 46 -6.29 33.72 -36.23
C LEU H 46 -6.57 33.98 -34.75
N LEU H 47 -5.58 34.50 -34.03
CA LEU H 47 -5.72 34.85 -32.62
C LEU H 47 -5.82 36.34 -32.41
N ILE H 48 -4.92 37.10 -33.03
CA ILE H 48 -4.76 38.53 -32.83
C ILE H 48 -4.59 39.18 -34.19
N PHE H 49 -5.22 40.33 -34.40
CA PHE H 49 -4.89 41.19 -35.51
C PHE H 49 -4.70 42.60 -34.97
N GLY H 50 -4.15 43.48 -35.81
CA GLY H 50 -3.88 44.85 -35.36
C GLY H 50 -2.94 44.92 -34.18
N ALA H 51 -2.07 43.92 -34.03
CA ALA H 51 -1.07 43.81 -32.98
C ALA H 51 -1.68 43.49 -31.62
N SER H 52 -2.84 44.08 -31.28
CA SER H 52 -3.38 43.98 -29.94
C SER H 52 -4.87 43.63 -29.85
N THR H 53 -5.52 43.29 -30.96
CA THR H 53 -6.96 43.04 -30.96
C THR H 53 -7.24 41.55 -31.16
N ARG H 54 -8.05 40.98 -30.28
CA ARG H 54 -8.41 39.58 -30.37
C ARG H 54 -9.41 39.36 -31.49
N ALA H 55 -9.20 38.30 -32.27
CA ALA H 55 -10.19 37.86 -33.24
C ALA H 55 -11.47 37.41 -32.53
N THR H 56 -12.54 37.25 -33.31
CA THR H 56 -13.83 36.90 -32.75
C THR H 56 -13.78 35.57 -32.01
N GLY H 57 -14.31 35.56 -30.79
CA GLY H 57 -14.35 34.31 -30.05
C GLY H 57 -13.06 33.86 -29.43
N ILE H 58 -11.99 34.64 -29.54
CA ILE H 58 -10.70 34.25 -28.94
C ILE H 58 -10.72 34.63 -27.47
N PRO H 59 -10.35 33.72 -26.56
CA PRO H 59 -10.40 34.03 -25.13
C PRO H 59 -9.40 35.11 -24.75
N ALA H 60 -9.68 35.74 -23.61
CA ALA H 60 -8.86 36.86 -23.15
C ALA H 60 -7.45 36.45 -22.77
N ARG H 61 -7.20 35.17 -22.54
CA ARG H 61 -5.85 34.74 -22.16
C ARG H 61 -4.86 34.85 -23.31
N PHE H 62 -5.30 35.19 -24.52
CA PHE H 62 -4.42 35.53 -25.62
C PHE H 62 -4.32 37.05 -25.69
N SER H 63 -3.12 37.58 -25.43
CA SER H 63 -2.89 39.01 -25.38
C SER H 63 -1.75 39.37 -26.32
N GLY H 64 -2.00 40.30 -27.23
CA GLY H 64 -1.00 40.74 -28.19
C GLY H 64 -0.64 42.19 -27.95
N SER H 65 0.64 42.52 -28.15
CA SER H 65 1.08 43.90 -28.01
C SER H 65 2.23 44.16 -28.96
N GLY H 66 2.52 45.44 -29.17
CA GLY H 66 3.61 45.83 -30.04
C GLY H 66 3.19 46.87 -31.06
N SER H 67 4.18 47.56 -31.62
CA SER H 67 3.95 48.60 -32.63
C SER H 67 5.27 48.93 -33.30
N GLY H 68 5.23 49.10 -34.62
CA GLY H 68 6.45 49.38 -35.37
C GLY H 68 7.18 48.12 -35.79
N THR H 69 8.21 47.69 -35.05
CA THR H 69 8.96 46.50 -35.40
C THR H 69 8.90 45.38 -34.37
N ASP H 70 8.59 45.66 -33.10
CA ASP H 70 8.67 44.65 -32.05
C ASP H 70 7.27 44.30 -31.54
N PHE H 71 6.97 43.01 -31.51
CA PHE H 71 5.64 42.54 -31.13
C PHE H 71 5.78 41.32 -30.22
N THR H 72 4.81 41.13 -29.34
CA THR H 72 4.79 40.00 -28.43
C THR H 72 3.37 39.44 -28.33
N LEU H 73 3.31 38.13 -28.18
CA LEU H 73 2.08 37.42 -27.86
C LEU H 73 2.26 36.73 -26.52
N THR H 74 1.37 37.00 -25.58
CA THR H 74 1.40 36.37 -24.27
C THR H 74 0.17 35.49 -24.12
N VAL H 75 0.38 34.21 -23.82
CA VAL H 75 -0.69 33.23 -23.67
C VAL H 75 -0.67 32.76 -22.22
N SER H 76 -1.71 33.11 -21.46
CA SER H 76 -1.79 32.76 -20.05
C SER H 76 -2.76 31.60 -19.82
N SER H 77 -2.76 31.09 -18.58
CA SER H 77 -3.54 29.90 -18.21
C SER H 77 -3.34 28.79 -19.24
N ILE H 78 -2.06 28.49 -19.50
CA ILE H 78 -1.70 27.54 -20.53
C ILE H 78 -2.39 26.19 -20.30
N ARG H 79 -2.89 25.62 -21.39
CA ARG H 79 -3.55 24.33 -21.38
CA ARG H 79 -3.57 24.32 -21.40
C ARG H 79 -2.77 23.34 -22.24
N SER H 80 -3.05 22.06 -22.05
CA SER H 80 -2.45 21.06 -22.92
C SER H 80 -2.85 21.28 -24.37
N GLU H 81 -4.07 21.79 -24.61
CA GLU H 81 -4.53 22.08 -25.96
C GLU H 81 -3.76 23.20 -26.63
N ASP H 82 -2.97 23.97 -25.89
CA ASP H 82 -2.19 25.05 -26.49
C ASP H 82 -0.95 24.56 -27.23
N SER H 83 -0.65 23.25 -27.18
CA SER H 83 0.47 22.69 -27.92
C SER H 83 0.29 22.88 -29.43
N ALA H 84 1.13 23.71 -30.04
CA ALA H 84 0.94 24.10 -31.43
C ALA H 84 2.15 24.93 -31.87
N VAL H 85 2.15 25.29 -33.16
CA VAL H 85 3.08 26.28 -33.69
C VAL H 85 2.35 27.61 -33.81
N TYR H 86 3.00 28.68 -33.37
CA TYR H 86 2.43 30.01 -33.37
C TYR H 86 3.22 30.87 -34.34
N TYR H 87 2.51 31.53 -35.25
CA TYR H 87 3.14 32.36 -36.28
C TYR H 87 2.71 33.80 -36.12
N CYS H 88 3.64 34.72 -36.38
CA CYS H 88 3.22 36.08 -36.64
C CYS H 88 3.12 36.30 -38.15
N GLN H 89 2.42 37.37 -38.52
CA GLN H 89 2.22 37.68 -39.93
C GLN H 89 2.06 39.18 -40.06
N GLN H 90 2.93 39.79 -40.85
CA GLN H 90 2.79 41.19 -41.19
C GLN H 90 1.80 41.32 -42.34
N TYR H 91 0.97 42.37 -42.30
CA TYR H 91 0.10 42.64 -43.43
C TYR H 91 0.09 44.13 -43.75
N ASP H 92 1.23 44.79 -43.53
CA ASP H 92 1.39 46.18 -43.93
C ASP H 92 1.65 46.30 -45.42
N PHE H 93 2.37 45.35 -46.01
CA PHE H 93 2.66 45.33 -47.44
C PHE H 93 2.56 43.88 -47.91
N TRP H 94 1.39 43.52 -48.47
CA TRP H 94 1.04 42.13 -48.71
C TRP H 94 1.21 41.34 -47.40
N TYR H 95 1.71 40.11 -47.45
CA TYR H 95 1.68 39.26 -46.27
C TYR H 95 2.96 38.43 -46.19
N THR H 96 3.51 38.34 -44.98
CA THR H 96 4.68 37.52 -44.72
C THR H 96 4.56 36.93 -43.32
N PHE H 97 4.63 35.60 -43.23
CA PHE H 97 4.64 34.90 -41.97
C PHE H 97 6.05 34.80 -41.40
N GLY H 98 6.15 34.77 -40.07
CA GLY H 98 7.37 34.36 -39.44
C GLY H 98 7.60 32.87 -39.59
N GLN H 99 8.77 32.42 -39.15
CA GLN H 99 9.08 31.00 -39.26
C GLN H 99 8.39 30.16 -38.19
N GLY H 100 7.78 30.79 -37.19
CA GLY H 100 6.97 30.08 -36.20
C GLY H 100 7.73 29.77 -34.92
N THR H 101 6.96 29.62 -33.84
CA THR H 101 7.45 29.16 -32.54
C THR H 101 6.70 27.90 -32.19
N LYS H 102 7.44 26.82 -31.94
CA LYS H 102 6.84 25.55 -31.55
C LYS H 102 6.69 25.54 -30.03
N LEU H 103 5.45 25.46 -29.57
CA LEU H 103 5.12 25.53 -28.15
C LEU H 103 4.82 24.13 -27.63
N GLU H 104 5.59 23.69 -26.64
CA GLU H 104 5.35 22.42 -25.97
C GLU H 104 4.77 22.66 -24.58
N ILE H 105 3.82 21.82 -24.17
CA ILE H 105 3.20 21.89 -22.85
C ILE H 105 3.85 20.84 -21.96
N LYS H 106 4.42 21.27 -20.85
CA LYS H 106 5.11 20.41 -19.90
C LYS H 106 4.08 19.61 -19.08
N ARG H 107 4.22 18.29 -19.06
CA ARG H 107 3.50 17.44 -18.11
C ARG H 107 4.48 16.70 -17.20
N THR H 108 3.93 15.85 -16.33
CA THR H 108 4.76 14.97 -15.50
C THR H 108 5.40 13.88 -16.35
N VAL H 109 6.41 13.23 -15.76
CA VAL H 109 7.12 12.18 -16.48
C VAL H 109 6.19 11.01 -16.74
N ALA H 110 6.23 10.48 -17.95
CA ALA H 110 5.43 9.32 -18.33
C ALA H 110 6.33 8.36 -19.10
N ALA H 111 6.41 7.14 -18.63
CA ALA H 111 7.25 6.14 -19.26
C ALA H 111 6.58 5.62 -20.54
N PRO H 112 7.36 5.19 -21.52
CA PRO H 112 6.76 4.57 -22.70
C PRO H 112 6.20 3.21 -22.36
N SER H 113 5.03 2.90 -22.91
CA SER H 113 4.54 1.53 -22.97
C SER H 113 5.05 0.92 -24.26
N VAL H 114 5.83 -0.15 -24.14
CA VAL H 114 6.58 -0.68 -25.27
C VAL H 114 5.90 -1.94 -25.77
N PHE H 115 5.76 -2.05 -27.09
CA PHE H 115 5.21 -3.22 -27.75
C PHE H 115 6.07 -3.52 -28.97
N ILE H 116 6.28 -4.80 -29.25
CA ILE H 116 7.04 -5.23 -30.42
C ILE H 116 6.14 -6.07 -31.31
N PHE H 117 6.26 -5.86 -32.62
CA PHE H 117 5.42 -6.54 -33.59
C PHE H 117 6.28 -7.33 -34.57
N PRO H 118 6.07 -8.63 -34.70
CA PRO H 118 6.83 -9.41 -35.67
C PRO H 118 6.31 -9.15 -37.07
N PRO H 119 7.07 -9.51 -38.10
CA PRO H 119 6.57 -9.36 -39.47
C PRO H 119 5.33 -10.23 -39.67
N SER H 120 4.37 -9.69 -40.41
CA SER H 120 3.22 -10.49 -40.81
C SER H 120 3.64 -11.56 -41.81
N ASP H 121 2.92 -12.68 -41.80
CA ASP H 121 3.20 -13.72 -42.78
C ASP H 121 3.00 -13.22 -44.21
N GLU H 122 2.03 -12.33 -44.42
CA GLU H 122 1.80 -11.81 -45.76
C GLU H 122 3.03 -11.12 -46.31
N GLN H 123 3.73 -10.35 -45.48
CA GLN H 123 4.90 -9.62 -45.96
C GLN H 123 6.07 -10.55 -46.22
N LEU H 124 6.27 -11.55 -45.36
CA LEU H 124 7.39 -12.47 -45.57
C LEU H 124 7.26 -13.24 -46.88
N LYS H 125 6.04 -13.49 -47.34
CA LYS H 125 5.87 -14.10 -48.65
C LYS H 125 6.42 -13.21 -49.75
N SER H 126 6.37 -11.88 -49.55
CA SER H 126 6.90 -10.93 -50.52
C SER H 126 8.43 -10.78 -50.43
N GLY H 127 9.07 -11.33 -49.41
CA GLY H 127 10.52 -11.28 -49.30
C GLY H 127 11.10 -10.19 -48.41
N THR H 128 10.29 -9.50 -47.63
CA THR H 128 10.76 -8.46 -46.72
C THR H 128 10.20 -8.72 -45.32
N ALA H 129 10.99 -8.36 -44.32
CA ALA H 129 10.58 -8.44 -42.93
C ALA H 129 10.64 -7.06 -42.32
N SER H 130 9.54 -6.60 -41.76
CA SER H 130 9.50 -5.33 -41.02
C SER H 130 9.15 -5.63 -39.58
N VAL H 131 10.08 -5.34 -38.68
CA VAL H 131 9.86 -5.50 -37.24
C VAL H 131 9.63 -4.12 -36.64
N VAL H 132 8.51 -3.96 -35.94
CA VAL H 132 8.07 -2.66 -35.45
C VAL H 132 8.09 -2.66 -33.93
N CYS H 133 8.66 -1.61 -33.35
CA CYS H 133 8.64 -1.37 -31.92
C CYS H 133 7.89 -0.07 -31.65
N LEU H 134 6.92 -0.12 -30.73
CA LEU H 134 6.08 1.03 -30.42
C LEU H 134 6.38 1.51 -29.02
N LEU H 135 6.67 2.80 -28.89
CA LEU H 135 6.83 3.49 -27.61
C LEU H 135 5.64 4.43 -27.47
N ASN H 136 4.74 4.15 -26.54
CA ASN H 136 3.44 4.79 -26.50
C ASN H 136 3.29 5.73 -25.31
N ASN H 137 2.86 6.96 -25.61
CA ASN H 137 2.36 7.90 -24.61
C ASN H 137 3.38 8.14 -23.49
N PHE H 138 4.48 8.79 -23.86
CA PHE H 138 5.56 9.05 -22.91
C PHE H 138 5.89 10.53 -22.90
N TYR H 139 6.54 10.95 -21.82
CA TYR H 139 7.03 12.32 -21.67
C TYR H 139 8.18 12.31 -20.67
N PRO H 140 9.28 13.03 -20.93
CA PRO H 140 9.48 13.91 -22.10
C PRO H 140 9.79 13.18 -23.42
N ARG H 141 10.02 13.97 -24.47
CA ARG H 141 10.11 13.46 -25.82
C ARG H 141 11.35 12.59 -26.05
N GLU H 142 12.45 12.88 -25.37
CA GLU H 142 13.71 12.20 -25.66
C GLU H 142 13.60 10.73 -25.29
N ALA H 143 13.87 9.85 -26.25
CA ALA H 143 13.84 8.43 -26.01
C ALA H 143 14.84 7.74 -26.94
N LYS H 144 15.40 6.65 -26.46
CA LYS H 144 16.38 5.87 -27.23
C LYS H 144 15.83 4.47 -27.49
N VAL H 145 15.91 4.03 -28.74
CA VAL H 145 15.54 2.68 -29.13
C VAL H 145 16.75 2.00 -29.72
N GLN H 146 17.05 0.80 -29.24
CA GLN H 146 18.11 -0.04 -29.78
C GLN H 146 17.50 -1.39 -30.16
N TRP H 147 17.83 -1.85 -31.36
CA TRP H 147 17.39 -3.17 -31.83
C TRP H 147 18.50 -4.20 -31.58
N LYS H 148 18.14 -5.34 -31.02
CA LYS H 148 19.06 -6.44 -30.78
C LYS H 148 18.52 -7.69 -31.47
N VAL H 149 19.33 -8.29 -32.35
CA VAL H 149 18.97 -9.49 -33.08
C VAL H 149 19.94 -10.59 -32.67
N ASP H 150 19.43 -11.64 -32.01
CA ASP H 150 20.24 -12.66 -31.38
C ASP H 150 21.30 -12.02 -30.47
N ASN H 151 20.87 -10.98 -29.74
CA ASN H 151 21.67 -10.22 -28.79
C ASN H 151 22.74 -9.36 -29.46
N ALA H 152 22.73 -9.27 -30.79
CA ALA H 152 23.67 -8.42 -31.53
C ALA H 152 23.02 -7.06 -31.79
N LEU H 153 23.71 -6.00 -31.37
CA LEU H 153 23.18 -4.65 -31.53
C LEU H 153 23.11 -4.27 -33.01
N GLN H 154 21.95 -3.81 -33.45
CA GLN H 154 21.72 -3.45 -34.84
C GLN H 154 22.06 -1.99 -35.10
N SER H 155 22.45 -1.69 -36.34
CA SER H 155 22.80 -0.34 -36.71
C SER H 155 22.61 -0.15 -38.20
N GLY H 156 21.91 0.93 -38.57
CA GLY H 156 21.74 1.31 -39.96
C GLY H 156 20.53 0.72 -40.65
N ASN H 157 19.81 -0.19 -39.99
CA ASN H 157 18.68 -0.89 -40.61
C ASN H 157 17.37 -0.57 -39.91
N SER H 158 17.28 0.61 -39.29
CA SER H 158 16.06 1.00 -38.58
C SER H 158 15.75 2.45 -38.90
N GLN H 159 14.48 2.81 -38.69
CA GLN H 159 14.01 4.17 -38.91
C GLN H 159 12.94 4.51 -37.88
N GLU H 160 13.00 5.73 -37.34
CA GLU H 160 12.09 6.17 -36.29
C GLU H 160 11.15 7.25 -36.80
N SER H 161 9.99 7.35 -36.16
CA SER H 161 9.00 8.37 -36.45
C SER H 161 8.29 8.75 -35.16
N VAL H 162 8.09 10.05 -34.93
CA VAL H 162 7.50 10.56 -33.69
C VAL H 162 6.26 11.37 -34.01
N THR H 163 5.19 11.13 -33.27
CA THR H 163 3.99 11.94 -33.39
C THR H 163 4.20 13.32 -32.79
N GLU H 164 3.34 14.26 -33.20
CA GLU H 164 3.27 15.54 -32.51
C GLU H 164 2.65 15.35 -31.13
N GLN H 165 2.91 16.31 -30.23
CA GLN H 165 2.43 16.20 -28.86
C GLN H 165 0.90 16.06 -28.84
N ASP H 166 0.41 15.11 -28.05
CA ASP H 166 -1.03 14.92 -27.93
C ASP H 166 -1.63 16.13 -27.23
N SER H 167 -2.72 16.64 -27.78
CA SER H 167 -3.32 17.87 -27.26
C SER H 167 -4.09 17.66 -25.96
N LYS H 168 -4.42 16.42 -25.61
CA LYS H 168 -5.17 16.16 -24.39
C LYS H 168 -4.28 15.72 -23.23
N ASP H 169 -3.35 14.78 -23.45
CA ASP H 169 -2.51 14.27 -22.37
C ASP H 169 -1.05 14.68 -22.49
N SER H 170 -0.68 15.47 -23.50
CA SER H 170 0.65 16.08 -23.65
C SER H 170 1.77 15.05 -23.80
N THR H 171 1.46 13.82 -24.18
CA THR H 171 2.48 12.80 -24.38
C THR H 171 2.91 12.72 -25.83
N TYR H 172 3.99 11.96 -26.06
CA TYR H 172 4.46 11.61 -27.39
C TYR H 172 4.40 10.10 -27.58
N SER H 173 4.41 9.68 -28.84
CA SER H 173 4.62 8.28 -29.20
C SER H 173 5.63 8.19 -30.34
N LEU H 174 6.35 7.07 -30.38
CA LEU H 174 7.44 6.86 -31.33
C LEU H 174 7.38 5.42 -31.82
N SER H 175 7.64 5.23 -33.11
CA SER H 175 7.75 3.90 -33.69
C SER H 175 9.14 3.76 -34.32
N SER H 176 9.73 2.58 -34.14
CA SER H 176 10.99 2.22 -34.79
C SER H 176 10.75 0.98 -35.64
N THR H 177 11.13 1.06 -36.92
CA THR H 177 10.94 -0.04 -37.85
C THR H 177 12.29 -0.64 -38.23
N LEU H 178 12.50 -1.91 -37.90
CA LEU H 178 13.68 -2.64 -38.33
C LEU H 178 13.34 -3.37 -39.63
N THR H 179 14.14 -3.13 -40.67
CA THR H 179 13.91 -3.70 -41.99
C THR H 179 15.04 -4.67 -42.34
N LEU H 180 14.68 -5.90 -42.67
CA LEU H 180 15.65 -6.91 -43.07
C LEU H 180 15.08 -7.69 -44.26
N SER H 181 15.98 -8.35 -44.99
CA SER H 181 15.54 -9.28 -46.02
C SER H 181 14.94 -10.52 -45.36
N LYS H 182 14.13 -11.23 -46.14
CA LYS H 182 13.54 -12.47 -45.64
C LYS H 182 14.63 -13.47 -45.23
N ALA H 183 15.70 -13.56 -46.03
CA ALA H 183 16.78 -14.48 -45.71
C ALA H 183 17.46 -14.11 -44.40
N ASP H 184 17.78 -12.83 -44.22
CA ASP H 184 18.42 -12.40 -42.98
C ASP H 184 17.49 -12.61 -41.78
N TYR H 185 16.19 -12.35 -41.96
CA TYR H 185 15.24 -12.51 -40.85
C TYR H 185 15.15 -13.97 -40.42
N GLU H 186 15.21 -14.90 -41.37
CA GLU H 186 15.09 -16.31 -41.04
C GLU H 186 16.39 -16.91 -40.53
N LYS H 187 17.49 -16.17 -40.56
CA LYS H 187 18.74 -16.65 -40.00
C LYS H 187 18.79 -16.56 -38.48
N HIS H 188 17.97 -15.70 -37.87
CA HIS H 188 18.07 -15.43 -36.45
C HIS H 188 16.73 -15.70 -35.76
N LYS H 189 16.80 -15.82 -34.43
CA LYS H 189 15.66 -16.24 -33.60
C LYS H 189 15.11 -15.12 -32.72
N VAL H 190 15.98 -14.42 -31.98
CA VAL H 190 15.57 -13.48 -30.95
C VAL H 190 15.63 -12.06 -31.51
N TYR H 191 14.49 -11.37 -31.49
CA TYR H 191 14.38 -9.98 -31.93
C TYR H 191 13.92 -9.13 -30.76
N ALA H 192 14.78 -8.21 -30.32
CA ALA H 192 14.53 -7.44 -29.10
C ALA H 192 14.57 -5.95 -29.38
N CYS H 193 13.71 -5.22 -28.68
CA CYS H 193 13.65 -3.76 -28.72
C CYS H 193 13.91 -3.25 -27.32
N GLU H 194 15.00 -2.49 -27.15
CA GLU H 194 15.39 -1.95 -25.84
C GLU H 194 15.17 -0.44 -25.81
N VAL H 195 14.45 0.03 -24.80
CA VAL H 195 13.97 1.41 -24.73
C VAL H 195 14.59 2.08 -23.50
N THR H 196 15.15 3.26 -23.70
CA THR H 196 15.70 4.06 -22.61
C THR H 196 14.92 5.37 -22.53
N HIS H 197 14.53 5.75 -21.32
CA HIS H 197 13.72 6.94 -21.13
C HIS H 197 13.77 7.36 -19.68
N GLN H 198 13.59 8.67 -19.44
CA GLN H 198 13.69 9.22 -18.09
C GLN H 198 12.69 8.56 -17.14
N GLY H 199 11.56 8.07 -17.65
CA GLY H 199 10.56 7.42 -16.82
C GLY H 199 10.83 5.98 -16.47
N LEU H 200 11.92 5.39 -16.96
CA LEU H 200 12.26 4.01 -16.68
C LEU H 200 13.52 3.98 -15.81
N SER H 201 13.44 3.30 -14.67
CA SER H 201 14.60 3.19 -13.79
C SER H 201 15.75 2.48 -14.49
N SER H 202 15.44 1.48 -15.30
CA SER H 202 16.42 0.77 -16.11
C SER H 202 15.79 0.44 -17.44
N PRO H 203 16.60 0.26 -18.49
CA PRO H 203 16.03 0.00 -19.83
C PRO H 203 15.07 -1.17 -19.85
N VAL H 204 13.97 -0.99 -20.57
CA VAL H 204 12.94 -2.01 -20.73
C VAL H 204 13.13 -2.69 -22.08
N THR H 205 13.06 -4.02 -22.10
CA THR H 205 13.25 -4.80 -23.32
C THR H 205 11.99 -5.59 -23.60
N LYS H 206 11.48 -5.46 -24.82
CA LYS H 206 10.42 -6.32 -25.34
C LYS H 206 11.01 -7.12 -26.49
N SER H 207 10.77 -8.43 -26.49
CA SER H 207 11.39 -9.30 -27.47
C SER H 207 10.41 -10.39 -27.88
N PHE H 208 10.77 -11.12 -28.93
CA PHE H 208 10.01 -12.29 -29.36
C PHE H 208 10.95 -13.28 -30.03
N ASN H 209 10.53 -14.55 -30.05
CA ASN H 209 11.23 -15.61 -30.76
C ASN H 209 10.51 -15.89 -32.07
N ARG H 210 11.27 -15.91 -33.16
CA ARG H 210 10.69 -16.15 -34.48
C ARG H 210 9.98 -17.50 -34.52
N GLY H 211 8.68 -17.47 -34.81
CA GLY H 211 7.88 -18.67 -34.91
C GLY H 211 7.15 -19.09 -33.65
N GLU H 212 7.30 -18.35 -32.56
CA GLU H 212 6.61 -18.69 -31.31
C GLU H 212 5.28 -17.95 -31.20
N GLN I 1 28.40 -28.29 -6.88
CA GLN I 1 28.67 -29.15 -5.74
C GLN I 1 27.66 -28.91 -4.62
N VAL I 2 27.56 -29.86 -3.69
CA VAL I 2 26.72 -29.66 -2.51
C VAL I 2 27.31 -28.52 -1.69
N GLN I 3 26.47 -27.58 -1.28
CA GLN I 3 26.99 -26.35 -0.73
C GLN I 3 25.99 -25.72 0.25
N LEU I 4 26.53 -25.12 1.31
CA LEU I 4 25.76 -24.27 2.21
C LEU I 4 26.48 -22.93 2.31
N LEU I 5 25.71 -21.84 2.31
CA LEU I 5 26.29 -20.50 2.27
C LEU I 5 25.53 -19.59 3.25
N GLU I 6 26.16 -19.29 4.38
CA GLU I 6 25.56 -18.43 5.38
C GLU I 6 25.70 -16.95 5.00
N SER I 7 24.69 -16.16 5.38
CA SER I 7 24.77 -14.72 5.27
C SER I 7 23.84 -14.11 6.33
N GLY I 8 23.91 -12.79 6.47
CA GLY I 8 23.06 -12.08 7.40
C GLY I 8 23.77 -11.60 8.65
N GLY I 9 25.01 -12.00 8.85
CA GLY I 9 25.77 -11.55 10.01
C GLY I 9 26.11 -10.09 9.93
N GLY I 10 26.60 -9.57 11.04
CA GLY I 10 26.98 -8.18 11.13
C GLY I 10 27.12 -7.75 12.58
N VAL I 11 27.25 -6.45 12.76
CA VAL I 11 27.38 -5.82 14.07
C VAL I 11 26.02 -5.31 14.50
N VAL I 12 25.63 -5.60 15.73
CA VAL I 12 24.34 -5.16 16.26
C VAL I 12 24.52 -4.79 17.74
N ARG I 13 23.83 -3.74 18.18
CA ARG I 13 23.89 -3.33 19.57
C ARG I 13 23.19 -4.35 20.47
N PRO I 14 23.60 -4.45 21.74
CA PRO I 14 22.88 -5.33 22.67
C PRO I 14 21.39 -5.06 22.67
N GLY I 15 20.61 -6.13 22.70
CA GLY I 15 19.17 -6.02 22.56
C GLY I 15 18.68 -5.97 21.13
N GLY I 16 19.57 -5.87 20.15
CA GLY I 16 19.17 -5.77 18.76
C GLY I 16 18.86 -7.12 18.16
N SER I 17 18.64 -7.11 16.84
CA SER I 17 18.20 -8.29 16.12
C SER I 17 18.98 -8.49 14.84
N LEU I 18 19.04 -9.76 14.43
CA LEU I 18 19.65 -10.19 13.19
C LEU I 18 18.92 -11.44 12.73
N ARG I 19 18.84 -11.61 11.41
CA ARG I 19 18.26 -12.82 10.81
C ARG I 19 19.34 -13.42 9.93
N LEU I 20 19.98 -14.47 10.43
CA LEU I 20 20.92 -15.21 9.60
C LEU I 20 20.17 -16.02 8.56
N SER I 21 20.80 -16.21 7.41
CA SER I 21 20.25 -17.08 6.38
C SER I 21 21.33 -18.03 5.90
N CYS I 22 20.90 -19.16 5.36
CA CYS I 22 21.81 -20.21 4.92
C CYS I 22 21.22 -20.81 3.65
N ALA I 23 21.87 -20.57 2.52
CA ALA I 23 21.34 -21.01 1.24
C ALA I 23 21.92 -22.38 0.88
N ALA I 24 21.04 -23.33 0.59
CA ALA I 24 21.46 -24.67 0.23
C ALA I 24 21.33 -24.88 -1.27
N SER I 25 22.28 -25.64 -1.83
CA SER I 25 22.18 -26.05 -3.22
C SER I 25 22.88 -27.38 -3.38
N GLY I 26 22.49 -28.12 -4.41
CA GLY I 26 23.08 -29.40 -4.72
C GLY I 26 22.43 -30.62 -4.12
N PHE I 27 21.33 -30.45 -3.38
CA PHE I 27 20.62 -31.60 -2.82
C PHE I 27 19.17 -31.23 -2.57
N ASN I 28 18.37 -32.24 -2.21
CA ASN I 28 16.96 -31.99 -1.90
C ASN I 28 16.89 -31.47 -0.47
N PHE I 29 16.93 -30.14 -0.35
CA PHE I 29 16.94 -29.48 0.94
C PHE I 29 15.84 -30.02 1.86
N GLU I 30 14.65 -30.23 1.31
CA GLU I 30 13.47 -30.60 2.08
C GLU I 30 13.63 -31.93 2.82
N ASP I 31 14.61 -32.76 2.45
CA ASP I 31 14.83 -34.05 3.08
C ASP I 31 15.68 -34.00 4.35
N PHE I 32 16.30 -32.85 4.65
CA PHE I 32 17.34 -32.79 5.66
C PHE I 32 16.96 -31.87 6.81
N GLY I 33 17.23 -32.34 8.02
CA GLY I 33 17.25 -31.46 9.17
C GLY I 33 18.44 -30.53 9.13
N MET I 34 18.30 -29.38 9.75
CA MET I 34 19.35 -28.37 9.69
C MET I 34 19.64 -27.87 11.10
N SER I 35 20.92 -27.59 11.35
CA SER I 35 21.37 -27.07 12.63
C SER I 35 22.18 -25.80 12.42
N TRP I 36 22.14 -24.93 13.41
CA TRP I 36 23.08 -23.83 13.53
C TRP I 36 24.08 -24.18 14.62
N VAL I 37 25.36 -23.98 14.34
CA VAL I 37 26.43 -24.21 15.29
C VAL I 37 27.30 -22.97 15.31
N ARG I 38 27.68 -22.51 16.49
CA ARG I 38 28.46 -21.30 16.61
C ARG I 38 29.77 -21.56 17.36
N GLN I 39 30.73 -20.66 17.17
CA GLN I 39 31.98 -20.72 17.91
C GLN I 39 32.33 -19.31 18.38
N ALA I 40 32.15 -19.07 19.67
CA ALA I 40 32.50 -17.78 20.25
C ALA I 40 34.01 -17.61 20.29
N PRO I 41 34.50 -16.36 20.28
CA PRO I 41 35.95 -16.13 20.34
C PRO I 41 36.61 -16.81 21.53
N GLY I 42 37.61 -17.64 21.26
CA GLY I 42 38.33 -18.35 22.29
C GLY I 42 37.57 -19.48 22.95
N LYS I 43 36.48 -19.95 22.34
CA LYS I 43 35.69 -21.04 22.91
C LYS I 43 35.54 -22.13 21.85
N GLY I 44 34.91 -23.24 22.25
CA GLY I 44 34.70 -24.37 21.38
C GLY I 44 33.37 -24.29 20.65
N LEU I 45 33.13 -25.31 19.83
CA LEU I 45 31.86 -25.39 19.10
C LEU I 45 30.70 -25.56 20.06
N GLU I 46 29.60 -24.84 19.80
CA GLU I 46 28.39 -24.94 20.60
C GLU I 46 27.19 -25.06 19.66
N TRP I 47 26.46 -26.16 19.79
CA TRP I 47 25.23 -26.32 19.03
C TRP I 47 24.19 -25.31 19.52
N VAL I 48 23.50 -24.66 18.57
CA VAL I 48 22.57 -23.58 18.88
C VAL I 48 21.12 -24.02 18.71
N SER I 49 20.79 -24.57 17.54
CA SER I 49 19.39 -24.85 17.24
C SER I 49 19.32 -25.84 16.09
N SER I 50 18.17 -26.53 15.99
CA SER I 50 17.95 -27.49 14.92
C SER I 50 16.47 -27.51 14.55
N ILE I 51 16.19 -27.74 13.26
CA ILE I 51 14.84 -27.93 12.76
C ILE I 51 14.84 -29.17 11.88
N SER I 52 13.96 -30.12 12.18
CA SER I 52 13.93 -31.37 11.43
C SER I 52 13.50 -31.10 9.98
N TRP I 53 13.66 -32.13 9.14
CA TRP I 53 13.40 -31.99 7.71
C TRP I 53 12.00 -31.42 7.45
N ASN I 54 10.98 -31.93 8.15
CA ASN I 54 9.60 -31.52 7.94
C ASN I 54 9.12 -30.55 9.00
N GLY I 55 10.01 -30.00 9.81
CA GLY I 55 9.64 -29.05 10.85
C GLY I 55 8.94 -29.64 12.05
N ALA I 56 8.82 -30.96 12.14
CA ALA I 56 8.07 -31.55 13.25
C ALA I 56 8.82 -31.50 14.56
N ASN I 57 10.15 -31.38 14.52
CA ASN I 57 10.95 -31.38 15.75
C ASN I 57 11.93 -30.22 15.70
N ILE I 58 11.85 -29.33 16.69
CA ILE I 58 12.68 -28.13 16.75
C ILE I 58 13.30 -28.04 18.15
N GLY I 59 14.59 -27.74 18.18
CA GLY I 59 15.29 -27.65 19.46
C GLY I 59 16.20 -26.43 19.52
N TYR I 60 16.44 -25.98 20.75
CA TYR I 60 17.28 -24.83 21.03
C TYR I 60 18.16 -25.14 22.23
N VAL I 61 19.41 -24.67 22.17
CA VAL I 61 20.25 -24.67 23.37
C VAL I 61 19.65 -23.70 24.38
N ASP I 62 19.76 -24.04 25.67
CA ASP I 62 19.00 -23.33 26.71
C ASP I 62 19.21 -21.82 26.66
N SER I 63 20.46 -21.38 26.45
CA SER I 63 20.78 -19.96 26.58
C SER I 63 20.16 -19.08 25.49
N VAL I 64 19.58 -19.65 24.44
CA VAL I 64 18.92 -18.85 23.41
C VAL I 64 17.42 -19.06 23.38
N LYS I 65 16.87 -19.90 24.25
CA LYS I 65 15.43 -20.11 24.27
C LYS I 65 14.68 -18.80 24.50
N GLY I 66 13.64 -18.58 23.71
CA GLY I 66 12.86 -17.37 23.78
C GLY I 66 13.45 -16.18 23.07
N ARG I 67 14.70 -16.26 22.63
CA ARG I 67 15.36 -15.19 21.90
C ARG I 67 15.62 -15.51 20.45
N PHE I 68 15.99 -16.74 20.13
CA PHE I 68 16.26 -17.18 18.76
C PHE I 68 15.11 -18.06 18.28
N THR I 69 14.84 -17.98 16.98
CA THR I 69 13.81 -18.81 16.35
C THR I 69 14.36 -19.33 15.03
N ILE I 70 14.37 -20.64 14.87
CA ILE I 70 14.85 -21.27 13.66
C ILE I 70 13.65 -21.57 12.76
N SER I 71 13.87 -21.49 11.44
CA SER I 71 12.83 -21.80 10.48
C SER I 71 13.51 -22.07 9.15
N ARG I 72 12.70 -22.52 8.19
CA ARG I 72 13.18 -22.85 6.85
C ARG I 72 12.16 -22.43 5.81
N ASP I 73 12.65 -22.19 4.59
CA ASP I 73 11.80 -21.86 3.44
C ASP I 73 12.23 -22.85 2.36
N ASN I 74 11.49 -23.95 2.30
CA ASN I 74 11.85 -25.04 1.40
C ASN I 74 11.75 -24.61 -0.06
N ALA I 75 10.88 -23.65 -0.37
CA ALA I 75 10.80 -23.17 -1.75
C ALA I 75 12.04 -22.39 -2.15
N LYS I 76 12.74 -21.78 -1.19
CA LYS I 76 13.97 -21.05 -1.45
C LYS I 76 15.22 -21.84 -1.07
N ASN I 77 15.08 -23.09 -0.64
CA ASN I 77 16.19 -23.89 -0.15
C ASN I 77 17.01 -23.11 0.87
N SER I 78 16.32 -22.48 1.82
CA SER I 78 16.98 -21.58 2.75
C SER I 78 16.60 -21.92 4.18
N LEU I 79 17.60 -21.80 5.08
CA LEU I 79 17.44 -21.95 6.51
C LEU I 79 17.69 -20.60 7.17
N TYR I 80 16.95 -20.30 8.24
CA TYR I 80 17.05 -19.01 8.90
C TYR I 80 17.26 -19.19 10.38
N LEU I 81 17.87 -18.17 10.98
CA LEU I 81 17.98 -18.03 12.43
C LEU I 81 17.60 -16.60 12.75
N GLN I 82 16.41 -16.42 13.32
CA GLN I 82 15.98 -15.10 13.77
C GLN I 82 16.54 -14.91 15.18
N MET I 83 17.45 -13.94 15.33
CA MET I 83 18.13 -13.70 16.59
C MET I 83 17.63 -12.38 17.17
N ASN I 84 16.86 -12.46 18.26
CA ASN I 84 16.34 -11.29 18.95
C ASN I 84 17.01 -11.17 20.32
N SER I 85 16.93 -9.98 20.91
CA SER I 85 17.48 -9.73 22.24
C SER I 85 18.92 -10.18 22.33
N LEU I 86 19.74 -9.72 21.40
CA LEU I 86 21.12 -10.19 21.31
C LEU I 86 21.94 -9.72 22.51
N ARG I 87 22.78 -10.61 23.03
CA ARG I 87 23.70 -10.34 24.12
C ARG I 87 25.14 -10.44 23.64
N ALA I 88 26.05 -9.89 24.44
CA ALA I 88 27.48 -9.92 24.08
C ALA I 88 28.00 -11.34 23.90
N GLU I 89 27.54 -12.28 24.71
CA GLU I 89 27.97 -13.67 24.62
C GLU I 89 27.44 -14.38 23.37
N ASP I 90 26.55 -13.76 22.60
CA ASP I 90 26.13 -14.31 21.32
C ASP I 90 27.14 -14.03 20.21
N THR I 91 28.14 -13.20 20.49
CA THR I 91 29.20 -12.93 19.52
C THR I 91 29.92 -14.21 19.16
N ALA I 92 29.92 -14.55 17.86
CA ALA I 92 30.46 -15.82 17.41
C ALA I 92 30.45 -15.86 15.89
N LEU I 93 31.18 -16.83 15.35
CA LEU I 93 30.98 -17.27 13.98
C LEU I 93 29.86 -18.30 13.97
N TYR I 94 28.89 -18.13 13.07
CA TYR I 94 27.71 -18.99 13.03
C TYR I 94 27.72 -19.85 11.79
N TYR I 95 27.81 -21.17 11.99
CA TYR I 95 27.71 -22.19 10.95
C TYR I 95 26.29 -22.73 10.86
N CYS I 96 25.88 -23.06 9.64
CA CYS I 96 24.77 -23.97 9.41
C CYS I 96 25.28 -25.31 8.89
N ALA I 97 24.54 -26.37 9.17
CA ALA I 97 24.92 -27.70 8.76
C ALA I 97 23.67 -28.56 8.64
N ILE I 98 23.69 -29.50 7.70
CA ILE I 98 22.70 -30.57 7.76
C ILE I 98 22.98 -31.37 9.02
N ASP I 99 21.94 -31.93 9.62
CA ASP I 99 22.15 -32.91 10.69
C ASP I 99 21.60 -34.26 10.25
N TRP I 100 20.29 -34.47 10.23
CA TRP I 100 19.72 -35.76 9.90
C TRP I 100 19.21 -35.81 8.45
N TYR I 101 19.29 -37.01 7.87
CA TYR I 101 18.47 -37.31 6.70
C TYR I 101 17.11 -37.75 7.20
N ARG I 102 16.10 -36.91 6.97
CA ARG I 102 14.73 -37.14 7.47
C ARG I 102 14.84 -37.47 8.97
N ASP I 103 14.14 -38.51 9.43
CA ASP I 103 14.33 -39.07 10.76
C ASP I 103 15.02 -40.43 10.68
N ASP I 104 15.79 -40.65 9.62
CA ASP I 104 16.36 -41.94 9.30
C ASP I 104 17.72 -42.11 9.97
N TYR I 105 18.66 -41.21 9.69
CA TYR I 105 20.00 -41.33 10.23
C TYR I 105 20.65 -39.97 10.36
N TYR I 106 21.50 -39.85 11.38
CA TYR I 106 22.36 -38.69 11.56
C TYR I 106 23.36 -38.59 10.42
N LYS I 107 23.54 -37.37 9.90
CA LYS I 107 24.50 -37.20 8.82
C LYS I 107 25.56 -36.15 9.19
N MET I 108 25.18 -34.88 9.14
CA MET I 108 25.97 -33.77 9.70
C MET I 108 27.39 -33.71 9.18
N ASP I 109 27.57 -34.05 7.91
CA ASP I 109 28.90 -33.99 7.29
C ASP I 109 29.00 -32.88 6.23
N VAL I 110 28.05 -31.96 6.19
CA VAL I 110 28.09 -30.82 5.27
C VAL I 110 27.90 -29.54 6.09
N TRP I 111 28.89 -28.66 6.03
CA TRP I 111 28.90 -27.42 6.79
C TRP I 111 29.15 -26.24 5.87
N GLY I 112 28.64 -25.08 6.27
CA GLY I 112 28.96 -23.83 5.60
C GLY I 112 30.30 -23.27 6.06
N LYS I 113 30.59 -22.06 5.60
CA LYS I 113 31.83 -21.39 5.98
C LYS I 113 31.65 -20.48 7.19
N GLY I 114 30.42 -20.24 7.61
CA GLY I 114 30.16 -19.41 8.77
C GLY I 114 29.98 -17.95 8.41
N THR I 115 29.12 -17.28 9.15
CA THR I 115 28.99 -15.84 9.08
C THR I 115 29.18 -15.27 10.49
N THR I 116 29.76 -14.06 10.55
CA THR I 116 30.20 -13.48 11.83
C THR I 116 29.11 -12.59 12.41
N VAL I 117 28.78 -12.83 13.68
CA VAL I 117 27.81 -12.03 14.43
C VAL I 117 28.55 -11.34 15.57
N THR I 118 28.46 -10.01 15.64
CA THR I 118 29.11 -9.23 16.68
C THR I 118 28.08 -8.37 17.40
N VAL I 119 27.93 -8.59 18.71
CA VAL I 119 27.03 -7.81 19.56
C VAL I 119 27.89 -6.90 20.43
N SER I 120 27.84 -5.59 20.16
CA SER I 120 28.69 -4.65 20.88
C SER I 120 28.05 -3.27 20.93
N SER I 121 28.26 -2.57 22.05
CA SER I 121 27.84 -1.18 22.18
C SER I 121 28.85 -0.23 21.57
N ALA I 122 30.09 -0.67 21.39
CA ALA I 122 31.15 0.21 20.92
C ALA I 122 30.90 0.58 19.47
N SER I 123 31.56 1.65 19.04
CA SER I 123 31.34 2.17 17.70
C SER I 123 32.19 1.43 16.67
N THR I 124 31.69 1.38 15.45
CA THR I 124 32.42 0.79 14.34
C THR I 124 33.47 1.76 13.81
N LYS I 125 34.70 1.26 13.65
CA LYS I 125 35.80 2.06 13.13
C LYS I 125 36.61 1.22 12.16
N GLY I 126 36.87 1.75 10.97
CA GLY I 126 37.68 1.08 9.98
C GLY I 126 39.17 1.18 10.28
N PRO I 127 39.95 0.23 9.78
CA PRO I 127 41.38 0.20 10.09
C PRO I 127 42.19 1.12 9.19
N SER I 128 43.36 1.49 9.70
CA SER I 128 44.42 2.11 8.91
C SER I 128 45.46 1.07 8.53
N VAL I 129 45.98 1.18 7.31
CA VAL I 129 46.94 0.21 6.78
C VAL I 129 48.26 0.93 6.57
N PHE I 130 49.29 0.48 7.29
CA PHE I 130 50.65 1.00 7.22
C PHE I 130 51.58 -0.08 6.70
N PRO I 131 52.60 0.28 5.93
CA PRO I 131 53.51 -0.74 5.39
C PRO I 131 54.54 -1.21 6.41
N LEU I 132 54.85 -2.50 6.35
CA LEU I 132 56.02 -3.07 7.02
C LEU I 132 57.02 -3.34 5.91
N ALA I 133 57.88 -2.37 5.67
CA ALA I 133 58.77 -2.35 4.51
C ALA I 133 59.98 -3.26 4.74
N PRO I 134 60.44 -3.95 3.69
CA PRO I 134 61.64 -4.79 3.83
C PRO I 134 62.87 -3.94 4.14
N SER I 135 63.85 -4.61 4.74
CA SER I 135 65.13 -3.99 5.07
C SER I 135 66.26 -4.92 4.65
N SER I 136 67.46 -4.36 4.53
CA SER I 136 68.62 -5.12 4.06
C SER I 136 69.02 -6.21 5.05
N GLY I 142 70.67 -12.87 1.22
CA GLY I 142 69.75 -13.73 1.94
C GLY I 142 68.32 -13.68 1.41
N THR I 143 67.37 -13.44 2.31
CA THR I 143 65.95 -13.38 1.98
C THR I 143 65.27 -12.48 3.01
N ALA I 144 64.33 -11.67 2.53
CA ALA I 144 63.69 -10.62 3.33
C ALA I 144 62.23 -10.90 3.61
N ALA I 145 61.71 -10.19 4.62
CA ALA I 145 60.32 -10.25 5.04
C ALA I 145 59.70 -8.87 4.98
N LEU I 146 58.42 -8.81 4.61
CA LEU I 146 57.68 -7.56 4.53
C LEU I 146 56.24 -7.84 4.91
N GLY I 147 55.47 -6.77 5.10
CA GLY I 147 54.09 -6.98 5.50
C GLY I 147 53.31 -5.68 5.58
N CYS I 148 52.12 -5.79 6.17
CA CYS I 148 51.19 -4.69 6.37
C CYS I 148 50.70 -4.70 7.80
N LEU I 149 50.60 -3.51 8.40
CA LEU I 149 50.08 -3.34 9.75
C LEU I 149 48.66 -2.82 9.64
N VAL I 150 47.69 -3.63 10.08
CA VAL I 150 46.27 -3.29 10.03
C VAL I 150 45.85 -2.89 11.43
N LYS I 151 45.68 -1.58 11.67
CA LYS I 151 45.61 -1.04 13.01
C LYS I 151 44.31 -0.29 13.28
N ASP I 152 43.81 -0.43 14.51
CA ASP I 152 42.74 0.39 15.07
C ASP I 152 41.42 0.24 14.30
N TYR I 153 40.88 -0.96 14.37
CA TYR I 153 39.56 -1.25 13.83
C TYR I 153 38.70 -1.89 14.92
N PHE I 154 37.39 -1.83 14.72
CA PHE I 154 36.45 -2.47 15.64
C PHE I 154 35.13 -2.61 14.92
N PRO I 155 34.46 -3.76 15.05
CA PRO I 155 35.01 -4.92 15.76
C PRO I 155 35.71 -5.89 14.82
N GLU I 156 36.03 -7.07 15.34
CA GLU I 156 36.56 -8.16 14.53
C GLU I 156 35.49 -8.63 13.55
N PRO I 157 35.88 -9.22 12.42
CA PRO I 157 37.22 -9.55 11.92
C PRO I 157 37.66 -8.69 10.73
N VAL I 158 38.93 -8.84 10.32
CA VAL I 158 39.41 -8.38 9.02
C VAL I 158 40.02 -9.57 8.28
N THR I 159 39.99 -9.51 6.95
CA THR I 159 40.70 -10.46 6.12
C THR I 159 41.80 -9.77 5.35
N VAL I 160 42.94 -10.44 5.21
CA VAL I 160 44.07 -9.93 4.45
C VAL I 160 44.49 -10.99 3.44
N SER I 161 44.63 -10.59 2.19
CA SER I 161 45.23 -11.39 1.14
C SER I 161 46.40 -10.63 0.52
N TRP I 162 47.16 -11.31 -0.33
CA TRP I 162 48.28 -10.69 -1.03
C TRP I 162 48.10 -10.86 -2.52
N ASN I 163 48.20 -9.75 -3.26
CA ASN I 163 48.01 -9.72 -4.71
C ASN I 163 46.69 -10.36 -5.10
N SER I 164 45.64 -10.04 -4.33
CA SER I 164 44.28 -10.55 -4.56
C SER I 164 44.29 -12.07 -4.62
N GLY I 165 45.06 -12.69 -3.73
CA GLY I 165 45.15 -14.13 -3.66
C GLY I 165 46.20 -14.76 -4.54
N ALA I 166 46.91 -13.98 -5.36
CA ALA I 166 47.94 -14.56 -6.21
C ALA I 166 49.13 -15.04 -5.39
N LEU I 167 49.49 -14.29 -4.35
CA LEU I 167 50.59 -14.65 -3.46
C LEU I 167 50.01 -15.26 -2.19
N THR I 168 50.30 -16.54 -1.96
CA THR I 168 49.78 -17.23 -0.78
C THR I 168 50.87 -17.95 0.01
N SER I 169 51.85 -18.54 -0.65
CA SER I 169 52.89 -19.27 0.04
C SER I 169 53.80 -18.34 0.82
N GLY I 170 54.12 -18.73 2.06
CA GLY I 170 54.96 -17.92 2.91
C GLY I 170 54.25 -16.78 3.61
N VAL I 171 52.94 -16.69 3.49
CA VAL I 171 52.15 -15.64 4.12
C VAL I 171 51.76 -16.06 5.53
N HIS I 172 51.90 -15.13 6.48
CA HIS I 172 51.41 -15.33 7.83
C HIS I 172 50.56 -14.12 8.20
N THR I 173 49.25 -14.34 8.34
CA THR I 173 48.35 -13.32 8.85
C THR I 173 48.07 -13.65 10.32
N PHE I 174 48.55 -12.78 11.21
CA PHE I 174 48.49 -13.01 12.62
C PHE I 174 47.08 -12.76 13.18
N PRO I 175 46.71 -13.47 14.24
CA PRO I 175 45.47 -13.15 14.95
C PRO I 175 45.49 -11.73 15.50
N ALA I 176 44.32 -11.11 15.52
CA ALA I 176 44.20 -9.74 16.01
C ALA I 176 44.40 -9.67 17.52
N VAL I 177 44.89 -8.52 17.98
CA VAL I 177 45.04 -8.24 19.40
C VAL I 177 44.13 -7.06 19.76
N LEU I 178 43.54 -7.12 20.94
CA LEU I 178 42.76 -6.01 21.46
C LEU I 178 43.69 -5.03 22.17
N GLN I 179 43.75 -3.79 21.69
CA GLN I 179 44.59 -2.79 22.34
C GLN I 179 43.87 -2.21 23.56
N SER I 180 44.64 -1.51 24.39
CA SER I 180 44.09 -0.87 25.58
C SER I 180 43.01 0.14 25.23
N SER I 181 43.00 0.62 23.99
CA SER I 181 41.99 1.55 23.52
C SER I 181 40.63 0.89 23.31
N GLY I 182 40.57 -0.43 23.28
CA GLY I 182 39.36 -1.10 22.88
C GLY I 182 39.29 -1.39 21.40
N LEU I 183 40.29 -0.99 20.62
CA LEU I 183 40.35 -1.28 19.20
C LEU I 183 41.29 -2.46 18.95
N TYR I 184 41.03 -3.18 17.87
CA TYR I 184 41.82 -4.34 17.47
C TYR I 184 42.91 -3.96 16.46
N SER I 185 43.93 -4.81 16.39
CA SER I 185 45.05 -4.61 15.46
C SER I 185 45.71 -5.94 15.12
N LEU I 186 46.14 -6.08 13.88
CA LEU I 186 46.90 -7.25 13.47
C LEU I 186 47.90 -6.86 12.39
N SER I 187 48.86 -7.75 12.16
CA SER I 187 49.82 -7.63 11.08
C SER I 187 49.77 -8.88 10.21
N SER I 188 49.97 -8.68 8.91
CA SER I 188 50.12 -9.78 7.96
C SER I 188 51.47 -9.63 7.28
N VAL I 189 52.28 -10.70 7.32
CA VAL I 189 53.62 -10.68 6.77
C VAL I 189 53.78 -11.82 5.77
N VAL I 190 54.80 -11.69 4.92
CA VAL I 190 55.14 -12.72 3.95
C VAL I 190 56.65 -12.67 3.72
N THR I 191 57.26 -13.85 3.60
CA THR I 191 58.68 -13.96 3.27
C THR I 191 58.83 -14.22 1.78
N VAL I 192 59.74 -13.50 1.14
CA VAL I 192 59.95 -13.58 -0.31
C VAL I 192 61.43 -13.62 -0.60
N PRO I 193 61.81 -14.10 -1.79
CA PRO I 193 63.21 -14.00 -2.21
C PRO I 193 63.68 -12.55 -2.23
N SER I 194 64.88 -12.31 -1.70
CA SER I 194 65.39 -10.95 -1.58
C SER I 194 65.51 -10.26 -2.94
N SER I 195 65.68 -11.05 -4.00
CA SER I 195 65.84 -10.48 -5.35
C SER I 195 64.53 -9.92 -5.91
N SER I 196 63.39 -10.43 -5.46
CA SER I 196 62.11 -10.04 -6.01
C SER I 196 61.61 -8.69 -5.52
N LEU I 197 62.38 -8.01 -4.65
CA LEU I 197 61.92 -6.73 -4.12
C LEU I 197 61.77 -5.69 -5.23
N GLY I 198 62.68 -5.72 -6.21
CA GLY I 198 62.61 -4.80 -7.33
C GLY I 198 61.76 -5.26 -8.49
N THR I 199 61.38 -6.55 -8.55
CA THR I 199 60.66 -7.04 -9.72
C THR I 199 59.16 -7.17 -9.50
N GLN I 200 58.76 -8.05 -8.58
CA GLN I 200 57.35 -8.30 -8.37
C GLN I 200 56.81 -7.25 -7.42
N THR I 201 55.60 -6.78 -7.69
CA THR I 201 54.99 -5.78 -6.83
C THR I 201 54.19 -6.49 -5.74
N TYR I 202 54.28 -5.98 -4.52
CA TYR I 202 53.65 -6.62 -3.38
C TYR I 202 52.61 -5.67 -2.79
N ILE I 203 51.36 -6.10 -2.82
CA ILE I 203 50.22 -5.31 -2.35
C ILE I 203 49.37 -6.20 -1.46
N CYS I 204 49.10 -5.73 -0.25
CA CYS I 204 48.17 -6.41 0.65
C CYS I 204 46.75 -5.87 0.43
N ASN I 205 45.77 -6.77 0.52
CA ASN I 205 44.36 -6.45 0.28
C ASN I 205 43.62 -6.58 1.59
N VAL I 206 43.31 -5.45 2.21
CA VAL I 206 42.66 -5.40 3.52
C VAL I 206 41.17 -5.18 3.33
N ASN I 207 40.36 -6.02 3.97
CA ASN I 207 38.90 -5.93 3.91
C ASN I 207 38.34 -5.95 5.32
N HIS I 208 37.58 -4.91 5.70
CA HIS I 208 36.89 -4.85 6.99
C HIS I 208 35.40 -4.69 6.71
N LYS I 209 34.68 -5.82 6.67
CA LYS I 209 33.25 -5.77 6.39
C LYS I 209 32.46 -4.92 7.37
N PRO I 210 32.68 -4.97 8.70
CA PRO I 210 31.84 -4.17 9.61
C PRO I 210 31.78 -2.68 9.29
N SER I 211 32.83 -2.12 8.68
CA SER I 211 32.87 -0.71 8.31
C SER I 211 32.87 -0.50 6.80
N ASN I 212 32.81 -1.58 6.02
CA ASN I 212 32.84 -1.51 4.56
C ASN I 212 34.10 -0.80 4.07
N THR I 213 35.24 -1.28 4.55
CA THR I 213 36.54 -0.68 4.28
C THR I 213 37.40 -1.65 3.48
N LYS I 214 37.80 -1.24 2.28
CA LYS I 214 38.72 -2.02 1.46
C LYS I 214 39.87 -1.12 1.02
N VAL I 215 41.10 -1.51 1.38
CA VAL I 215 42.31 -0.75 1.08
C VAL I 215 43.34 -1.70 0.49
N ASP I 216 44.00 -1.26 -0.58
CA ASP I 216 45.14 -1.98 -1.17
C ASP I 216 46.38 -1.10 -1.02
N LYS I 217 47.31 -1.55 -0.17
CA LYS I 217 48.53 -0.80 0.14
C LYS I 217 49.73 -1.48 -0.51
N ARG I 218 50.57 -0.69 -1.17
CA ARG I 218 51.78 -1.19 -1.78
C ARG I 218 52.93 -1.14 -0.77
N VAL I 219 53.63 -2.25 -0.61
CA VAL I 219 54.77 -2.34 0.31
C VAL I 219 56.03 -2.36 -0.53
N GLU I 220 56.81 -1.29 -0.45
CA GLU I 220 58.03 -1.08 -1.20
C GLU I 220 59.14 -0.73 -0.23
N PRO I 221 60.40 -0.97 -0.61
CA PRO I 221 61.51 -0.62 0.29
C PRO I 221 61.61 0.87 0.54
N LYS I 222 61.89 1.22 1.79
CA LYS I 222 62.07 2.62 2.17
C LYS I 222 63.43 3.12 1.73
N GLU J 1 20.87 -31.74 31.81
CA GLU J 1 21.54 -31.63 30.52
C GLU J 1 22.78 -32.52 30.50
N ILE J 2 23.07 -33.09 29.34
CA ILE J 2 24.23 -33.96 29.19
C ILE J 2 25.49 -33.09 29.09
N VAL J 3 26.49 -33.43 29.89
CA VAL J 3 27.79 -32.75 29.90
C VAL J 3 28.80 -33.67 29.23
N MET J 4 29.48 -33.16 28.20
CA MET J 4 30.49 -33.92 27.48
C MET J 4 31.86 -33.45 27.94
N THR J 5 32.65 -34.38 28.48
CA THR J 5 33.98 -34.09 29.01
C THR J 5 35.04 -34.79 28.17
N GLN J 6 35.95 -34.00 27.63
CA GLN J 6 37.03 -34.49 26.78
C GLN J 6 38.37 -34.40 27.51
N SER J 7 39.24 -35.35 27.20
CA SER J 7 40.59 -35.36 27.77
C SER J 7 41.52 -36.06 26.80
N PRO J 8 42.79 -35.65 26.73
CA PRO J 8 43.33 -34.51 27.46
C PRO J 8 42.97 -33.17 26.83
N ALA J 9 43.17 -32.08 27.56
CA ALA J 9 42.90 -30.76 27.01
C ALA J 9 43.83 -30.46 25.82
N THR J 10 45.10 -30.84 25.96
CA THR J 10 46.09 -30.63 24.92
C THR J 10 46.88 -31.92 24.75
N LEU J 11 47.42 -32.10 23.55
CA LEU J 11 48.16 -33.30 23.21
C LEU J 11 49.19 -32.93 22.17
N SER J 12 50.38 -33.47 22.33
CA SER J 12 51.50 -33.21 21.43
C SER J 12 52.06 -34.55 20.99
N VAL J 13 52.07 -34.81 19.68
CA VAL J 13 52.41 -36.12 19.15
C VAL J 13 53.29 -35.96 17.92
N SER J 14 54.24 -36.89 17.76
CA SER J 14 55.16 -36.87 16.63
C SER J 14 54.53 -37.56 15.42
N PRO J 15 54.91 -37.16 14.21
CA PRO J 15 54.38 -37.82 13.01
C PRO J 15 54.69 -39.31 13.01
N GLY J 16 53.74 -40.09 12.50
CA GLY J 16 53.85 -41.53 12.46
C GLY J 16 53.36 -42.25 13.70
N GLU J 17 53.31 -41.57 14.84
CA GLU J 17 52.83 -42.17 16.08
C GLU J 17 51.30 -42.14 16.08
N ARG J 18 50.69 -42.51 17.20
CA ARG J 18 49.24 -42.49 17.32
C ARG J 18 48.85 -41.74 18.58
N ALA J 19 47.64 -41.17 18.55
CA ALA J 19 47.11 -40.39 19.66
C ALA J 19 45.73 -40.91 20.03
N THR J 20 45.48 -41.05 21.34
CA THR J 20 44.19 -41.53 21.83
C THR J 20 43.49 -40.38 22.55
N LEU J 21 42.28 -40.07 22.10
CA LEU J 21 41.49 -38.97 22.62
C LEU J 21 40.25 -39.55 23.30
N SER J 22 39.91 -39.01 24.47
CA SER J 22 38.84 -39.55 25.29
C SER J 22 37.71 -38.54 25.42
N CYS J 23 36.50 -39.08 25.50
CA CYS J 23 35.27 -38.30 25.64
C CYS J 23 34.34 -39.05 26.58
N ARG J 24 33.78 -38.34 27.55
CA ARG J 24 32.84 -38.93 28.49
C ARG J 24 31.56 -38.11 28.52
N ALA J 25 30.43 -38.81 28.46
CA ALA J 25 29.13 -38.20 28.65
C ALA J 25 28.65 -38.44 30.07
N SER J 26 28.00 -37.44 30.66
CA SER J 26 27.55 -37.55 32.05
C SER J 26 26.46 -38.59 32.23
N ARG J 27 25.79 -39.00 31.16
CA ARG J 27 24.85 -40.10 31.18
C ARG J 27 24.92 -40.81 29.84
N SER J 28 24.33 -42.00 29.78
CA SER J 28 24.47 -42.83 28.59
C SER J 28 23.87 -42.15 27.36
N ILE J 29 24.64 -42.16 26.28
CA ILE J 29 24.17 -41.69 24.99
C ILE J 29 24.11 -42.84 23.98
N ARG J 30 24.17 -44.08 24.47
CA ARG J 30 24.18 -45.31 23.66
C ARG J 30 25.35 -45.19 22.69
N SER J 31 25.11 -45.20 21.37
CA SER J 31 26.18 -45.06 20.38
C SER J 31 26.12 -43.73 19.65
N ALA J 32 25.27 -42.80 20.07
CA ALA J 32 25.12 -41.53 19.36
C ALA J 32 26.26 -40.58 19.74
N LEU J 33 27.47 -40.97 19.38
CA LEU J 33 28.64 -40.14 19.60
C LEU J 33 29.37 -39.93 18.27
N ALA J 34 29.65 -38.67 17.97
CA ALA J 34 30.37 -38.29 16.76
C ALA J 34 31.68 -37.62 17.13
N TRP J 35 32.67 -37.72 16.24
CA TRP J 35 33.95 -37.04 16.38
C TRP J 35 34.17 -36.09 15.20
N TYR J 36 34.72 -34.92 15.50
CA TYR J 36 34.98 -33.89 14.51
C TYR J 36 36.42 -33.43 14.57
N GLN J 37 36.99 -33.14 13.41
CA GLN J 37 38.26 -32.46 13.29
C GLN J 37 38.00 -31.03 12.85
N HIS J 38 38.62 -30.06 13.51
CA HIS J 38 38.44 -28.64 13.17
C HIS J 38 39.80 -27.99 12.99
N LYS J 39 40.22 -27.83 11.75
CA LYS J 39 41.44 -27.10 11.48
C LYS J 39 41.15 -25.60 11.44
N PRO J 40 42.06 -24.78 11.96
CA PRO J 40 41.79 -23.33 11.98
C PRO J 40 41.63 -22.79 10.56
N GLY J 41 40.61 -21.94 10.40
CA GLY J 41 40.29 -21.35 9.12
C GLY J 41 39.36 -22.18 8.26
N GLN J 42 38.94 -23.35 8.74
CA GLN J 42 38.09 -24.25 7.99
C GLN J 42 36.87 -24.62 8.82
N ALA J 43 35.88 -25.18 8.14
CA ALA J 43 34.69 -25.69 8.81
C ALA J 43 35.02 -27.01 9.51
N PRO J 44 34.28 -27.35 10.56
CA PRO J 44 34.49 -28.66 11.18
C PRO J 44 34.25 -29.76 10.16
N ARG J 45 34.97 -30.86 10.35
CA ARG J 45 34.96 -32.00 9.43
C ARG J 45 34.62 -33.24 10.25
N LEU J 46 33.53 -33.91 9.87
CA LEU J 46 33.08 -35.10 10.58
C LEU J 46 34.05 -36.25 10.32
N LEU J 47 34.48 -36.93 11.38
CA LEU J 47 35.35 -38.08 11.29
C LEU J 47 34.62 -39.39 11.54
N ILE J 48 33.84 -39.44 12.62
CA ILE J 48 33.19 -40.64 13.09
C ILE J 48 31.76 -40.31 13.49
N PHE J 49 30.83 -41.21 13.19
CA PHE J 49 29.50 -41.20 13.77
C PHE J 49 29.18 -42.60 14.30
N GLY J 50 28.10 -42.71 15.06
CA GLY J 50 27.76 -43.99 15.66
C GLY J 50 28.85 -44.57 16.54
N ALA J 51 29.68 -43.71 17.14
CA ALA J 51 30.79 -44.08 18.02
C ALA J 51 31.96 -44.72 17.27
N SER J 52 31.69 -45.61 16.31
CA SER J 52 32.75 -46.40 15.70
C SER J 52 32.72 -46.45 14.17
N THR J 53 31.88 -45.65 13.51
CA THR J 53 31.75 -45.72 12.06
C THR J 53 32.40 -44.50 11.40
N ARG J 54 33.38 -44.73 10.54
CA ARG J 54 34.00 -43.66 9.79
C ARG J 54 33.02 -43.04 8.80
N ALA J 55 33.00 -41.72 8.74
CA ALA J 55 32.25 -41.07 7.68
C ALA J 55 32.88 -41.38 6.32
N THR J 56 32.11 -41.12 5.26
CA THR J 56 32.58 -41.43 3.91
C THR J 56 33.85 -40.66 3.59
N GLY J 57 34.83 -41.35 3.04
CA GLY J 57 36.10 -40.77 2.67
C GLY J 57 37.09 -40.58 3.81
N ILE J 58 36.75 -40.96 5.03
CA ILE J 58 37.68 -40.81 6.15
C ILE J 58 38.66 -41.98 6.14
N PRO J 59 39.97 -41.74 6.21
CA PRO J 59 40.92 -42.84 6.15
C PRO J 59 40.83 -43.74 7.38
N ALA J 60 41.28 -44.97 7.20
CA ALA J 60 41.17 -45.98 8.26
C ALA J 60 42.03 -45.67 9.47
N ARG J 61 43.00 -44.77 9.35
CA ARG J 61 43.82 -44.45 10.51
C ARG J 61 43.06 -43.68 11.58
N PHE J 62 41.80 -43.31 11.30
CA PHE J 62 40.89 -42.76 12.29
C PHE J 62 40.01 -43.89 12.82
N SER J 63 40.14 -44.22 14.10
CA SER J 63 39.43 -45.34 14.70
C SER J 63 38.67 -44.84 15.92
N GLY J 64 37.36 -45.05 15.94
CA GLY J 64 36.53 -44.66 17.06
C GLY J 64 35.91 -45.89 17.70
N SER J 65 35.77 -45.84 19.02
CA SER J 65 35.09 -46.91 19.74
C SER J 65 34.46 -46.33 21.00
N GLY J 66 33.55 -47.11 21.58
CA GLY J 66 32.85 -46.66 22.78
C GLY J 66 31.36 -46.91 22.74
N SER J 67 30.73 -46.87 23.91
CA SER J 67 29.31 -47.13 24.06
C SER J 67 28.88 -46.68 25.44
N GLY J 68 27.70 -46.06 25.53
CA GLY J 68 27.22 -45.60 26.81
C GLY J 68 27.77 -44.25 27.22
N THR J 69 28.80 -44.24 28.05
CA THR J 69 29.41 -43.01 28.54
C THR J 69 30.86 -42.80 28.13
N ASP J 70 31.60 -43.86 27.81
CA ASP J 70 33.03 -43.78 27.55
C ASP J 70 33.32 -44.04 26.08
N PHE J 71 34.09 -43.14 25.46
CA PHE J 71 34.39 -43.21 24.04
C PHE J 71 35.84 -42.80 23.83
N THR J 72 36.46 -43.34 22.77
CA THR J 72 37.82 -42.97 22.43
C THR J 72 37.92 -42.79 20.93
N LEU J 73 38.78 -41.87 20.53
CA LEU J 73 39.20 -41.73 19.15
C LEU J 73 40.71 -41.95 19.11
N THR J 74 41.15 -42.87 18.26
CA THR J 74 42.57 -43.12 18.07
C THR J 74 42.97 -42.74 16.66
N VAL J 75 43.97 -41.89 16.54
CA VAL J 75 44.45 -41.40 15.25
C VAL J 75 45.88 -41.89 15.08
N SER J 76 46.07 -42.79 14.13
CA SER J 76 47.38 -43.38 13.89
C SER J 76 47.99 -42.79 12.62
N SER J 77 49.26 -43.11 12.40
CA SER J 77 50.05 -42.54 11.31
C SER J 77 49.88 -41.03 11.26
N ILE J 78 50.10 -40.39 12.42
CA ILE J 78 49.88 -38.96 12.55
C ILE J 78 50.68 -38.22 11.49
N ARG J 79 50.02 -37.29 10.80
CA ARG J 79 50.66 -36.39 9.85
C ARG J 79 50.68 -34.98 10.42
N SER J 80 51.46 -34.12 9.78
CA SER J 80 51.48 -32.71 10.15
C SER J 80 50.11 -32.05 9.92
N GLU J 81 49.39 -32.48 8.90
CA GLU J 81 48.06 -31.93 8.61
C GLU J 81 47.04 -32.26 9.68
N ASP J 82 47.36 -33.18 10.60
CA ASP J 82 46.46 -33.54 11.69
C ASP J 82 46.44 -32.51 12.80
N SER J 83 47.29 -31.49 12.74
CA SER J 83 47.26 -30.40 13.71
C SER J 83 45.91 -29.71 13.68
N ALA J 84 45.14 -29.83 14.76
CA ALA J 84 43.74 -29.38 14.77
C ALA J 84 43.20 -29.49 16.18
N VAL J 85 41.98 -29.00 16.35
CA VAL J 85 41.17 -29.25 17.55
C VAL J 85 40.19 -30.36 17.22
N TYR J 86 40.08 -31.34 18.11
CA TYR J 86 39.20 -32.49 17.91
C TYR J 86 38.08 -32.46 18.94
N TYR J 87 36.85 -32.58 18.47
CA TYR J 87 35.66 -32.53 19.30
C TYR J 87 34.91 -33.85 19.19
N CYS J 88 34.34 -34.29 20.30
CA CYS J 88 33.25 -35.27 20.26
C CYS J 88 31.92 -34.52 20.36
N GLN J 89 30.85 -35.21 19.98
CA GLN J 89 29.52 -34.63 20.02
C GLN J 89 28.51 -35.73 20.25
N GLN J 90 27.74 -35.61 21.33
CA GLN J 90 26.62 -36.51 21.53
C GLN J 90 25.45 -36.03 20.69
N TYR J 91 24.71 -36.98 20.12
CA TYR J 91 23.47 -36.67 19.42
C TYR J 91 22.38 -37.66 19.78
N ASP J 92 22.39 -38.14 21.02
CA ASP J 92 21.30 -38.98 21.50
C ASP J 92 20.07 -38.16 21.84
N PHE J 93 20.27 -36.96 22.38
CA PHE J 93 19.19 -36.04 22.74
C PHE J 93 19.66 -34.65 22.37
N TRP J 94 19.21 -34.17 21.21
CA TRP J 94 19.75 -32.95 20.59
C TRP J 94 21.26 -33.16 20.43
N TYR J 95 22.07 -32.13 20.66
CA TYR J 95 23.49 -32.19 20.32
C TYR J 95 24.30 -31.42 21.35
N THR J 96 25.43 -31.98 21.75
CA THR J 96 26.34 -31.27 22.65
C THR J 96 27.76 -31.64 22.26
N PHE J 97 28.57 -30.63 21.96
CA PHE J 97 29.99 -30.85 21.72
C PHE J 97 30.74 -30.85 23.04
N GLY J 98 31.81 -31.64 23.09
CA GLY J 98 32.79 -31.47 24.14
C GLY J 98 33.63 -30.22 23.90
N GLN J 99 34.46 -29.89 24.89
CA GLN J 99 35.28 -28.69 24.82
C GLN J 99 36.48 -28.86 23.89
N GLY J 100 36.78 -30.06 23.45
CA GLY J 100 37.80 -30.26 22.45
C GLY J 100 39.16 -30.60 23.04
N THR J 101 39.97 -31.26 22.22
CA THR J 101 41.37 -31.55 22.50
C THR J 101 42.21 -30.90 21.41
N LYS J 102 43.15 -30.04 21.80
CA LYS J 102 44.01 -29.38 20.83
C LYS J 102 45.21 -30.29 20.59
N LEU J 103 45.36 -30.76 19.35
CA LEU J 103 46.40 -31.69 18.99
C LEU J 103 47.50 -30.93 18.26
N GLU J 104 48.69 -30.91 18.85
CA GLU J 104 49.87 -30.30 18.26
C GLU J 104 50.80 -31.38 17.72
N ILE J 105 51.48 -31.08 16.62
CA ILE J 105 52.42 -32.02 16.03
C ILE J 105 53.83 -31.66 16.47
N LYS J 106 54.51 -32.63 17.09
CA LYS J 106 55.90 -32.46 17.50
C LYS J 106 56.80 -32.59 16.28
N ARG J 107 57.54 -31.55 15.97
CA ARG J 107 58.64 -31.61 15.04
C ARG J 107 59.94 -31.36 15.79
N THR J 108 61.04 -31.38 15.05
CA THR J 108 62.34 -31.05 15.62
C THR J 108 62.44 -29.55 15.88
N VAL J 109 63.46 -29.19 16.68
CA VAL J 109 63.66 -27.80 17.03
C VAL J 109 64.02 -27.00 15.78
N ALA J 110 63.41 -25.82 15.63
CA ALA J 110 63.66 -24.92 14.51
C ALA J 110 63.78 -23.51 15.07
N ALA J 111 64.90 -22.85 14.79
CA ALA J 111 65.13 -21.53 15.33
C ALA J 111 64.29 -20.47 14.62
N PRO J 112 63.91 -19.41 15.33
CA PRO J 112 63.17 -18.31 14.68
C PRO J 112 64.08 -17.49 13.78
N SER J 113 63.56 -17.12 12.61
CA SER J 113 64.15 -16.06 11.80
C SER J 113 63.53 -14.74 12.24
N VAL J 114 64.38 -13.80 12.67
CA VAL J 114 63.92 -12.59 13.35
C VAL J 114 64.03 -11.40 12.40
N PHE J 115 62.98 -10.59 12.35
CA PHE J 115 62.96 -9.35 11.58
C PHE J 115 62.34 -8.25 12.43
N ILE J 116 62.89 -7.05 12.30
CA ILE J 116 62.37 -5.87 13.00
C ILE J 116 61.95 -4.84 11.96
N PHE J 117 60.82 -4.19 12.23
CA PHE J 117 60.25 -3.19 11.33
C PHE J 117 60.09 -1.87 12.07
N PRO J 118 60.67 -0.78 11.59
CA PRO J 118 60.43 0.51 12.23
C PRO J 118 59.07 1.07 11.84
N PRO J 119 58.55 2.05 12.57
CA PRO J 119 57.26 2.65 12.18
C PRO J 119 57.35 3.28 10.80
N SER J 120 56.28 3.13 10.03
CA SER J 120 56.21 3.82 8.75
C SER J 120 56.09 5.32 8.97
N ASP J 121 56.63 6.09 8.01
CA ASP J 121 56.49 7.53 8.07
C ASP J 121 55.02 7.95 8.05
N GLU J 122 54.18 7.18 7.35
CA GLU J 122 52.76 7.50 7.28
C GLU J 122 52.12 7.48 8.67
N GLN J 123 52.48 6.50 9.50
CA GLN J 123 51.87 6.37 10.81
C GLN J 123 52.34 7.47 11.76
N LEU J 124 53.63 7.83 11.70
CA LEU J 124 54.13 8.89 12.57
C LEU J 124 53.44 10.21 12.27
N LYS J 125 53.00 10.41 11.01
CA LYS J 125 52.22 11.60 10.69
C LYS J 125 50.91 11.62 11.47
N SER J 126 50.35 10.45 11.78
CA SER J 126 49.14 10.37 12.59
C SER J 126 49.42 10.53 14.08
N GLY J 127 50.69 10.52 14.49
CA GLY J 127 51.05 10.74 15.88
C GLY J 127 51.29 9.50 16.71
N THR J 128 51.36 8.31 16.10
CA THR J 128 51.59 7.07 16.84
C THR J 128 52.74 6.31 16.19
N ALA J 129 53.50 5.59 17.01
CA ALA J 129 54.60 4.74 16.55
C ALA J 129 54.36 3.29 16.94
N SER J 130 54.33 2.40 15.94
CA SER J 130 54.24 0.97 16.17
C SER J 130 55.50 0.31 15.62
N VAL J 131 56.27 -0.31 16.51
CA VAL J 131 57.47 -1.06 16.15
C VAL J 131 57.14 -2.54 16.23
N VAL J 132 57.38 -3.27 15.14
CA VAL J 132 56.98 -4.67 15.02
C VAL J 132 58.22 -5.55 14.92
N CYS J 133 58.25 -6.60 15.73
CA CYS J 133 59.30 -7.61 15.66
C CYS J 133 58.68 -8.95 15.29
N LEU J 134 59.24 -9.60 14.27
CA LEU J 134 58.71 -10.84 13.72
C LEU J 134 59.65 -12.00 14.02
N LEU J 135 59.10 -13.07 14.58
CA LEU J 135 59.78 -14.34 14.80
C LEU J 135 59.12 -15.35 13.86
N ASN J 136 59.87 -15.84 12.86
CA ASN J 136 59.27 -16.57 11.75
C ASN J 136 59.69 -18.04 11.76
N ASN J 137 58.69 -18.94 11.71
CA ASN J 137 58.85 -20.37 11.43
C ASN J 137 59.81 -21.04 12.40
N PHE J 138 59.36 -21.14 13.64
CA PHE J 138 60.13 -21.74 14.72
C PHE J 138 59.32 -22.81 15.43
N TYR J 139 60.04 -23.66 16.17
CA TYR J 139 59.43 -24.68 17.00
C TYR J 139 60.42 -24.99 18.11
N PRO J 140 59.95 -25.13 19.37
CA PRO J 140 58.56 -25.08 19.83
C PRO J 140 57.97 -23.69 19.97
N ARG J 141 56.72 -23.64 20.43
CA ARG J 141 55.96 -22.39 20.46
C ARG J 141 56.55 -21.41 21.46
N GLU J 142 57.15 -21.91 22.54
CA GLU J 142 57.61 -21.05 23.61
C GLU J 142 58.76 -20.17 23.13
N ALA J 143 58.61 -18.86 23.29
CA ALA J 143 59.64 -17.90 22.94
C ALA J 143 59.47 -16.70 23.86
N LYS J 144 60.59 -16.02 24.12
CA LYS J 144 60.59 -14.80 24.92
C LYS J 144 61.05 -13.65 24.05
N VAL J 145 60.27 -12.58 24.03
CA VAL J 145 60.61 -11.37 23.31
C VAL J 145 60.70 -10.23 24.33
N GLN J 146 61.83 -9.54 24.32
CA GLN J 146 62.06 -8.37 25.16
C GLN J 146 62.40 -7.20 24.26
N TRP J 147 61.74 -6.07 24.49
CA TRP J 147 62.04 -4.85 23.76
C TRP J 147 63.01 -4.00 24.58
N LYS J 148 64.06 -3.52 23.93
CA LYS J 148 65.05 -2.66 24.56
C LYS J 148 65.14 -1.37 23.76
N VAL J 149 64.95 -0.24 24.43
CA VAL J 149 65.01 1.08 23.81
C VAL J 149 66.19 1.80 24.45
N ASP J 150 67.23 2.07 23.65
CA ASP J 150 68.49 2.60 24.16
C ASP J 150 69.01 1.75 25.32
N ASN J 151 68.93 0.43 25.15
CA ASN J 151 69.37 -0.59 26.10
C ASN J 151 68.51 -0.65 27.35
N ALA J 152 67.39 0.08 27.40
CA ALA J 152 66.48 0.03 28.54
C ALA J 152 65.38 -0.98 28.24
N LEU J 153 65.24 -1.99 29.11
CA LEU J 153 64.25 -3.03 28.90
C LEU J 153 62.84 -2.47 29.06
N GLN J 154 61.98 -2.76 28.08
CA GLN J 154 60.61 -2.27 28.07
C GLN J 154 59.68 -3.26 28.76
N SER J 155 58.58 -2.74 29.29
CA SER J 155 57.58 -3.57 29.95
C SER J 155 56.23 -2.86 29.89
N GLY J 156 55.19 -3.59 29.47
CA GLY J 156 53.84 -3.08 29.49
C GLY J 156 53.38 -2.36 28.23
N ASN J 157 54.27 -2.10 27.28
CA ASN J 157 53.95 -1.34 26.09
C ASN J 157 54.08 -2.19 24.83
N SER J 158 53.91 -3.50 24.96
CA SER J 158 54.05 -4.41 23.84
C SER J 158 52.92 -5.44 23.87
N GLN J 159 52.67 -6.05 22.71
CA GLN J 159 51.64 -7.07 22.59
C GLN J 159 52.09 -8.11 21.58
N GLU J 160 51.81 -9.38 21.88
CA GLU J 160 52.25 -10.49 21.05
C GLU J 160 51.07 -11.17 20.36
N SER J 161 51.36 -11.80 19.23
CA SER J 161 50.38 -12.57 18.48
C SER J 161 51.10 -13.76 17.86
N VAL J 162 50.50 -14.94 17.96
CA VAL J 162 51.10 -16.19 17.50
C VAL J 162 50.17 -16.84 16.48
N THR J 163 50.74 -17.30 15.36
CA THR J 163 49.97 -18.02 14.38
C THR J 163 49.60 -19.41 14.89
N GLU J 164 48.58 -19.99 14.28
CA GLU J 164 48.32 -21.40 14.50
C GLU J 164 49.42 -22.23 13.84
N GLN J 165 49.57 -23.47 14.31
CA GLN J 165 50.63 -24.34 13.81
C GLN J 165 50.47 -24.57 12.32
N ASP J 166 51.58 -24.45 11.59
CA ASP J 166 51.54 -24.65 10.14
C ASP J 166 51.24 -26.12 9.83
N SER J 167 50.32 -26.34 8.88
CA SER J 167 49.87 -27.70 8.58
C SER J 167 50.90 -28.50 7.78
N LYS J 168 51.91 -27.84 7.20
CA LYS J 168 52.91 -28.52 6.40
C LYS J 168 54.22 -28.76 7.15
N ASP J 169 54.76 -27.73 7.82
CA ASP J 169 56.04 -27.85 8.50
C ASP J 169 55.95 -27.78 10.01
N SER J 170 54.74 -27.66 10.57
CA SER J 170 54.48 -27.74 12.01
C SER J 170 55.15 -26.62 12.80
N THR J 171 55.52 -25.51 12.14
CA THR J 171 56.13 -24.40 12.85
C THR J 171 55.09 -23.35 13.25
N TYR J 172 55.53 -22.42 14.09
CA TYR J 172 54.78 -21.26 14.51
C TYR J 172 55.50 -19.99 14.08
N SER J 173 54.75 -18.90 14.04
CA SER J 173 55.33 -17.57 13.88
C SER J 173 54.71 -16.63 14.90
N LEU J 174 55.48 -15.63 15.29
CA LEU J 174 55.09 -14.73 16.36
C LEU J 174 55.44 -13.30 15.97
N SER J 175 54.55 -12.37 16.30
CA SER J 175 54.81 -10.96 16.11
C SER J 175 54.70 -10.25 17.46
N SER J 176 55.61 -9.32 17.71
CA SER J 176 55.56 -8.46 18.88
C SER J 176 55.54 -7.01 18.41
N THR J 177 54.54 -6.26 18.86
CA THR J 177 54.37 -4.86 18.48
C THR J 177 54.63 -3.98 19.69
N LEU J 178 55.64 -3.12 19.59
CA LEU J 178 55.89 -2.09 20.59
C LEU J 178 55.18 -0.82 20.14
N THR J 179 54.32 -0.28 21.00
CA THR J 179 53.53 0.89 20.66
C THR J 179 53.94 2.06 21.55
N LEU J 180 54.33 3.16 20.92
CA LEU J 180 54.69 4.40 21.61
C LEU J 180 54.08 5.57 20.85
N SER J 181 53.94 6.70 21.53
CA SER J 181 53.54 7.91 20.84
C SER J 181 54.71 8.40 19.98
N LYS J 182 54.38 9.24 18.99
CA LYS J 182 55.41 9.82 18.15
C LYS J 182 56.40 10.61 19.00
N ALA J 183 55.89 11.36 19.98
CA ALA J 183 56.76 12.14 20.85
C ALA J 183 57.70 11.24 21.66
N ASP J 184 57.16 10.16 22.23
CA ASP J 184 58.00 9.22 22.97
C ASP J 184 58.98 8.52 22.05
N TYR J 185 58.54 8.19 20.83
CA TYR J 185 59.38 7.46 19.89
C TYR J 185 60.59 8.27 19.46
N GLU J 186 60.41 9.57 19.27
CA GLU J 186 61.49 10.43 18.78
C GLU J 186 62.48 10.82 19.86
N LYS J 187 62.25 10.44 21.12
CA LYS J 187 63.18 10.72 22.20
C LYS J 187 64.41 9.83 22.19
N HIS J 188 64.34 8.66 21.56
CA HIS J 188 65.39 7.66 21.67
C HIS J 188 65.90 7.27 20.28
N LYS J 189 67.05 6.60 20.26
CA LYS J 189 67.75 6.27 19.03
C LYS J 189 67.72 4.79 18.69
N VAL J 190 68.08 3.92 19.64
CA VAL J 190 68.24 2.50 19.38
C VAL J 190 66.98 1.76 19.83
N TYR J 191 66.35 1.05 18.89
CA TYR J 191 65.20 0.20 19.19
C TYR J 191 65.58 -1.23 18.85
N ALA J 192 65.63 -2.08 19.86
CA ALA J 192 66.17 -3.42 19.73
C ALA J 192 65.11 -4.45 20.13
N CYS J 193 65.12 -5.57 19.44
CA CYS J 193 64.25 -6.70 19.74
C CYS J 193 65.14 -7.89 20.07
N GLU J 194 65.04 -8.39 21.30
CA GLU J 194 65.86 -9.50 21.79
C GLU J 194 65.00 -10.75 21.92
N VAL J 195 65.46 -11.84 21.30
CA VAL J 195 64.67 -13.05 21.17
C VAL J 195 65.41 -14.20 21.87
N THR J 196 64.69 -14.93 22.71
CA THR J 196 65.20 -16.13 23.36
C THR J 196 64.33 -17.30 22.92
N HIS J 197 64.98 -18.39 22.52
CA HIS J 197 64.29 -19.57 22.01
C HIS J 197 65.23 -20.77 22.07
N GLN J 198 64.66 -21.96 22.20
CA GLN J 198 65.44 -23.17 22.37
C GLN J 198 66.36 -23.41 21.18
N GLY J 199 65.97 -22.96 19.99
CA GLY J 199 66.80 -23.16 18.82
C GLY J 199 67.97 -22.22 18.67
N LEU J 200 68.13 -21.29 19.62
CA LEU J 200 69.20 -20.30 19.59
C LEU J 200 70.21 -20.62 20.69
N SER J 201 71.49 -20.70 20.33
CA SER J 201 72.53 -20.94 21.33
C SER J 201 72.58 -19.80 22.35
N SER J 202 72.42 -18.57 21.89
CA SER J 202 72.36 -17.40 22.74
C SER J 202 71.34 -16.45 22.18
N PRO J 203 70.76 -15.57 23.00
CA PRO J 203 69.71 -14.66 22.51
C PRO J 203 70.16 -13.83 21.31
N VAL J 204 69.26 -13.69 20.35
CA VAL J 204 69.47 -12.93 19.12
C VAL J 204 68.79 -11.57 19.24
N THR J 205 69.50 -10.52 18.84
CA THR J 205 68.99 -9.16 18.88
C THR J 205 68.97 -8.58 17.47
N LYS J 206 67.81 -8.06 17.07
CA LYS J 206 67.65 -7.27 15.86
C LYS J 206 67.28 -5.84 16.27
N SER J 207 67.97 -4.86 15.70
CA SER J 207 67.80 -3.48 16.11
C SER J 207 67.89 -2.56 14.89
N PHE J 208 67.54 -1.29 15.11
CA PHE J 208 67.72 -0.25 14.11
C PHE J 208 67.92 1.08 14.82
N ASN J 209 68.53 2.01 14.11
CA ASN J 209 68.67 3.39 14.59
C ASN J 209 67.60 4.24 13.92
N ARG J 210 66.84 4.97 14.72
CA ARG J 210 65.75 5.80 14.22
C ARG J 210 66.29 6.80 13.21
N GLY J 211 65.78 6.74 11.97
CA GLY J 211 66.21 7.65 10.94
C GLY J 211 67.28 7.13 9.98
N GLU J 212 67.68 5.87 10.10
CA GLU J 212 68.71 5.31 9.23
C GLU J 212 68.09 4.68 7.99
N CYS J 213 68.94 4.42 6.99
CA CYS J 213 68.53 3.90 5.68
C CYS J 213 67.51 4.81 4.99
#